data_2P09
# 
_entry.id   2P09 
# 
_audit_conform.dict_name       mmcif_pdbx.dic 
_audit_conform.dict_version    5.387 
_audit_conform.dict_location   http://mmcif.pdb.org/dictionaries/ascii/mmcif_pdbx.dic 
# 
loop_
_database_2.database_id 
_database_2.database_code 
_database_2.pdbx_database_accession 
_database_2.pdbx_DOI 
PDB   2P09         pdb_00002p09 10.2210/pdb2p09/pdb 
RCSB  RCSB041804   ?            ?                   
WWPDB D_1000041804 ?            ?                   
# 
loop_
_pdbx_audit_revision_history.ordinal 
_pdbx_audit_revision_history.data_content_type 
_pdbx_audit_revision_history.major_revision 
_pdbx_audit_revision_history.minor_revision 
_pdbx_audit_revision_history.revision_date 
1 'Structure model' 1 0 2007-06-05 
2 'Structure model' 1 1 2008-05-01 
3 'Structure model' 1 2 2011-07-13 
4 'Structure model' 1 3 2017-10-18 
5 'Structure model' 1 4 2018-04-04 
6 'Structure model' 1 5 2024-02-21 
# 
_pdbx_audit_revision_details.ordinal             1 
_pdbx_audit_revision_details.revision_ordinal    1 
_pdbx_audit_revision_details.data_content_type   'Structure model' 
_pdbx_audit_revision_details.provider            repository 
_pdbx_audit_revision_details.type                'Initial release' 
_pdbx_audit_revision_details.description         ? 
_pdbx_audit_revision_details.details             ? 
# 
loop_
_pdbx_audit_revision_group.ordinal 
_pdbx_audit_revision_group.revision_ordinal 
_pdbx_audit_revision_group.data_content_type 
_pdbx_audit_revision_group.group 
1 2 'Structure model' 'Version format compliance' 
2 3 'Structure model' 'Derived calculations'      
3 3 'Structure model' 'Version format compliance' 
4 4 'Structure model' 'Refinement description'    
5 5 'Structure model' 'Data collection'           
6 6 'Structure model' 'Data collection'           
7 6 'Structure model' 'Database references'       
8 6 'Structure model' 'Derived calculations'      
# 
loop_
_pdbx_audit_revision_category.ordinal 
_pdbx_audit_revision_category.revision_ordinal 
_pdbx_audit_revision_category.data_content_type 
_pdbx_audit_revision_category.category 
1 4 'Structure model' software                     
2 5 'Structure model' diffrn_source                
3 6 'Structure model' chem_comp_atom               
4 6 'Structure model' chem_comp_bond               
5 6 'Structure model' database_2                   
6 6 'Structure model' pdbx_struct_conn_angle       
7 6 'Structure model' pdbx_struct_special_symmetry 
8 6 'Structure model' struct_conn                  
9 6 'Structure model' struct_site                  
# 
loop_
_pdbx_audit_revision_item.ordinal 
_pdbx_audit_revision_item.revision_ordinal 
_pdbx_audit_revision_item.data_content_type 
_pdbx_audit_revision_item.item 
1  4 'Structure model' '_software.classification'                   
2  4 'Structure model' '_software.contact_author'                   
3  4 'Structure model' '_software.contact_author_email'             
4  4 'Structure model' '_software.date'                             
5  4 'Structure model' '_software.language'                         
6  4 'Structure model' '_software.location'                         
7  4 'Structure model' '_software.name'                             
8  4 'Structure model' '_software.type'                             
9  4 'Structure model' '_software.version'                          
10 5 'Structure model' '_diffrn_source.type'                        
11 6 'Structure model' '_database_2.pdbx_DOI'                       
12 6 'Structure model' '_database_2.pdbx_database_accession'        
13 6 'Structure model' '_pdbx_struct_conn_angle.ptnr1_auth_seq_id'  
14 6 'Structure model' '_pdbx_struct_conn_angle.ptnr1_label_seq_id' 
15 6 'Structure model' '_pdbx_struct_conn_angle.ptnr3_auth_seq_id'  
16 6 'Structure model' '_pdbx_struct_conn_angle.ptnr3_label_seq_id' 
17 6 'Structure model' '_pdbx_struct_conn_angle.value'              
18 6 'Structure model' '_struct_conn.pdbx_dist_value'               
19 6 'Structure model' '_struct_conn.ptnr1_auth_comp_id'            
20 6 'Structure model' '_struct_conn.ptnr1_auth_seq_id'             
21 6 'Structure model' '_struct_conn.ptnr1_label_asym_id'           
22 6 'Structure model' '_struct_conn.ptnr1_label_atom_id'           
23 6 'Structure model' '_struct_conn.ptnr1_label_comp_id'           
24 6 'Structure model' '_struct_conn.ptnr1_label_seq_id'            
25 6 'Structure model' '_struct_conn.ptnr2_auth_comp_id'            
26 6 'Structure model' '_struct_conn.ptnr2_auth_seq_id'             
27 6 'Structure model' '_struct_conn.ptnr2_label_asym_id'           
28 6 'Structure model' '_struct_conn.ptnr2_label_atom_id'           
29 6 'Structure model' '_struct_conn.ptnr2_label_comp_id'           
30 6 'Structure model' '_struct_conn.ptnr2_label_seq_id'            
31 6 'Structure model' '_struct_site.pdbx_auth_asym_id'             
32 6 'Structure model' '_struct_site.pdbx_auth_comp_id'             
33 6 'Structure model' '_struct_site.pdbx_auth_seq_id'              
# 
_pdbx_database_status.entry_id                        2P09 
_pdbx_database_status.deposit_site                    RCSB 
_pdbx_database_status.process_site                    RCSB 
_pdbx_database_status.recvd_initial_deposition_date   2007-02-28 
_pdbx_database_status.status_code                     REL 
_pdbx_database_status.status_code_sf                  REL 
_pdbx_database_status.status_code_mr                  ? 
_pdbx_database_status.SG_entry                        ? 
_pdbx_database_status.pdb_format_compatible           Y 
_pdbx_database_status.status_code_cs                  ? 
_pdbx_database_status.methods_development_category    ? 
_pdbx_database_status.status_code_nmr_data            ? 
# 
_pdbx_database_related.db_name        PDB 
_pdbx_database_related.db_id          2P05 
_pdbx_database_related.details        . 
_pdbx_database_related.content_type   unspecified 
# 
loop_
_audit_author.name 
_audit_author.pdbx_ordinal 
'Smith, M.'     1 
'Rosenow, M.'   2 
'Wang, M.'      3 
'Allen, J.P.'   4 
'Szostak, J.W.' 5 
'Chaput, J.C.'  6 
# 
_citation.id                        primary 
_citation.title                     
'Structural insights into the evolution of a non-biological protein: importance of surface residues in protein fold optimization.' 
_citation.journal_abbrev            'PLoS ONE' 
_citation.journal_volume            2 
_citation.page_first                e467 
_citation.page_last                 e467 
_citation.year                      2007 
_citation.journal_id_ASTM           ? 
_citation.country                   US 
_citation.journal_id_ISSN           1932-6203 
_citation.journal_id_CSD            ? 
_citation.book_publisher            ? 
_citation.pdbx_database_id_PubMed   17520026 
_citation.pdbx_database_id_DOI      10.1371/journal.pone.0000467 
# 
loop_
_citation_author.citation_id 
_citation_author.name 
_citation_author.ordinal 
_citation_author.identifier_ORCID 
primary 'Smith, M.D.'   1 ? 
primary 'Rosenow, M.A.' 2 ? 
primary 'Wang, M.'      3 ? 
primary 'Allen, J.P.'   4 ? 
primary 'Szostak, J.W.' 5 ? 
primary 'Chaput, J.C.'  6 ? 
# 
loop_
_entity.id 
_entity.type 
_entity.src_method 
_entity.pdbx_description 
_entity.formula_weight 
_entity.pdbx_number_of_molecules 
_entity.pdbx_ec 
_entity.pdbx_mutation 
_entity.pdbx_fragment 
_entity.details 
1 polymer     man 'a non-biological ATP binding protein with two mutations N32D and D65V' 9708.112 1   ? N32D,D65V ? ? 
2 non-polymer syn 'ZINC ION'                                                              65.409   1   ? ?         ? ? 
3 non-polymer syn 'CHLORIDE ION'                                                          35.453   1   ? ?         ? ? 
4 non-polymer syn "ADENOSINE-5'-TRIPHOSPHATE"                                             507.181  1   ? ?         ? ? 
5 non-polymer syn 'PENTAETHYLENE GLYCOL'                                                  238.278  1   ? ?         ? ? 
6 water       nat water                                                                   18.015   110 ? ?         ? ? 
# 
_entity_poly.entity_id                      1 
_entity_poly.type                           'polypeptide(L)' 
_entity_poly.nstd_linkage                   no 
_entity_poly.nstd_monomer                   no 
_entity_poly.pdbx_seq_one_letter_code       
;GSMDYKDDDDKKTNWLKRIYRVRPCVKCKVAPRDWKVKNKHLRIYNMCKTCFNNSIDIGDDTYHGHVDWLMYADSKEISN
T
;
_entity_poly.pdbx_seq_one_letter_code_can   
;GSMDYKDDDDKKTNWLKRIYRVRPCVKCKVAPRDWKVKNKHLRIYNMCKTCFNNSIDIGDDTYHGHVDWLMYADSKEISN
T
;
_entity_poly.pdbx_strand_id                 A 
_entity_poly.pdbx_target_identifier         ? 
# 
loop_
_pdbx_entity_nonpoly.entity_id 
_pdbx_entity_nonpoly.name 
_pdbx_entity_nonpoly.comp_id 
2 'ZINC ION'                  ZN  
3 'CHLORIDE ION'              CL  
4 "ADENOSINE-5'-TRIPHOSPHATE" ATP 
5 'PENTAETHYLENE GLYCOL'      1PE 
6 water                       HOH 
# 
loop_
_entity_poly_seq.entity_id 
_entity_poly_seq.num 
_entity_poly_seq.mon_id 
_entity_poly_seq.hetero 
1 1  GLY n 
1 2  SER n 
1 3  MET n 
1 4  ASP n 
1 5  TYR n 
1 6  LYS n 
1 7  ASP n 
1 8  ASP n 
1 9  ASP n 
1 10 ASP n 
1 11 LYS n 
1 12 LYS n 
1 13 THR n 
1 14 ASN n 
1 15 TRP n 
1 16 LEU n 
1 17 LYS n 
1 18 ARG n 
1 19 ILE n 
1 20 TYR n 
1 21 ARG n 
1 22 VAL n 
1 23 ARG n 
1 24 PRO n 
1 25 CYS n 
1 26 VAL n 
1 27 LYS n 
1 28 CYS n 
1 29 LYS n 
1 30 VAL n 
1 31 ALA n 
1 32 PRO n 
1 33 ARG n 
1 34 ASP n 
1 35 TRP n 
1 36 LYS n 
1 37 VAL n 
1 38 LYS n 
1 39 ASN n 
1 40 LYS n 
1 41 HIS n 
1 42 LEU n 
1 43 ARG n 
1 44 ILE n 
1 45 TYR n 
1 46 ASN n 
1 47 MET n 
1 48 CYS n 
1 49 LYS n 
1 50 THR n 
1 51 CYS n 
1 52 PHE n 
1 53 ASN n 
1 54 ASN n 
1 55 SER n 
1 56 ILE n 
1 57 ASP n 
1 58 ILE n 
1 59 GLY n 
1 60 ASP n 
1 61 ASP n 
1 62 THR n 
1 63 TYR n 
1 64 HIS n 
1 65 GLY n 
1 66 HIS n 
1 67 VAL n 
1 68 ASP n 
1 69 TRP n 
1 70 LEU n 
1 71 MET n 
1 72 TYR n 
1 73 ALA n 
1 74 ASP n 
1 75 SER n 
1 76 LYS n 
1 77 GLU n 
1 78 ILE n 
1 79 SER n 
1 80 ASN n 
1 81 THR n 
# 
_entity_src_gen.entity_id                          1 
_entity_src_gen.pdbx_src_id                        1 
_entity_src_gen.pdbx_alt_source_flag               sample 
_entity_src_gen.pdbx_seq_type                      ? 
_entity_src_gen.pdbx_beg_seq_num                   ? 
_entity_src_gen.pdbx_end_seq_num                   ? 
_entity_src_gen.gene_src_common_name               ? 
_entity_src_gen.gene_src_genus                     ? 
_entity_src_gen.pdbx_gene_src_gene                 ? 
_entity_src_gen.gene_src_species                   ? 
_entity_src_gen.gene_src_strain                    ? 
_entity_src_gen.gene_src_tissue                    ? 
_entity_src_gen.gene_src_tissue_fraction           ? 
_entity_src_gen.gene_src_details                   ? 
_entity_src_gen.pdbx_gene_src_fragment             ? 
_entity_src_gen.pdbx_gene_src_scientific_name      unidentified 
_entity_src_gen.pdbx_gene_src_ncbi_taxonomy_id     32644 
_entity_src_gen.pdbx_gene_src_variant              ? 
_entity_src_gen.pdbx_gene_src_cell_line            ? 
_entity_src_gen.pdbx_gene_src_atcc                 ? 
_entity_src_gen.pdbx_gene_src_organ                ? 
_entity_src_gen.pdbx_gene_src_organelle            ? 
_entity_src_gen.pdbx_gene_src_cell                 ? 
_entity_src_gen.pdbx_gene_src_cellular_location    ? 
_entity_src_gen.host_org_common_name               ? 
_entity_src_gen.pdbx_host_org_scientific_name      'Escherichia coli BL21(DE3)' 
_entity_src_gen.pdbx_host_org_ncbi_taxonomy_id     469008 
_entity_src_gen.host_org_genus                     Escherichia 
_entity_src_gen.pdbx_host_org_gene                 ? 
_entity_src_gen.pdbx_host_org_organ                ? 
_entity_src_gen.host_org_species                   'Escherichia coli' 
_entity_src_gen.pdbx_host_org_tissue               ? 
_entity_src_gen.pdbx_host_org_tissue_fraction      ? 
_entity_src_gen.pdbx_host_org_strain               'BL21(DE3)' 
_entity_src_gen.pdbx_host_org_variant              ? 
_entity_src_gen.pdbx_host_org_cell_line            ? 
_entity_src_gen.pdbx_host_org_atcc                 ? 
_entity_src_gen.pdbx_host_org_culture_collection   ? 
_entity_src_gen.pdbx_host_org_cell                 ? 
_entity_src_gen.pdbx_host_org_organelle            ? 
_entity_src_gen.pdbx_host_org_cellular_location    ? 
_entity_src_gen.pdbx_host_org_vector_type          ? 
_entity_src_gen.pdbx_host_org_vector               ? 
_entity_src_gen.host_org_details                   ? 
_entity_src_gen.expression_system_id               ? 
_entity_src_gen.plasmid_name                       ? 
_entity_src_gen.plasmid_details                    ? 
_entity_src_gen.pdbx_description                   ? 
# 
loop_
_chem_comp.id 
_chem_comp.type 
_chem_comp.mon_nstd_flag 
_chem_comp.name 
_chem_comp.pdbx_synonyms 
_chem_comp.formula 
_chem_comp.formula_weight 
1PE non-polymer         . 'PENTAETHYLENE GLYCOL'      PEG400 'C10 H22 O6'        238.278 
ALA 'L-peptide linking' y ALANINE                     ?      'C3 H7 N O2'        89.093  
ARG 'L-peptide linking' y ARGININE                    ?      'C6 H15 N4 O2 1'    175.209 
ASN 'L-peptide linking' y ASPARAGINE                  ?      'C4 H8 N2 O3'       132.118 
ASP 'L-peptide linking' y 'ASPARTIC ACID'             ?      'C4 H7 N O4'        133.103 
ATP non-polymer         . "ADENOSINE-5'-TRIPHOSPHATE" ?      'C10 H16 N5 O13 P3' 507.181 
CL  non-polymer         . 'CHLORIDE ION'              ?      'Cl -1'             35.453  
CYS 'L-peptide linking' y CYSTEINE                    ?      'C3 H7 N O2 S'      121.158 
GLU 'L-peptide linking' y 'GLUTAMIC ACID'             ?      'C5 H9 N O4'        147.129 
GLY 'peptide linking'   y GLYCINE                     ?      'C2 H5 N O2'        75.067  
HIS 'L-peptide linking' y HISTIDINE                   ?      'C6 H10 N3 O2 1'    156.162 
HOH non-polymer         . WATER                       ?      'H2 O'              18.015  
ILE 'L-peptide linking' y ISOLEUCINE                  ?      'C6 H13 N O2'       131.173 
LEU 'L-peptide linking' y LEUCINE                     ?      'C6 H13 N O2'       131.173 
LYS 'L-peptide linking' y LYSINE                      ?      'C6 H15 N2 O2 1'    147.195 
MET 'L-peptide linking' y METHIONINE                  ?      'C5 H11 N O2 S'     149.211 
PHE 'L-peptide linking' y PHENYLALANINE               ?      'C9 H11 N O2'       165.189 
PRO 'L-peptide linking' y PROLINE                     ?      'C5 H9 N O2'        115.130 
SER 'L-peptide linking' y SERINE                      ?      'C3 H7 N O3'        105.093 
THR 'L-peptide linking' y THREONINE                   ?      'C4 H9 N O3'        119.119 
TRP 'L-peptide linking' y TRYPTOPHAN                  ?      'C11 H12 N2 O2'     204.225 
TYR 'L-peptide linking' y TYROSINE                    ?      'C9 H11 N O3'       181.189 
VAL 'L-peptide linking' y VALINE                      ?      'C5 H11 N O2'       117.146 
ZN  non-polymer         . 'ZINC ION'                  ?      'Zn 2'              65.409  
# 
loop_
_pdbx_poly_seq_scheme.asym_id 
_pdbx_poly_seq_scheme.entity_id 
_pdbx_poly_seq_scheme.seq_id 
_pdbx_poly_seq_scheme.mon_id 
_pdbx_poly_seq_scheme.ndb_seq_num 
_pdbx_poly_seq_scheme.pdb_seq_num 
_pdbx_poly_seq_scheme.auth_seq_num 
_pdbx_poly_seq_scheme.pdb_mon_id 
_pdbx_poly_seq_scheme.auth_mon_id 
_pdbx_poly_seq_scheme.pdb_strand_id 
_pdbx_poly_seq_scheme.pdb_ins_code 
_pdbx_poly_seq_scheme.hetero 
A 1 1  GLY 1  -1 ?  ?   ?   A . n 
A 1 2  SER 2  0  ?  ?   ?   A . n 
A 1 3  MET 3  1  ?  ?   ?   A . n 
A 1 4  ASP 4  2  ?  ?   ?   A . n 
A 1 5  TYR 5  3  ?  ?   ?   A . n 
A 1 6  LYS 6  4  ?  ?   ?   A . n 
A 1 7  ASP 7  5  5  ASP ASP A . n 
A 1 8  ASP 8  6  6  ASP ASP A . n 
A 1 9  ASP 9  7  7  ASP ASP A . n 
A 1 10 ASP 10 8  8  ASP ASP A . n 
A 1 11 LYS 11 9  9  LYS LYS A . n 
A 1 12 LYS 12 10 10 LYS LYS A . n 
A 1 13 THR 13 11 11 THR THR A . n 
A 1 14 ASN 14 12 12 ASN ASN A . n 
A 1 15 TRP 15 13 13 TRP TRP A . n 
A 1 16 LEU 16 14 14 LEU LEU A . n 
A 1 17 LYS 17 15 15 LYS LYS A . n 
A 1 18 ARG 18 16 16 ARG ARG A . n 
A 1 19 ILE 19 17 17 ILE ILE A . n 
A 1 20 TYR 20 18 18 TYR TYR A . n 
A 1 21 ARG 21 19 19 ARG ARG A . n 
A 1 22 VAL 22 20 20 VAL VAL A . n 
A 1 23 ARG 23 21 21 ARG ARG A . n 
A 1 24 PRO 24 22 22 PRO PRO A . n 
A 1 25 CYS 25 23 23 CYS CYS A . n 
A 1 26 VAL 26 24 24 VAL VAL A . n 
A 1 27 LYS 27 25 25 LYS LYS A . n 
A 1 28 CYS 28 26 26 CYS CYS A . n 
A 1 29 LYS 29 27 27 LYS LYS A . n 
A 1 30 VAL 30 28 28 VAL VAL A . n 
A 1 31 ALA 31 29 29 ALA ALA A . n 
A 1 32 PRO 32 30 30 PRO PRO A . n 
A 1 33 ARG 33 31 31 ARG ARG A . n 
A 1 34 ASP 34 32 32 ASP ASP A . n 
A 1 35 TRP 35 33 33 TRP TRP A . n 
A 1 36 LYS 36 34 34 LYS LYS A . n 
A 1 37 VAL 37 35 35 VAL VAL A . n 
A 1 38 LYS 38 36 36 LYS LYS A . n 
A 1 39 ASN 39 37 37 ASN ASN A . n 
A 1 40 LYS 40 38 38 LYS LYS A . n 
A 1 41 HIS 41 39 39 HIS HIS A . n 
A 1 42 LEU 42 40 40 LEU LEU A . n 
A 1 43 ARG 43 41 41 ARG ARG A . n 
A 1 44 ILE 44 42 42 ILE ILE A . n 
A 1 45 TYR 45 43 43 TYR TYR A . n 
A 1 46 ASN 46 44 44 ASN ASN A . n 
A 1 47 MET 47 45 45 MET MET A . n 
A 1 48 CYS 48 46 46 CYS CYS A . n 
A 1 49 LYS 49 47 47 LYS LYS A . n 
A 1 50 THR 50 48 48 THR THR A . n 
A 1 51 CYS 51 49 49 CYS CYS A . n 
A 1 52 PHE 52 50 50 PHE PHE A . n 
A 1 53 ASN 53 51 51 ASN ASN A . n 
A 1 54 ASN 54 52 52 ASN ASN A . n 
A 1 55 SER 55 53 53 SER SER A . n 
A 1 56 ILE 56 54 54 ILE ILE A . n 
A 1 57 ASP 57 55 55 ASP ASP A . n 
A 1 58 ILE 58 56 56 ILE ILE A . n 
A 1 59 GLY 59 57 57 GLY GLY A . n 
A 1 60 ASP 60 58 58 ASP ASP A . n 
A 1 61 ASP 61 59 59 ASP ASP A . n 
A 1 62 THR 62 60 60 THR THR A . n 
A 1 63 TYR 63 61 61 TYR TYR A . n 
A 1 64 HIS 64 62 62 HIS HIS A . n 
A 1 65 GLY 65 63 63 GLY GLY A . n 
A 1 66 HIS 66 64 64 HIS HIS A . n 
A 1 67 VAL 67 65 65 VAL VAL A . n 
A 1 68 ASP 68 66 66 ASP ASP A . n 
A 1 69 TRP 69 67 67 TRP TRP A . n 
A 1 70 LEU 70 68 68 LEU LEU A . n 
A 1 71 MET 71 69 69 MET MET A . n 
A 1 72 TYR 72 70 70 TYR TYR A . n 
A 1 73 ALA 73 71 71 ALA ALA A . n 
A 1 74 ASP 74 72 72 ASP ASP A . n 
A 1 75 SER 75 73 73 SER SER A . n 
A 1 76 LYS 76 74 ?  ?   ?   A . n 
A 1 77 GLU 77 75 ?  ?   ?   A . n 
A 1 78 ILE 78 76 ?  ?   ?   A . n 
A 1 79 SER 79 77 ?  ?   ?   A . n 
A 1 80 ASN 80 78 ?  ?   ?   A . n 
A 1 81 THR 81 79 ?  ?   ?   A . n 
# 
loop_
_pdbx_nonpoly_scheme.asym_id 
_pdbx_nonpoly_scheme.entity_id 
_pdbx_nonpoly_scheme.mon_id 
_pdbx_nonpoly_scheme.ndb_seq_num 
_pdbx_nonpoly_scheme.pdb_seq_num 
_pdbx_nonpoly_scheme.auth_seq_num 
_pdbx_nonpoly_scheme.pdb_mon_id 
_pdbx_nonpoly_scheme.auth_mon_id 
_pdbx_nonpoly_scheme.pdb_strand_id 
_pdbx_nonpoly_scheme.pdb_ins_code 
B 2 ZN  1   200 200 ZN  ZN  A . 
C 3 CL  1   300 300 CL  CL  A . 
D 4 ATP 1   500 500 ATP ATP A . 
E 5 1PE 1   400 400 1PE 1PE A . 
F 6 HOH 1   501 1   HOH HOH A . 
F 6 HOH 2   502 2   HOH HOH A . 
F 6 HOH 3   503 3   HOH HOH A . 
F 6 HOH 4   504 4   HOH HOH A . 
F 6 HOH 5   505 5   HOH HOH A . 
F 6 HOH 6   506 6   HOH HOH A . 
F 6 HOH 7   507 7   HOH HOH A . 
F 6 HOH 8   508 8   HOH HOH A . 
F 6 HOH 9   509 9   HOH HOH A . 
F 6 HOH 10  510 10  HOH HOH A . 
F 6 HOH 11  511 11  HOH HOH A . 
F 6 HOH 12  512 12  HOH HOH A . 
F 6 HOH 13  513 13  HOH HOH A . 
F 6 HOH 14  514 14  HOH HOH A . 
F 6 HOH 15  515 15  HOH HOH A . 
F 6 HOH 16  516 16  HOH HOH A . 
F 6 HOH 17  517 17  HOH HOH A . 
F 6 HOH 18  518 18  HOH HOH A . 
F 6 HOH 19  519 19  HOH HOH A . 
F 6 HOH 20  520 20  HOH HOH A . 
F 6 HOH 21  521 21  HOH HOH A . 
F 6 HOH 22  522 22  HOH HOH A . 
F 6 HOH 23  523 23  HOH HOH A . 
F 6 HOH 24  524 24  HOH HOH A . 
F 6 HOH 25  525 25  HOH HOH A . 
F 6 HOH 26  526 26  HOH HOH A . 
F 6 HOH 27  527 27  HOH HOH A . 
F 6 HOH 28  528 28  HOH HOH A . 
F 6 HOH 29  529 29  HOH HOH A . 
F 6 HOH 30  530 30  HOH HOH A . 
F 6 HOH 31  531 31  HOH HOH A . 
F 6 HOH 32  532 32  HOH HOH A . 
F 6 HOH 33  533 33  HOH HOH A . 
F 6 HOH 34  534 34  HOH HOH A . 
F 6 HOH 35  535 35  HOH HOH A . 
F 6 HOH 36  536 36  HOH HOH A . 
F 6 HOH 37  537 37  HOH HOH A . 
F 6 HOH 38  538 38  HOH HOH A . 
F 6 HOH 39  539 39  HOH HOH A . 
F 6 HOH 40  540 40  HOH HOH A . 
F 6 HOH 41  541 41  HOH HOH A . 
F 6 HOH 42  542 42  HOH HOH A . 
F 6 HOH 43  543 43  HOH HOH A . 
F 6 HOH 44  544 44  HOH HOH A . 
F 6 HOH 45  545 45  HOH HOH A . 
F 6 HOH 46  546 46  HOH HOH A . 
F 6 HOH 47  547 47  HOH HOH A . 
F 6 HOH 48  548 48  HOH HOH A . 
F 6 HOH 49  549 49  HOH HOH A . 
F 6 HOH 50  550 50  HOH HOH A . 
F 6 HOH 51  551 51  HOH HOH A . 
F 6 HOH 52  552 52  HOH HOH A . 
F 6 HOH 53  553 53  HOH HOH A . 
F 6 HOH 54  554 54  HOH HOH A . 
F 6 HOH 55  555 55  HOH HOH A . 
F 6 HOH 56  556 56  HOH HOH A . 
F 6 HOH 57  557 57  HOH HOH A . 
F 6 HOH 58  558 58  HOH HOH A . 
F 6 HOH 59  559 59  HOH HOH A . 
F 6 HOH 60  560 60  HOH HOH A . 
F 6 HOH 61  561 61  HOH HOH A . 
F 6 HOH 62  562 62  HOH HOH A . 
F 6 HOH 63  563 63  HOH HOH A . 
F 6 HOH 64  564 64  HOH HOH A . 
F 6 HOH 65  565 65  HOH HOH A . 
F 6 HOH 66  566 66  HOH HOH A . 
F 6 HOH 67  567 67  HOH HOH A . 
F 6 HOH 68  568 68  HOH HOH A . 
F 6 HOH 69  569 69  HOH HOH A . 
F 6 HOH 70  570 70  HOH HOH A . 
F 6 HOH 71  571 71  HOH HOH A . 
F 6 HOH 72  572 72  HOH HOH A . 
F 6 HOH 73  573 73  HOH HOH A . 
F 6 HOH 74  574 74  HOH HOH A . 
F 6 HOH 75  575 75  HOH HOH A . 
F 6 HOH 76  576 76  HOH HOH A . 
F 6 HOH 77  577 77  HOH HOH A . 
F 6 HOH 78  578 78  HOH HOH A . 
F 6 HOH 79  579 79  HOH HOH A . 
F 6 HOH 80  580 80  HOH HOH A . 
F 6 HOH 81  581 81  HOH HOH A . 
F 6 HOH 82  582 82  HOH HOH A . 
F 6 HOH 83  583 83  HOH HOH A . 
F 6 HOH 84  584 84  HOH HOH A . 
F 6 HOH 85  585 85  HOH HOH A . 
F 6 HOH 86  586 86  HOH HOH A . 
F 6 HOH 87  587 87  HOH HOH A . 
F 6 HOH 88  588 88  HOH HOH A . 
F 6 HOH 89  589 89  HOH HOH A . 
F 6 HOH 90  590 90  HOH HOH A . 
F 6 HOH 91  591 91  HOH HOH A . 
F 6 HOH 92  592 92  HOH HOH A . 
F 6 HOH 93  593 93  HOH HOH A . 
F 6 HOH 94  594 94  HOH HOH A . 
F 6 HOH 95  595 95  HOH HOH A . 
F 6 HOH 96  596 96  HOH HOH A . 
F 6 HOH 97  597 97  HOH HOH A . 
F 6 HOH 98  598 98  HOH HOH A . 
F 6 HOH 99  599 99  HOH HOH A . 
F 6 HOH 100 600 100 HOH HOH A . 
F 6 HOH 101 601 101 HOH HOH A . 
F 6 HOH 102 602 102 HOH HOH A . 
F 6 HOH 103 603 103 HOH HOH A . 
F 6 HOH 104 604 104 HOH HOH A . 
F 6 HOH 105 605 105 HOH HOH A . 
F 6 HOH 106 606 106 HOH HOH A . 
F 6 HOH 107 607 107 HOH HOH A . 
F 6 HOH 108 608 108 HOH HOH A . 
F 6 HOH 109 609 109 HOH HOH A . 
F 6 HOH 110 610 110 HOH HOH A . 
# 
loop_
_software.name 
_software.version 
_software.date 
_software.type 
_software.contact_author 
_software.contact_author_email 
_software.classification 
_software.location 
_software.language 
_software.citation_id 
_software.pdbx_ordinal 
DENZO        .     ?                package 'Zbyszek Otwinowski' zbyszek@mix.swmed.edu           'data reduction'  
http://www.lnls.br/infra/linhasluz/denzo-hkl.htm ?          ? 1 
SCALEPACK    .     ?                package 'Zbyszek Otwinowski' zbyszek@mix.swmed.edu           'data scaling'    
http://www.lnls.br/infra/linhasluz/denzo-hkl.htm ?          ? 2 
MOLREP       .     ?                other   'A. Vagin'           alexei@ysbl.york.ac.uk          phasing           
http://www.ccp4.ac.uk/dist/html/molrep.html      Fortran_77 ? 3 
SHARP        .     ?                package 'de La Fortelle'     sharp-develop@globalphasing.com phasing           
http://babinet.globalphasing.com/sharp/          ?          ? 4 
SOLOMON      .     ?                program 'Abrahams J. P.'     ccp4@dl.ac.uk                   phasing           
http://www.ccp4.ac.uk/main.html                  Fortran_77 ? 5 
REFMAC       .     ?                program 'Murshudov, G.N.'    ccp4@dl.ac.uk                   refinement        
http://www.ccp4.ac.uk/main.html                  Fortran_77 ? 6 
PDB_EXTRACT  2.000 'April. 3, 2006' package PDB                  sw-help@rcsb.rutgers.edu        'data extraction' 
http://pdb.rutgers.edu/software/                 C++        ? 7 
CrystalClear .     ?                ?       ?                    ?                               'data collection' ? ?          ? 
8 
HKL-2000     .     ?                ?       ?                    ?                               'data reduction'  ? ?          ? 
9 
# 
_cell.entry_id           2P09 
_cell.length_a           72.791 
_cell.length_b           72.791 
_cell.length_c           54.752 
_cell.angle_alpha        90.00 
_cell.angle_beta         90.00 
_cell.angle_gamma        120.00 
_cell.Z_PDB              6 
_cell.pdbx_unique_axis   ? 
_cell.length_a_esd       ? 
_cell.length_b_esd       ? 
_cell.length_c_esd       ? 
_cell.angle_alpha_esd    ? 
_cell.angle_beta_esd     ? 
_cell.angle_gamma_esd    ? 
# 
_symmetry.entry_id                         2P09 
_symmetry.space_group_name_H-M             'P 32 2 1' 
_symmetry.pdbx_full_space_group_name_H-M   ? 
_symmetry.cell_setting                     ? 
_symmetry.Int_Tables_number                154 
_symmetry.space_group_name_Hall            ? 
# 
_exptl.crystals_number   1 
_exptl.entry_id          2P09 
_exptl.method            'X-RAY DIFFRACTION' 
# 
_exptl_crystal.id                    1 
_exptl_crystal.density_Matthews      4.31 
_exptl_crystal.density_meas          ? 
_exptl_crystal.density_percent_sol   71.48 
_exptl_crystal.description           ? 
_exptl_crystal.F_000                 ? 
_exptl_crystal.preparation           ? 
# 
_exptl_crystal_grow.crystal_id      1 
_exptl_crystal_grow.method          'VAPOR DIFFUSION' 
_exptl_crystal_grow.pH              8.5 
_exptl_crystal_grow.temp            298 
_exptl_crystal_grow.temp_details    ? 
_exptl_crystal_grow.pdbx_details    
;250 mM sodium citrate, 100 mM sodium phosphate, 10 mM ATP, 300 mM sodium chloride, and 0.4-0.8% x/v polyethylene glycol 400, pH 8.5, VAPOR DIFFUSION, temperature 298K
;
_exptl_crystal_grow.pdbx_pH_range   . 
# 
_diffrn.id                     1 
_diffrn.ambient_temp           110 
_diffrn.ambient_temp_details   ? 
_diffrn.crystal_id             1 
# 
_diffrn_detector.diffrn_id              1 
_diffrn_detector.detector               'IMAGE PLATE' 
_diffrn_detector.type                   'RIGAKU RAXIS IV' 
_diffrn_detector.pdbx_collection_date   2006-04-15 
_diffrn_detector.details                ? 
# 
_diffrn_radiation.diffrn_id                        1 
_diffrn_radiation.wavelength_id                    1 
_diffrn_radiation.pdbx_diffrn_protocol             'SINGLE WAVELENGTH' 
_diffrn_radiation.monochromator                    ? 
_diffrn_radiation.pdbx_monochromatic_or_laue_m_l   M 
_diffrn_radiation.pdbx_scattering_type             x-ray 
# 
_diffrn_radiation_wavelength.id           1 
_diffrn_radiation_wavelength.wavelength   1.541 
_diffrn_radiation_wavelength.wt           1.0 
# 
_diffrn_source.diffrn_id                   1 
_diffrn_source.source                      'ROTATING ANODE' 
_diffrn_source.type                        'RIGAKU RU200' 
_diffrn_source.pdbx_wavelength             ? 
_diffrn_source.pdbx_wavelength_list        1.541 
_diffrn_source.pdbx_synchrotron_site       ? 
_diffrn_source.pdbx_synchrotron_beamline   ? 
# 
_reflns.entry_id                     2P09 
_reflns.d_resolution_high            1.650 
_reflns.d_resolution_low             50.000 
_reflns.number_obs                   20360 
_reflns.pdbx_Rmerge_I_obs            0.056 
_reflns.pdbx_netI_over_sigmaI        17.400 
_reflns.pdbx_chi_squared             1.305 
_reflns.pdbx_redundancy              5.000 
_reflns.percent_possible_obs         99.100 
_reflns.observed_criterion_sigma_F   ? 
_reflns.observed_criterion_sigma_I   ? 
_reflns.number_all                   ? 
_reflns.pdbx_Rsym_value              ? 
_reflns.B_iso_Wilson_estimate        ? 
_reflns.R_free_details               ? 
_reflns.limit_h_max                  ? 
_reflns.limit_h_min                  ? 
_reflns.limit_k_max                  ? 
_reflns.limit_k_min                  ? 
_reflns.limit_l_max                  ? 
_reflns.limit_l_min                  ? 
_reflns.observed_criterion_F_max     ? 
_reflns.observed_criterion_F_min     ? 
_reflns.pdbx_scaling_rejects         ? 
_reflns.pdbx_ordinal                 1 
_reflns.pdbx_diffrn_id               1 
# 
loop_
_reflns_shell.d_res_high 
_reflns_shell.d_res_low 
_reflns_shell.number_measured_obs 
_reflns_shell.number_measured_all 
_reflns_shell.number_unique_obs 
_reflns_shell.Rmerge_I_obs 
_reflns_shell.meanI_over_sigI_obs 
_reflns_shell.pdbx_Rsym_value 
_reflns_shell.pdbx_chi_squared 
_reflns_shell.pdbx_redundancy 
_reflns_shell.percent_possible_obs 
_reflns_shell.number_unique_all 
_reflns_shell.percent_possible_all 
_reflns_shell.pdbx_ordinal 
_reflns_shell.pdbx_diffrn_id 
1.65 1.71  ? ? ? 0.586 ? ? 1.592 4.70 ? 1981 96.90 1  1 
1.71 1.78  ? ? ? 0.452 ? ? 1.614 4.90 ? 1976 98.00 2  1 
1.78 1.86  ? ? ? 0.315 ? ? 1.597 4.90 ? 2015 98.80 3  1 
1.86 1.96  ? ? ? 0.234 ? ? 1.585 5.00 ? 1988 98.90 4  1 
1.96 2.08  ? ? ? 0.151 ? ? 1.351 5.10 ? 2021 99.40 5  1 
2.08 2.24  ? ? ? 0.106 ? ? 1.197 5.10 ? 2026 99.80 6  1 
2.24 2.46  ? ? ? 0.081 ? ? 1.284 5.20 ? 2056 99.80 7  1 
2.46 2.82  ? ? ? 0.062 ? ? 1.185 5.20 ? 2048 99.90 8  1 
2.82 3.55  ? ? ? 0.039 ? ? 0.881 5.20 ? 2074 99.90 9  1 
3.55 50.00 ? ? ? 0.035 ? ? 0.892 5.00 ? 2175 99.70 10 1 
# 
_refine.entry_id                                 2P09 
_refine.ls_d_res_high                            1.650 
_refine.ls_d_res_low                             27.32 
_refine.pdbx_ls_sigma_F                          0.00 
_refine.ls_percent_reflns_obs                    99.130 
_refine.ls_number_reflns_obs                     20344 
_refine.pdbx_ls_cross_valid_method               THROUGHOUT 
_refine.pdbx_R_Free_selection_details            RANDOM 
_refine.details                                  'HYDROGENS HAVE BEEN ADDED IN THE RIDING POSITIONS' 
_refine.ls_R_factor_obs                          0.177 
_refine.ls_R_factor_R_work                       0.177 
_refine.ls_R_factor_R_free                       0.195 
_refine.ls_percent_reflns_R_free                 5.100 
_refine.ls_number_reflns_R_free                  1044 
_refine.B_iso_mean                               24.562 
_refine.aniso_B[1][1]                            0.890 
_refine.aniso_B[2][2]                            0.890 
_refine.aniso_B[3][3]                            -1.330 
_refine.aniso_B[1][2]                            0.440 
_refine.aniso_B[1][3]                            0.000 
_refine.aniso_B[2][3]                            0.000 
_refine.correlation_coeff_Fo_to_Fc               0.966 
_refine.correlation_coeff_Fo_to_Fc_free          0.959 
_refine.pdbx_overall_ESU_R                       0.064 
_refine.pdbx_overall_ESU_R_Free                  0.065 
_refine.overall_SU_ML                            0.041 
_refine.overall_SU_B                             1.176 
_refine.solvent_model_details                    MASK 
_refine.pdbx_solvent_vdw_probe_radii             1.400 
_refine.pdbx_solvent_ion_probe_radii             0.800 
_refine.pdbx_solvent_shrinkage_radii             0.800 
_refine.pdbx_method_to_determine_struct          'MOLECULAR REPLACEMENT' 
_refine.pdbx_stereochemistry_target_values       'MAXIMUM LIKELIHOOD' 
_refine.pdbx_ls_sigma_I                          ? 
_refine.ls_number_reflns_all                     ? 
_refine.ls_R_factor_all                          ? 
_refine.ls_redundancy_reflns_obs                 ? 
_refine.pdbx_data_cutoff_high_absF               ? 
_refine.pdbx_data_cutoff_low_absF                ? 
_refine.ls_number_parameters                     ? 
_refine.ls_number_restraints                     ? 
_refine.ls_R_factor_R_free_error                 ? 
_refine.ls_R_factor_R_free_error_details         ? 
_refine.pdbx_starting_model                      ? 
_refine.pdbx_stereochem_target_val_spec_case     ? 
_refine.solvent_model_param_bsol                 ? 
_refine.solvent_model_param_ksol                 ? 
_refine.occupancy_max                            ? 
_refine.occupancy_min                            ? 
_refine.pdbx_isotropic_thermal_model             ? 
_refine.B_iso_min                                ? 
_refine.B_iso_max                                ? 
_refine.overall_SU_R_Cruickshank_DPI             ? 
_refine.overall_SU_R_free                        ? 
_refine.pdbx_data_cutoff_high_rms_absF           ? 
_refine.ls_wR_factor_R_free                      ? 
_refine.ls_wR_factor_R_work                      ? 
_refine.overall_FOM_free_R_set                   ? 
_refine.overall_FOM_work_R_set                   ? 
_refine.pdbx_refine_id                           'X-RAY DIFFRACTION' 
_refine.pdbx_overall_phase_error                 ? 
_refine.pdbx_diffrn_id                           1 
_refine.pdbx_TLS_residual_ADP_flag               ? 
_refine.pdbx_overall_SU_R_free_Cruickshank_DPI   ? 
_refine.pdbx_overall_SU_R_Blow_DPI               ? 
_refine.pdbx_overall_SU_R_free_Blow_DPI          ? 
# 
_refine_hist.pdbx_refine_id                   'X-RAY DIFFRACTION' 
_refine_hist.cycle_id                         LAST 
_refine_hist.pdbx_number_atoms_protein        583 
_refine_hist.pdbx_number_atoms_nucleic_acid   0 
_refine_hist.pdbx_number_atoms_ligand         49 
_refine_hist.number_atoms_solvent             110 
_refine_hist.number_atoms_total               742 
_refine_hist.d_res_high                       1.650 
_refine_hist.d_res_low                        27.32 
# 
loop_
_refine_ls_restr.type 
_refine_ls_restr.number 
_refine_ls_restr.dev_ideal 
_refine_ls_restr.dev_ideal_target 
_refine_ls_restr.weight 
_refine_ls_restr.pdbx_refine_id 
_refine_ls_restr.pdbx_restraint_function 
r_bond_refined_d         651 0.020  0.021  ? 'X-RAY DIFFRACTION' ? 
r_angle_refined_deg      881 1.974  1.999  ? 'X-RAY DIFFRACTION' ? 
r_dihedral_angle_1_deg   70  5.117  5.000  ? 'X-RAY DIFFRACTION' ? 
r_dihedral_angle_2_deg   31  32.509 23.226 ? 'X-RAY DIFFRACTION' ? 
r_dihedral_angle_3_deg   112 14.078 15.000 ? 'X-RAY DIFFRACTION' ? 
r_dihedral_angle_4_deg   5   17.806 15.000 ? 'X-RAY DIFFRACTION' ? 
r_chiral_restr           88  0.145  0.200  ? 'X-RAY DIFFRACTION' ? 
r_gen_planes_refined     467 0.008  0.020  ? 'X-RAY DIFFRACTION' ? 
r_nbd_refined            285 0.200  0.200  ? 'X-RAY DIFFRACTION' ? 
r_nbtor_refined          419 0.310  0.200  ? 'X-RAY DIFFRACTION' ? 
r_xyhbond_nbd_refined    75  0.159  0.200  ? 'X-RAY DIFFRACTION' ? 
r_symmetry_vdw_refined   34  0.170  0.200  ? 'X-RAY DIFFRACTION' ? 
r_symmetry_hbond_refined 16  0.228  0.200  ? 'X-RAY DIFFRACTION' ? 
r_mcbond_it              357 1.236  1.500  ? 'X-RAY DIFFRACTION' ? 
r_mcangle_it             566 2.020  2.000  ? 'X-RAY DIFFRACTION' ? 
r_scbond_it              350 3.284  3.000  ? 'X-RAY DIFFRACTION' ? 
r_scangle_it             314 5.496  4.500  ? 'X-RAY DIFFRACTION' ? 
# 
_refine_ls_shell.d_res_high                       1.650 
_refine_ls_shell.d_res_low                        1.693 
_refine_ls_shell.pdbx_total_number_of_bins_used   20 
_refine_ls_shell.percent_reflns_obs               97.420 
_refine_ls_shell.number_reflns_R_work             1407 
_refine_ls_shell.R_factor_all                     ? 
_refine_ls_shell.R_factor_R_work                  0.351 
_refine_ls_shell.R_factor_R_free                  0.381 
_refine_ls_shell.percent_reflns_R_free            ? 
_refine_ls_shell.number_reflns_R_free             65 
_refine_ls_shell.R_factor_R_free_error            ? 
_refine_ls_shell.number_reflns_all                ? 
_refine_ls_shell.number_reflns_obs                1472 
_refine_ls_shell.redundancy_reflns_obs            ? 
_refine_ls_shell.pdbx_refine_id                   'X-RAY DIFFRACTION' 
# 
_struct.entry_id                  2P09 
_struct.title                     'Structural Insights into the Evolution of a Non-Biological Protein' 
_struct.pdbx_model_details        ? 
_struct.pdbx_CASP_flag            ? 
_struct.pdbx_model_type_details   ? 
# 
_struct_keywords.entry_id        2P09 
_struct_keywords.pdbx_keywords   'DE NOVO PROTEIN' 
_struct_keywords.text            'alpha/beta fold, DE NOVO PROTEIN' 
# 
loop_
_struct_asym.id 
_struct_asym.pdbx_blank_PDB_chainid_flag 
_struct_asym.pdbx_modified 
_struct_asym.entity_id 
_struct_asym.details 
A N N 1 ? 
B N N 2 ? 
C N N 3 ? 
D N N 4 ? 
E N N 5 ? 
F N N 6 ? 
# 
_struct_ref.id                         1 
_struct_ref.db_name                    PDB 
_struct_ref.db_code                    2P09 
_struct_ref.pdbx_db_accession          2P09 
_struct_ref.entity_id                  1 
_struct_ref.pdbx_align_begin           ? 
_struct_ref.pdbx_seq_one_letter_code   ? 
_struct_ref.pdbx_db_isoform            ? 
# 
_struct_ref_seq.align_id                      1 
_struct_ref_seq.ref_id                        1 
_struct_ref_seq.pdbx_PDB_id_code              2P09 
_struct_ref_seq.pdbx_strand_id                A 
_struct_ref_seq.seq_align_beg                 1 
_struct_ref_seq.pdbx_seq_align_beg_ins_code   ? 
_struct_ref_seq.seq_align_end                 81 
_struct_ref_seq.pdbx_seq_align_end_ins_code   ? 
_struct_ref_seq.pdbx_db_accession             2P09 
_struct_ref_seq.db_align_beg                  -1 
_struct_ref_seq.pdbx_db_align_beg_ins_code    ? 
_struct_ref_seq.db_align_end                  79 
_struct_ref_seq.pdbx_db_align_end_ins_code    ? 
_struct_ref_seq.pdbx_auth_seq_align_beg       -1 
_struct_ref_seq.pdbx_auth_seq_align_end       79 
# 
_pdbx_struct_assembly.id                   1 
_pdbx_struct_assembly.details              author_and_software_defined_assembly 
_pdbx_struct_assembly.method_details       PISA,PQS 
_pdbx_struct_assembly.oligomeric_details   dimeric 
_pdbx_struct_assembly.oligomeric_count     2 
# 
loop_
_pdbx_struct_assembly_prop.biol_id 
_pdbx_struct_assembly_prop.type 
_pdbx_struct_assembly_prop.value 
_pdbx_struct_assembly_prop.details 
1 'ABSA (A^2)' 4040 ? 
1 MORE         -61  ? 
1 'SSA (A^2)'  8790 ? 
# 
_pdbx_struct_assembly_gen.assembly_id       1 
_pdbx_struct_assembly_gen.oper_expression   1,2 
_pdbx_struct_assembly_gen.asym_id_list      A,B,C,D,E,F 
# 
loop_
_pdbx_struct_oper_list.id 
_pdbx_struct_oper_list.type 
_pdbx_struct_oper_list.name 
_pdbx_struct_oper_list.symmetry_operation 
_pdbx_struct_oper_list.matrix[1][1] 
_pdbx_struct_oper_list.matrix[1][2] 
_pdbx_struct_oper_list.matrix[1][3] 
_pdbx_struct_oper_list.vector[1] 
_pdbx_struct_oper_list.matrix[2][1] 
_pdbx_struct_oper_list.matrix[2][2] 
_pdbx_struct_oper_list.matrix[2][3] 
_pdbx_struct_oper_list.vector[2] 
_pdbx_struct_oper_list.matrix[3][1] 
_pdbx_struct_oper_list.matrix[3][2] 
_pdbx_struct_oper_list.matrix[3][3] 
_pdbx_struct_oper_list.vector[3] 
1 'identity operation'         1_555 x,y,z    1.0000000000  0.0000000000 0.0000000000 0.0000000000 0.0000000000 1.0000000000 0.0000000000 0.0000000000 0.0000000000 0.0000000000 1.0000000000  0.0000000000   
2 'crystal symmetry operation' 4_556 y,x,-z+1 -0.5876112057 0.7192136378 0.3707355044 9.4879731361 0.7192136378 0.2543218048 0.6465695344 4.7104325953 0.3707355044 0.6465695344 -0.6667105991 -19.6920475087 
# 
_struct_biol.id        1 
_struct_biol.details   ? 
# 
loop_
_struct_conf.conf_type_id 
_struct_conf.id 
_struct_conf.pdbx_PDB_helix_id 
_struct_conf.beg_label_comp_id 
_struct_conf.beg_label_asym_id 
_struct_conf.beg_label_seq_id 
_struct_conf.pdbx_beg_PDB_ins_code 
_struct_conf.end_label_comp_id 
_struct_conf.end_label_asym_id 
_struct_conf.end_label_seq_id 
_struct_conf.pdbx_end_PDB_ins_code 
_struct_conf.beg_auth_comp_id 
_struct_conf.beg_auth_asym_id 
_struct_conf.beg_auth_seq_id 
_struct_conf.end_auth_comp_id 
_struct_conf.end_auth_asym_id 
_struct_conf.end_auth_seq_id 
_struct_conf.pdbx_PDB_helix_class 
_struct_conf.details 
_struct_conf.pdbx_PDB_helix_length 
HELX_P HELX_P1 1 ASP A 7  ? ARG A 23 ? ASP A 5  ARG A 21 1 ? 17 
HELX_P HELX_P2 2 CYS A 48 ? GLY A 59 ? CYS A 46 GLY A 57 1 ? 12 
# 
_struct_conf_type.id          HELX_P 
_struct_conf_type.criteria    ? 
_struct_conf_type.reference   ? 
# 
loop_
_struct_conn.id 
_struct_conn.conn_type_id 
_struct_conn.pdbx_leaving_atom_flag 
_struct_conn.pdbx_PDB_id 
_struct_conn.ptnr1_label_asym_id 
_struct_conn.ptnr1_label_comp_id 
_struct_conn.ptnr1_label_seq_id 
_struct_conn.ptnr1_label_atom_id 
_struct_conn.pdbx_ptnr1_label_alt_id 
_struct_conn.pdbx_ptnr1_PDB_ins_code 
_struct_conn.pdbx_ptnr1_standard_comp_id 
_struct_conn.ptnr1_symmetry 
_struct_conn.ptnr2_label_asym_id 
_struct_conn.ptnr2_label_comp_id 
_struct_conn.ptnr2_label_seq_id 
_struct_conn.ptnr2_label_atom_id 
_struct_conn.pdbx_ptnr2_label_alt_id 
_struct_conn.pdbx_ptnr2_PDB_ins_code 
_struct_conn.ptnr1_auth_asym_id 
_struct_conn.ptnr1_auth_comp_id 
_struct_conn.ptnr1_auth_seq_id 
_struct_conn.ptnr2_auth_asym_id 
_struct_conn.ptnr2_auth_comp_id 
_struct_conn.ptnr2_auth_seq_id 
_struct_conn.ptnr2_symmetry 
_struct_conn.pdbx_ptnr3_label_atom_id 
_struct_conn.pdbx_ptnr3_label_seq_id 
_struct_conn.pdbx_ptnr3_label_comp_id 
_struct_conn.pdbx_ptnr3_label_asym_id 
_struct_conn.pdbx_ptnr3_label_alt_id 
_struct_conn.pdbx_ptnr3_PDB_ins_code 
_struct_conn.details 
_struct_conn.pdbx_dist_value 
_struct_conn.pdbx_value_order 
_struct_conn.pdbx_role 
metalc1 metalc ? ? A CYS 25 SG ? ? ? 1_555 B ZN . ZN ? ? A CYS 23 A ZN 200 1_555 ? ? ? ? ? ? ? 2.408 ? ? 
metalc2 metalc ? ? A CYS 28 SG ? ? ? 1_555 B ZN . ZN ? ? A CYS 26 A ZN 200 1_555 ? ? ? ? ? ? ? 2.384 ? ? 
metalc3 metalc ? ? A CYS 48 SG ? ? ? 1_555 B ZN . ZN ? ? A CYS 46 A ZN 200 1_555 ? ? ? ? ? ? ? 2.375 ? ? 
metalc4 metalc ? ? A CYS 51 SG ? ? ? 1_555 B ZN . ZN ? ? A CYS 49 A ZN 200 1_555 ? ? ? ? ? ? ? 2.329 ? ? 
# 
_struct_conn_type.id          metalc 
_struct_conn_type.criteria    ? 
_struct_conn_type.reference   ? 
# 
loop_
_pdbx_struct_conn_angle.id 
_pdbx_struct_conn_angle.ptnr1_label_atom_id 
_pdbx_struct_conn_angle.ptnr1_label_alt_id 
_pdbx_struct_conn_angle.ptnr1_label_asym_id 
_pdbx_struct_conn_angle.ptnr1_label_comp_id 
_pdbx_struct_conn_angle.ptnr1_label_seq_id 
_pdbx_struct_conn_angle.ptnr1_auth_atom_id 
_pdbx_struct_conn_angle.ptnr1_auth_asym_id 
_pdbx_struct_conn_angle.ptnr1_auth_comp_id 
_pdbx_struct_conn_angle.ptnr1_auth_seq_id 
_pdbx_struct_conn_angle.ptnr1_PDB_ins_code 
_pdbx_struct_conn_angle.ptnr1_symmetry 
_pdbx_struct_conn_angle.ptnr2_label_atom_id 
_pdbx_struct_conn_angle.ptnr2_label_alt_id 
_pdbx_struct_conn_angle.ptnr2_label_asym_id 
_pdbx_struct_conn_angle.ptnr2_label_comp_id 
_pdbx_struct_conn_angle.ptnr2_label_seq_id 
_pdbx_struct_conn_angle.ptnr2_auth_atom_id 
_pdbx_struct_conn_angle.ptnr2_auth_asym_id 
_pdbx_struct_conn_angle.ptnr2_auth_comp_id 
_pdbx_struct_conn_angle.ptnr2_auth_seq_id 
_pdbx_struct_conn_angle.ptnr2_PDB_ins_code 
_pdbx_struct_conn_angle.ptnr2_symmetry 
_pdbx_struct_conn_angle.ptnr3_label_atom_id 
_pdbx_struct_conn_angle.ptnr3_label_alt_id 
_pdbx_struct_conn_angle.ptnr3_label_asym_id 
_pdbx_struct_conn_angle.ptnr3_label_comp_id 
_pdbx_struct_conn_angle.ptnr3_label_seq_id 
_pdbx_struct_conn_angle.ptnr3_auth_atom_id 
_pdbx_struct_conn_angle.ptnr3_auth_asym_id 
_pdbx_struct_conn_angle.ptnr3_auth_comp_id 
_pdbx_struct_conn_angle.ptnr3_auth_seq_id 
_pdbx_struct_conn_angle.ptnr3_PDB_ins_code 
_pdbx_struct_conn_angle.ptnr3_symmetry 
_pdbx_struct_conn_angle.value 
_pdbx_struct_conn_angle.value_esd 
1 SG ? A CYS 25 ? A CYS 23 ? 1_555 ZN ? B ZN . ? A ZN 200 ? 1_555 SG ? A CYS 28 ? A CYS 26 ? 1_555 104.4 ? 
2 SG ? A CYS 25 ? A CYS 23 ? 1_555 ZN ? B ZN . ? A ZN 200 ? 1_555 SG ? A CYS 48 ? A CYS 46 ? 1_555 111.9 ? 
3 SG ? A CYS 28 ? A CYS 26 ? 1_555 ZN ? B ZN . ? A ZN 200 ? 1_555 SG ? A CYS 48 ? A CYS 46 ? 1_555 119.4 ? 
4 SG ? A CYS 25 ? A CYS 23 ? 1_555 ZN ? B ZN . ? A ZN 200 ? 1_555 SG ? A CYS 51 ? A CYS 49 ? 1_555 108.7 ? 
5 SG ? A CYS 28 ? A CYS 26 ? 1_555 ZN ? B ZN . ? A ZN 200 ? 1_555 SG ? A CYS 51 ? A CYS 49 ? 1_555 111.4 ? 
6 SG ? A CYS 48 ? A CYS 46 ? 1_555 ZN ? B ZN . ? A ZN 200 ? 1_555 SG ? A CYS 51 ? A CYS 49 ? 1_555 100.9 ? 
# 
_struct_sheet.id               A 
_struct_sheet.type             ? 
_struct_sheet.number_strands   3 
_struct_sheet.details          ? 
# 
loop_
_struct_sheet_order.sheet_id 
_struct_sheet_order.range_id_1 
_struct_sheet_order.range_id_2 
_struct_sheet_order.offset 
_struct_sheet_order.sense 
A 1 2 ? anti-parallel 
A 2 3 ? anti-parallel 
# 
loop_
_struct_sheet_range.sheet_id 
_struct_sheet_range.id 
_struct_sheet_range.beg_label_comp_id 
_struct_sheet_range.beg_label_asym_id 
_struct_sheet_range.beg_label_seq_id 
_struct_sheet_range.pdbx_beg_PDB_ins_code 
_struct_sheet_range.end_label_comp_id 
_struct_sheet_range.end_label_asym_id 
_struct_sheet_range.end_label_seq_id 
_struct_sheet_range.pdbx_end_PDB_ins_code 
_struct_sheet_range.beg_auth_comp_id 
_struct_sheet_range.beg_auth_asym_id 
_struct_sheet_range.beg_auth_seq_id 
_struct_sheet_range.end_auth_comp_id 
_struct_sheet_range.end_auth_asym_id 
_struct_sheet_range.end_auth_seq_id 
A 1 TRP A 35 ? LYS A 38 ? TRP A 33 LYS A 36 
A 2 HIS A 41 ? TYR A 45 ? HIS A 39 TYR A 43 
A 3 HIS A 66 ? LEU A 70 ? HIS A 64 LEU A 68 
# 
loop_
_pdbx_struct_sheet_hbond.sheet_id 
_pdbx_struct_sheet_hbond.range_id_1 
_pdbx_struct_sheet_hbond.range_id_2 
_pdbx_struct_sheet_hbond.range_1_label_atom_id 
_pdbx_struct_sheet_hbond.range_1_label_comp_id 
_pdbx_struct_sheet_hbond.range_1_label_asym_id 
_pdbx_struct_sheet_hbond.range_1_label_seq_id 
_pdbx_struct_sheet_hbond.range_1_PDB_ins_code 
_pdbx_struct_sheet_hbond.range_1_auth_atom_id 
_pdbx_struct_sheet_hbond.range_1_auth_comp_id 
_pdbx_struct_sheet_hbond.range_1_auth_asym_id 
_pdbx_struct_sheet_hbond.range_1_auth_seq_id 
_pdbx_struct_sheet_hbond.range_2_label_atom_id 
_pdbx_struct_sheet_hbond.range_2_label_comp_id 
_pdbx_struct_sheet_hbond.range_2_label_asym_id 
_pdbx_struct_sheet_hbond.range_2_label_seq_id 
_pdbx_struct_sheet_hbond.range_2_PDB_ins_code 
_pdbx_struct_sheet_hbond.range_2_auth_atom_id 
_pdbx_struct_sheet_hbond.range_2_auth_comp_id 
_pdbx_struct_sheet_hbond.range_2_auth_asym_id 
_pdbx_struct_sheet_hbond.range_2_auth_seq_id 
A 1 2 N LYS A 38 ? N LYS A 36 O HIS A 41 ? O HIS A 39 
A 2 3 N ILE A 44 ? N ILE A 42 O VAL A 67 ? O VAL A 65 
# 
loop_
_struct_site.id 
_struct_site.pdbx_evidence_code 
_struct_site.pdbx_auth_asym_id 
_struct_site.pdbx_auth_comp_id 
_struct_site.pdbx_auth_seq_id 
_struct_site.pdbx_auth_ins_code 
_struct_site.pdbx_num_residues 
_struct_site.details 
AC1 Software A ZN  200 ? 4  'BINDING SITE FOR RESIDUE ZN A 200'  
AC2 Software A CL  300 ? 5  'BINDING SITE FOR RESIDUE CL A 300'  
AC3 Software A ATP 500 ? 15 'BINDING SITE FOR RESIDUE ATP A 500' 
AC4 Software A 1PE 400 ? 10 'BINDING SITE FOR RESIDUE 1PE A 400' 
# 
loop_
_struct_site_gen.id 
_struct_site_gen.site_id 
_struct_site_gen.pdbx_num_res 
_struct_site_gen.label_comp_id 
_struct_site_gen.label_asym_id 
_struct_site_gen.label_seq_id 
_struct_site_gen.pdbx_auth_ins_code 
_struct_site_gen.auth_comp_id 
_struct_site_gen.auth_asym_id 
_struct_site_gen.auth_seq_id 
_struct_site_gen.label_atom_id 
_struct_site_gen.label_alt_id 
_struct_site_gen.symmetry 
_struct_site_gen.details 
1  AC1 4  CYS A 25 ? CYS A 23  . ? 1_555 ? 
2  AC1 4  CYS A 28 ? CYS A 26  . ? 1_555 ? 
3  AC1 4  CYS A 48 ? CYS A 46  . ? 1_555 ? 
4  AC1 4  CYS A 51 ? CYS A 49  . ? 1_555 ? 
5  AC2 5  LYS A 12 ? LYS A 10  . ? 1_555 ? 
6  AC2 5  TRP A 69 ? TRP A 67  . ? 1_555 ? 
7  AC2 5  TRP A 69 ? TRP A 67  . ? 4_556 ? 
8  AC2 5  LEU A 70 ? LEU A 68  . ? 4_556 ? 
9  AC2 5  LEU A 70 ? LEU A 68  . ? 1_555 ? 
10 AC3 15 ASP A 34 ? ASP A 32  . ? 1_555 ? 
11 AC3 15 LYS A 36 ? LYS A 34  . ? 1_555 ? 
12 AC3 15 ARG A 43 ? ARG A 41  . ? 1_555 ? 
13 AC3 15 TYR A 45 ? TYR A 43  . ? 1_555 ? 
14 AC3 15 ASN A 46 ? ASN A 44  . ? 1_555 ? 
15 AC3 15 MET A 47 ? MET A 45  . ? 1_555 ? 
16 AC3 15 PHE A 52 ? PHE A 50  . ? 1_555 ? 
17 AC3 15 HIS A 64 ? HIS A 62  . ? 1_555 ? 
18 AC3 15 GLY A 65 ? GLY A 63  . ? 1_555 ? 
19 AC3 15 HIS A 66 ? HIS A 64  . ? 1_555 ? 
20 AC3 15 HOH F .  ? HOH A 510 . ? 1_555 ? 
21 AC3 15 HOH F .  ? HOH A 535 . ? 1_555 ? 
22 AC3 15 HOH F .  ? HOH A 542 . ? 1_555 ? 
23 AC3 15 HOH F .  ? HOH A 549 . ? 1_555 ? 
24 AC3 15 HOH F .  ? HOH A 574 . ? 1_555 ? 
25 AC4 10 LEU A 16 ? LEU A 14  . ? 1_555 ? 
26 AC4 10 LYS A 17 ? LYS A 15  . ? 1_555 ? 
27 AC4 10 TYR A 20 ? TYR A 18  . ? 1_555 ? 
28 AC4 10 THR A 50 ? THR A 48  . ? 3_565 ? 
29 AC4 10 CYS A 51 ? CYS A 49  . ? 3_565 ? 
30 AC4 10 HOH F .  ? HOH A 604 . ? 1_555 ? 
31 AC4 10 HOH F .  ? HOH A 605 . ? 3_565 ? 
32 AC4 10 HOH F .  ? HOH A 608 . ? 1_555 ? 
33 AC4 10 HOH F .  ? HOH A 609 . ? 1_555 ? 
34 AC4 10 HOH F .  ? HOH A 610 . ? 1_555 ? 
# 
_pdbx_validate_close_contact.id               1 
_pdbx_validate_close_contact.PDB_model_num    1 
_pdbx_validate_close_contact.auth_atom_id_1   O 
_pdbx_validate_close_contact.auth_asym_id_1   A 
_pdbx_validate_close_contact.auth_comp_id_1   HOH 
_pdbx_validate_close_contact.auth_seq_id_1    514 
_pdbx_validate_close_contact.PDB_ins_code_1   ? 
_pdbx_validate_close_contact.label_alt_id_1   ? 
_pdbx_validate_close_contact.auth_atom_id_2   O 
_pdbx_validate_close_contact.auth_asym_id_2   A 
_pdbx_validate_close_contact.auth_comp_id_2   HOH 
_pdbx_validate_close_contact.auth_seq_id_2    593 
_pdbx_validate_close_contact.PDB_ins_code_2   ? 
_pdbx_validate_close_contact.label_alt_id_2   ? 
_pdbx_validate_close_contact.dist             2.13 
# 
_pdbx_validate_symm_contact.id                1 
_pdbx_validate_symm_contact.PDB_model_num     1 
_pdbx_validate_symm_contact.auth_atom_id_1    O 
_pdbx_validate_symm_contact.auth_asym_id_1    A 
_pdbx_validate_symm_contact.auth_comp_id_1    HOH 
_pdbx_validate_symm_contact.auth_seq_id_1     533 
_pdbx_validate_symm_contact.PDB_ins_code_1    ? 
_pdbx_validate_symm_contact.label_alt_id_1    ? 
_pdbx_validate_symm_contact.site_symmetry_1   1_555 
_pdbx_validate_symm_contact.auth_atom_id_2    O 
_pdbx_validate_symm_contact.auth_asym_id_2    A 
_pdbx_validate_symm_contact.auth_comp_id_2    HOH 
_pdbx_validate_symm_contact.auth_seq_id_2     599 
_pdbx_validate_symm_contact.PDB_ins_code_2    ? 
_pdbx_validate_symm_contact.label_alt_id_2    ? 
_pdbx_validate_symm_contact.site_symmetry_2   3_565 
_pdbx_validate_symm_contact.dist              1.95 
# 
loop_
_pdbx_validate_torsion.id 
_pdbx_validate_torsion.PDB_model_num 
_pdbx_validate_torsion.auth_comp_id 
_pdbx_validate_torsion.auth_asym_id 
_pdbx_validate_torsion.auth_seq_id 
_pdbx_validate_torsion.PDB_ins_code 
_pdbx_validate_torsion.label_alt_id 
_pdbx_validate_torsion.phi 
_pdbx_validate_torsion.psi 
1 1 CYS A 23 ? ? -39.90  129.96  
2 1 VAL A 28 ? ? -124.69 -55.47  
3 1 ASN A 37 ? ? 60.65   -112.70 
# 
_pdbx_struct_special_symmetry.id              1 
_pdbx_struct_special_symmetry.PDB_model_num   1 
_pdbx_struct_special_symmetry.auth_asym_id    A 
_pdbx_struct_special_symmetry.auth_comp_id    CL 
_pdbx_struct_special_symmetry.auth_seq_id     300 
_pdbx_struct_special_symmetry.PDB_ins_code    ? 
_pdbx_struct_special_symmetry.label_asym_id   C 
_pdbx_struct_special_symmetry.label_comp_id   CL 
_pdbx_struct_special_symmetry.label_seq_id    . 
# 
_diffrn_reflns.diffrn_id                   1 
_diffrn_reflns.pdbx_d_res_high             1.650 
_diffrn_reflns.pdbx_d_res_low              50.000 
_diffrn_reflns.pdbx_number_obs             20295 
_diffrn_reflns.pdbx_Rmerge_I_obs           0.056 
_diffrn_reflns.pdbx_Rsym_value             ? 
_diffrn_reflns.pdbx_chi_squared            1.26 
_diffrn_reflns.av_sigmaI_over_netI         17.50 
_diffrn_reflns.pdbx_redundancy             5.00 
_diffrn_reflns.pdbx_percent_possible_obs   99.10 
_diffrn_reflns.number                      102082 
_diffrn_reflns.pdbx_observed_criterion     ? 
_diffrn_reflns.limit_h_max                 ? 
_diffrn_reflns.limit_h_min                 ? 
_diffrn_reflns.limit_k_max                 ? 
_diffrn_reflns.limit_k_min                 ? 
_diffrn_reflns.limit_l_max                 ? 
_diffrn_reflns.limit_l_min                 ? 
# 
loop_
_pdbx_diffrn_reflns_shell.diffrn_id 
_pdbx_diffrn_reflns_shell.d_res_high 
_pdbx_diffrn_reflns_shell.d_res_low 
_pdbx_diffrn_reflns_shell.number_obs 
_pdbx_diffrn_reflns_shell.rejects 
_pdbx_diffrn_reflns_shell.Rmerge_I_obs 
_pdbx_diffrn_reflns_shell.Rsym_value 
_pdbx_diffrn_reflns_shell.chi_squared 
_pdbx_diffrn_reflns_shell.redundancy 
_pdbx_diffrn_reflns_shell.percent_possible_obs 
1 3.55 50.00 ? ? 0.034 ? 0.780 5.00 99.70 
1 2.82 3.55  ? ? 0.038 ? 0.837 5.20 99.90 
1 2.46 2.82  ? ? 0.062 ? 1.184 5.20 99.90 
1 2.24 2.46  ? ? 0.081 ? 1.265 5.20 99.80 
1 2.08 2.24  ? ? 0.106 ? 1.194 5.10 99.80 
1 1.96 2.08  ? ? 0.149 ? 1.344 5.10 99.40 
1 1.86 1.96  ? ? 0.230 ? 1.486 5.00 98.90 
1 1.78 1.86  ? ? 0.312 ? 1.510 4.90 98.80 
1 1.71 1.78  ? ? 0.444 ? 1.568 4.90 98.00 
1 1.65 1.71  ? ? 0.578 ? 1.558 4.70 96.90 
# 
loop_
_pdbx_phasing_MAD_set_site.id 
_pdbx_phasing_MAD_set_site.atom_type_symbol 
_pdbx_phasing_MAD_set_site.Cartn_x 
_pdbx_phasing_MAD_set_site.Cartn_y 
_pdbx_phasing_MAD_set_site.Cartn_z 
_pdbx_phasing_MAD_set_site.occupancy 
_pdbx_phasing_MAD_set_site.b_iso 
1 S -4.870 -8.538  6.124  0.94 12.86 
2 S 6.855  6.087   -7.921 0.63 30.00 
3 S 0.769  -7.738  8.401  1.09 30.41 
4 S -0.978 10.498  -3.775 0.74 28.15 
5 S -2.480 -8.290  4.764  1.20 29.74 
6 S -6.223 -10.284 4.513  0.93 25.67 
7 S -5.873 -6.578  6.454  1.32 25.53 
8 S -4.025 -9.666  7.728  0.67 11.67 
# 
_pdbx_phasing_MR.entry_id                     2P09 
_pdbx_phasing_MR.method_rotation              ? 
_pdbx_phasing_MR.method_translation           ? 
_pdbx_phasing_MR.model_details                ? 
_pdbx_phasing_MR.R_factor                     ? 
_pdbx_phasing_MR.R_rigid_body                 ? 
_pdbx_phasing_MR.correlation_coeff_Fo_to_Fc   ? 
_pdbx_phasing_MR.correlation_coeff_Io_to_Ic   ? 
_pdbx_phasing_MR.d_res_high_rotation          1.910 
_pdbx_phasing_MR.d_res_low_rotation           27.320 
_pdbx_phasing_MR.d_res_high_translation       1.910 
_pdbx_phasing_MR.d_res_low_translation        27.320 
_pdbx_phasing_MR.packing                      ? 
_pdbx_phasing_MR.reflns_percent_rotation      ? 
_pdbx_phasing_MR.reflns_percent_translation   ? 
_pdbx_phasing_MR.sigma_F_rotation             ? 
_pdbx_phasing_MR.sigma_F_translation          ? 
_pdbx_phasing_MR.sigma_I_rotation             ? 
_pdbx_phasing_MR.sigma_I_translation          ? 
# 
_phasing.method   MAD 
# 
loop_
_pdbx_unobs_or_zero_occ_residues.id 
_pdbx_unobs_or_zero_occ_residues.PDB_model_num 
_pdbx_unobs_or_zero_occ_residues.polymer_flag 
_pdbx_unobs_or_zero_occ_residues.occupancy_flag 
_pdbx_unobs_or_zero_occ_residues.auth_asym_id 
_pdbx_unobs_or_zero_occ_residues.auth_comp_id 
_pdbx_unobs_or_zero_occ_residues.auth_seq_id 
_pdbx_unobs_or_zero_occ_residues.PDB_ins_code 
_pdbx_unobs_or_zero_occ_residues.label_asym_id 
_pdbx_unobs_or_zero_occ_residues.label_comp_id 
_pdbx_unobs_or_zero_occ_residues.label_seq_id 
1  1 Y 1 A GLY -1 ? A GLY 1  
2  1 Y 1 A SER 0  ? A SER 2  
3  1 Y 1 A MET 1  ? A MET 3  
4  1 Y 1 A ASP 2  ? A ASP 4  
5  1 Y 1 A TYR 3  ? A TYR 5  
6  1 Y 1 A LYS 4  ? A LYS 6  
7  1 Y 1 A LYS 74 ? A LYS 76 
8  1 Y 1 A GLU 75 ? A GLU 77 
9  1 Y 1 A ILE 76 ? A ILE 78 
10 1 Y 1 A SER 77 ? A SER 79 
11 1 Y 1 A ASN 78 ? A ASN 80 
12 1 Y 1 A THR 79 ? A THR 81 
# 
loop_
_chem_comp_atom.comp_id 
_chem_comp_atom.atom_id 
_chem_comp_atom.type_symbol 
_chem_comp_atom.pdbx_aromatic_flag 
_chem_comp_atom.pdbx_stereo_config 
_chem_comp_atom.pdbx_ordinal 
1PE OH2    O  N N 1   
1PE C12    C  N N 2   
1PE C22    C  N N 3   
1PE OH3    O  N N 4   
1PE C13    C  N N 5   
1PE C23    C  N N 6   
1PE OH4    O  N N 7   
1PE C14    C  N N 8   
1PE C24    C  N N 9   
1PE OH5    O  N N 10  
1PE C15    C  N N 11  
1PE C25    C  N N 12  
1PE OH6    O  N N 13  
1PE C16    C  N N 14  
1PE C26    C  N N 15  
1PE OH7    O  N N 16  
1PE HO2    H  N N 17  
1PE H121   H  N N 18  
1PE H122   H  N N 19  
1PE H221   H  N N 20  
1PE H222   H  N N 21  
1PE H131   H  N N 22  
1PE H132   H  N N 23  
1PE H231   H  N N 24  
1PE H232   H  N N 25  
1PE H141   H  N N 26  
1PE H142   H  N N 27  
1PE H241   H  N N 28  
1PE H242   H  N N 29  
1PE H151   H  N N 30  
1PE H152   H  N N 31  
1PE H251   H  N N 32  
1PE H252   H  N N 33  
1PE H161   H  N N 34  
1PE H162   H  N N 35  
1PE H261   H  N N 36  
1PE H262   H  N N 37  
1PE HO7    H  N N 38  
ALA N      N  N N 39  
ALA CA     C  N S 40  
ALA C      C  N N 41  
ALA O      O  N N 42  
ALA CB     C  N N 43  
ALA OXT    O  N N 44  
ALA H      H  N N 45  
ALA H2     H  N N 46  
ALA HA     H  N N 47  
ALA HB1    H  N N 48  
ALA HB2    H  N N 49  
ALA HB3    H  N N 50  
ALA HXT    H  N N 51  
ARG N      N  N N 52  
ARG CA     C  N S 53  
ARG C      C  N N 54  
ARG O      O  N N 55  
ARG CB     C  N N 56  
ARG CG     C  N N 57  
ARG CD     C  N N 58  
ARG NE     N  N N 59  
ARG CZ     C  N N 60  
ARG NH1    N  N N 61  
ARG NH2    N  N N 62  
ARG OXT    O  N N 63  
ARG H      H  N N 64  
ARG H2     H  N N 65  
ARG HA     H  N N 66  
ARG HB2    H  N N 67  
ARG HB3    H  N N 68  
ARG HG2    H  N N 69  
ARG HG3    H  N N 70  
ARG HD2    H  N N 71  
ARG HD3    H  N N 72  
ARG HE     H  N N 73  
ARG HH11   H  N N 74  
ARG HH12   H  N N 75  
ARG HH21   H  N N 76  
ARG HH22   H  N N 77  
ARG HXT    H  N N 78  
ASN N      N  N N 79  
ASN CA     C  N S 80  
ASN C      C  N N 81  
ASN O      O  N N 82  
ASN CB     C  N N 83  
ASN CG     C  N N 84  
ASN OD1    O  N N 85  
ASN ND2    N  N N 86  
ASN OXT    O  N N 87  
ASN H      H  N N 88  
ASN H2     H  N N 89  
ASN HA     H  N N 90  
ASN HB2    H  N N 91  
ASN HB3    H  N N 92  
ASN HD21   H  N N 93  
ASN HD22   H  N N 94  
ASN HXT    H  N N 95  
ASP N      N  N N 96  
ASP CA     C  N S 97  
ASP C      C  N N 98  
ASP O      O  N N 99  
ASP CB     C  N N 100 
ASP CG     C  N N 101 
ASP OD1    O  N N 102 
ASP OD2    O  N N 103 
ASP OXT    O  N N 104 
ASP H      H  N N 105 
ASP H2     H  N N 106 
ASP HA     H  N N 107 
ASP HB2    H  N N 108 
ASP HB3    H  N N 109 
ASP HD2    H  N N 110 
ASP HXT    H  N N 111 
ATP PG     P  N N 112 
ATP O1G    O  N N 113 
ATP O2G    O  N N 114 
ATP O3G    O  N N 115 
ATP PB     P  N R 116 
ATP O1B    O  N N 117 
ATP O2B    O  N N 118 
ATP O3B    O  N N 119 
ATP PA     P  N R 120 
ATP O1A    O  N N 121 
ATP O2A    O  N N 122 
ATP O3A    O  N N 123 
ATP "O5'"  O  N N 124 
ATP "C5'"  C  N N 125 
ATP "C4'"  C  N R 126 
ATP "O4'"  O  N N 127 
ATP "C3'"  C  N S 128 
ATP "O3'"  O  N N 129 
ATP "C2'"  C  N R 130 
ATP "O2'"  O  N N 131 
ATP "C1'"  C  N R 132 
ATP N9     N  Y N 133 
ATP C8     C  Y N 134 
ATP N7     N  Y N 135 
ATP C5     C  Y N 136 
ATP C6     C  Y N 137 
ATP N6     N  N N 138 
ATP N1     N  Y N 139 
ATP C2     C  Y N 140 
ATP N3     N  Y N 141 
ATP C4     C  Y N 142 
ATP HOG2   H  N N 143 
ATP HOG3   H  N N 144 
ATP HOB2   H  N N 145 
ATP HOA2   H  N N 146 
ATP "H5'1" H  N N 147 
ATP "H5'2" H  N N 148 
ATP "H4'"  H  N N 149 
ATP "H3'"  H  N N 150 
ATP "HO3'" H  N N 151 
ATP "H2'"  H  N N 152 
ATP "HO2'" H  N N 153 
ATP "H1'"  H  N N 154 
ATP H8     H  N N 155 
ATP HN61   H  N N 156 
ATP HN62   H  N N 157 
ATP H2     H  N N 158 
CL  CL     CL N N 159 
CYS N      N  N N 160 
CYS CA     C  N R 161 
CYS C      C  N N 162 
CYS O      O  N N 163 
CYS CB     C  N N 164 
CYS SG     S  N N 165 
CYS OXT    O  N N 166 
CYS H      H  N N 167 
CYS H2     H  N N 168 
CYS HA     H  N N 169 
CYS HB2    H  N N 170 
CYS HB3    H  N N 171 
CYS HG     H  N N 172 
CYS HXT    H  N N 173 
GLU N      N  N N 174 
GLU CA     C  N S 175 
GLU C      C  N N 176 
GLU O      O  N N 177 
GLU CB     C  N N 178 
GLU CG     C  N N 179 
GLU CD     C  N N 180 
GLU OE1    O  N N 181 
GLU OE2    O  N N 182 
GLU OXT    O  N N 183 
GLU H      H  N N 184 
GLU H2     H  N N 185 
GLU HA     H  N N 186 
GLU HB2    H  N N 187 
GLU HB3    H  N N 188 
GLU HG2    H  N N 189 
GLU HG3    H  N N 190 
GLU HE2    H  N N 191 
GLU HXT    H  N N 192 
GLY N      N  N N 193 
GLY CA     C  N N 194 
GLY C      C  N N 195 
GLY O      O  N N 196 
GLY OXT    O  N N 197 
GLY H      H  N N 198 
GLY H2     H  N N 199 
GLY HA2    H  N N 200 
GLY HA3    H  N N 201 
GLY HXT    H  N N 202 
HIS N      N  N N 203 
HIS CA     C  N S 204 
HIS C      C  N N 205 
HIS O      O  N N 206 
HIS CB     C  N N 207 
HIS CG     C  Y N 208 
HIS ND1    N  Y N 209 
HIS CD2    C  Y N 210 
HIS CE1    C  Y N 211 
HIS NE2    N  Y N 212 
HIS OXT    O  N N 213 
HIS H      H  N N 214 
HIS H2     H  N N 215 
HIS HA     H  N N 216 
HIS HB2    H  N N 217 
HIS HB3    H  N N 218 
HIS HD1    H  N N 219 
HIS HD2    H  N N 220 
HIS HE1    H  N N 221 
HIS HE2    H  N N 222 
HIS HXT    H  N N 223 
HOH O      O  N N 224 
HOH H1     H  N N 225 
HOH H2     H  N N 226 
ILE N      N  N N 227 
ILE CA     C  N S 228 
ILE C      C  N N 229 
ILE O      O  N N 230 
ILE CB     C  N S 231 
ILE CG1    C  N N 232 
ILE CG2    C  N N 233 
ILE CD1    C  N N 234 
ILE OXT    O  N N 235 
ILE H      H  N N 236 
ILE H2     H  N N 237 
ILE HA     H  N N 238 
ILE HB     H  N N 239 
ILE HG12   H  N N 240 
ILE HG13   H  N N 241 
ILE HG21   H  N N 242 
ILE HG22   H  N N 243 
ILE HG23   H  N N 244 
ILE HD11   H  N N 245 
ILE HD12   H  N N 246 
ILE HD13   H  N N 247 
ILE HXT    H  N N 248 
LEU N      N  N N 249 
LEU CA     C  N S 250 
LEU C      C  N N 251 
LEU O      O  N N 252 
LEU CB     C  N N 253 
LEU CG     C  N N 254 
LEU CD1    C  N N 255 
LEU CD2    C  N N 256 
LEU OXT    O  N N 257 
LEU H      H  N N 258 
LEU H2     H  N N 259 
LEU HA     H  N N 260 
LEU HB2    H  N N 261 
LEU HB3    H  N N 262 
LEU HG     H  N N 263 
LEU HD11   H  N N 264 
LEU HD12   H  N N 265 
LEU HD13   H  N N 266 
LEU HD21   H  N N 267 
LEU HD22   H  N N 268 
LEU HD23   H  N N 269 
LEU HXT    H  N N 270 
LYS N      N  N N 271 
LYS CA     C  N S 272 
LYS C      C  N N 273 
LYS O      O  N N 274 
LYS CB     C  N N 275 
LYS CG     C  N N 276 
LYS CD     C  N N 277 
LYS CE     C  N N 278 
LYS NZ     N  N N 279 
LYS OXT    O  N N 280 
LYS H      H  N N 281 
LYS H2     H  N N 282 
LYS HA     H  N N 283 
LYS HB2    H  N N 284 
LYS HB3    H  N N 285 
LYS HG2    H  N N 286 
LYS HG3    H  N N 287 
LYS HD2    H  N N 288 
LYS HD3    H  N N 289 
LYS HE2    H  N N 290 
LYS HE3    H  N N 291 
LYS HZ1    H  N N 292 
LYS HZ2    H  N N 293 
LYS HZ3    H  N N 294 
LYS HXT    H  N N 295 
MET N      N  N N 296 
MET CA     C  N S 297 
MET C      C  N N 298 
MET O      O  N N 299 
MET CB     C  N N 300 
MET CG     C  N N 301 
MET SD     S  N N 302 
MET CE     C  N N 303 
MET OXT    O  N N 304 
MET H      H  N N 305 
MET H2     H  N N 306 
MET HA     H  N N 307 
MET HB2    H  N N 308 
MET HB3    H  N N 309 
MET HG2    H  N N 310 
MET HG3    H  N N 311 
MET HE1    H  N N 312 
MET HE2    H  N N 313 
MET HE3    H  N N 314 
MET HXT    H  N N 315 
PHE N      N  N N 316 
PHE CA     C  N S 317 
PHE C      C  N N 318 
PHE O      O  N N 319 
PHE CB     C  N N 320 
PHE CG     C  Y N 321 
PHE CD1    C  Y N 322 
PHE CD2    C  Y N 323 
PHE CE1    C  Y N 324 
PHE CE2    C  Y N 325 
PHE CZ     C  Y N 326 
PHE OXT    O  N N 327 
PHE H      H  N N 328 
PHE H2     H  N N 329 
PHE HA     H  N N 330 
PHE HB2    H  N N 331 
PHE HB3    H  N N 332 
PHE HD1    H  N N 333 
PHE HD2    H  N N 334 
PHE HE1    H  N N 335 
PHE HE2    H  N N 336 
PHE HZ     H  N N 337 
PHE HXT    H  N N 338 
PRO N      N  N N 339 
PRO CA     C  N S 340 
PRO C      C  N N 341 
PRO O      O  N N 342 
PRO CB     C  N N 343 
PRO CG     C  N N 344 
PRO CD     C  N N 345 
PRO OXT    O  N N 346 
PRO H      H  N N 347 
PRO HA     H  N N 348 
PRO HB2    H  N N 349 
PRO HB3    H  N N 350 
PRO HG2    H  N N 351 
PRO HG3    H  N N 352 
PRO HD2    H  N N 353 
PRO HD3    H  N N 354 
PRO HXT    H  N N 355 
SER N      N  N N 356 
SER CA     C  N S 357 
SER C      C  N N 358 
SER O      O  N N 359 
SER CB     C  N N 360 
SER OG     O  N N 361 
SER OXT    O  N N 362 
SER H      H  N N 363 
SER H2     H  N N 364 
SER HA     H  N N 365 
SER HB2    H  N N 366 
SER HB3    H  N N 367 
SER HG     H  N N 368 
SER HXT    H  N N 369 
THR N      N  N N 370 
THR CA     C  N S 371 
THR C      C  N N 372 
THR O      O  N N 373 
THR CB     C  N R 374 
THR OG1    O  N N 375 
THR CG2    C  N N 376 
THR OXT    O  N N 377 
THR H      H  N N 378 
THR H2     H  N N 379 
THR HA     H  N N 380 
THR HB     H  N N 381 
THR HG1    H  N N 382 
THR HG21   H  N N 383 
THR HG22   H  N N 384 
THR HG23   H  N N 385 
THR HXT    H  N N 386 
TRP N      N  N N 387 
TRP CA     C  N S 388 
TRP C      C  N N 389 
TRP O      O  N N 390 
TRP CB     C  N N 391 
TRP CG     C  Y N 392 
TRP CD1    C  Y N 393 
TRP CD2    C  Y N 394 
TRP NE1    N  Y N 395 
TRP CE2    C  Y N 396 
TRP CE3    C  Y N 397 
TRP CZ2    C  Y N 398 
TRP CZ3    C  Y N 399 
TRP CH2    C  Y N 400 
TRP OXT    O  N N 401 
TRP H      H  N N 402 
TRP H2     H  N N 403 
TRP HA     H  N N 404 
TRP HB2    H  N N 405 
TRP HB3    H  N N 406 
TRP HD1    H  N N 407 
TRP HE1    H  N N 408 
TRP HE3    H  N N 409 
TRP HZ2    H  N N 410 
TRP HZ3    H  N N 411 
TRP HH2    H  N N 412 
TRP HXT    H  N N 413 
TYR N      N  N N 414 
TYR CA     C  N S 415 
TYR C      C  N N 416 
TYR O      O  N N 417 
TYR CB     C  N N 418 
TYR CG     C  Y N 419 
TYR CD1    C  Y N 420 
TYR CD2    C  Y N 421 
TYR CE1    C  Y N 422 
TYR CE2    C  Y N 423 
TYR CZ     C  Y N 424 
TYR OH     O  N N 425 
TYR OXT    O  N N 426 
TYR H      H  N N 427 
TYR H2     H  N N 428 
TYR HA     H  N N 429 
TYR HB2    H  N N 430 
TYR HB3    H  N N 431 
TYR HD1    H  N N 432 
TYR HD2    H  N N 433 
TYR HE1    H  N N 434 
TYR HE2    H  N N 435 
TYR HH     H  N N 436 
TYR HXT    H  N N 437 
VAL N      N  N N 438 
VAL CA     C  N S 439 
VAL C      C  N N 440 
VAL O      O  N N 441 
VAL CB     C  N N 442 
VAL CG1    C  N N 443 
VAL CG2    C  N N 444 
VAL OXT    O  N N 445 
VAL H      H  N N 446 
VAL H2     H  N N 447 
VAL HA     H  N N 448 
VAL HB     H  N N 449 
VAL HG11   H  N N 450 
VAL HG12   H  N N 451 
VAL HG13   H  N N 452 
VAL HG21   H  N N 453 
VAL HG22   H  N N 454 
VAL HG23   H  N N 455 
VAL HXT    H  N N 456 
ZN  ZN     ZN N N 457 
# 
loop_
_chem_comp_bond.comp_id 
_chem_comp_bond.atom_id_1 
_chem_comp_bond.atom_id_2 
_chem_comp_bond.value_order 
_chem_comp_bond.pdbx_aromatic_flag 
_chem_comp_bond.pdbx_stereo_config 
_chem_comp_bond.pdbx_ordinal 
1PE OH2   C12    sing N N 1   
1PE OH2   HO2    sing N N 2   
1PE C12   C22    sing N N 3   
1PE C12   H121   sing N N 4   
1PE C12   H122   sing N N 5   
1PE C22   OH3    sing N N 6   
1PE C22   H221   sing N N 7   
1PE C22   H222   sing N N 8   
1PE OH3   C23    sing N N 9   
1PE C13   C23    sing N N 10  
1PE C13   OH4    sing N N 11  
1PE C13   H131   sing N N 12  
1PE C13   H132   sing N N 13  
1PE C23   H231   sing N N 14  
1PE C23   H232   sing N N 15  
1PE OH4   C24    sing N N 16  
1PE C14   C24    sing N N 17  
1PE C14   OH5    sing N N 18  
1PE C14   H141   sing N N 19  
1PE C14   H142   sing N N 20  
1PE C24   H241   sing N N 21  
1PE C24   H242   sing N N 22  
1PE OH5   C25    sing N N 23  
1PE C15   C25    sing N N 24  
1PE C15   OH6    sing N N 25  
1PE C15   H151   sing N N 26  
1PE C15   H152   sing N N 27  
1PE C25   H251   sing N N 28  
1PE C25   H252   sing N N 29  
1PE OH6   C26    sing N N 30  
1PE C16   C26    sing N N 31  
1PE C16   OH7    sing N N 32  
1PE C16   H161   sing N N 33  
1PE C16   H162   sing N N 34  
1PE C26   H261   sing N N 35  
1PE C26   H262   sing N N 36  
1PE OH7   HO7    sing N N 37  
ALA N     CA     sing N N 38  
ALA N     H      sing N N 39  
ALA N     H2     sing N N 40  
ALA CA    C      sing N N 41  
ALA CA    CB     sing N N 42  
ALA CA    HA     sing N N 43  
ALA C     O      doub N N 44  
ALA C     OXT    sing N N 45  
ALA CB    HB1    sing N N 46  
ALA CB    HB2    sing N N 47  
ALA CB    HB3    sing N N 48  
ALA OXT   HXT    sing N N 49  
ARG N     CA     sing N N 50  
ARG N     H      sing N N 51  
ARG N     H2     sing N N 52  
ARG CA    C      sing N N 53  
ARG CA    CB     sing N N 54  
ARG CA    HA     sing N N 55  
ARG C     O      doub N N 56  
ARG C     OXT    sing N N 57  
ARG CB    CG     sing N N 58  
ARG CB    HB2    sing N N 59  
ARG CB    HB3    sing N N 60  
ARG CG    CD     sing N N 61  
ARG CG    HG2    sing N N 62  
ARG CG    HG3    sing N N 63  
ARG CD    NE     sing N N 64  
ARG CD    HD2    sing N N 65  
ARG CD    HD3    sing N N 66  
ARG NE    CZ     sing N N 67  
ARG NE    HE     sing N N 68  
ARG CZ    NH1    sing N N 69  
ARG CZ    NH2    doub N N 70  
ARG NH1   HH11   sing N N 71  
ARG NH1   HH12   sing N N 72  
ARG NH2   HH21   sing N N 73  
ARG NH2   HH22   sing N N 74  
ARG OXT   HXT    sing N N 75  
ASN N     CA     sing N N 76  
ASN N     H      sing N N 77  
ASN N     H2     sing N N 78  
ASN CA    C      sing N N 79  
ASN CA    CB     sing N N 80  
ASN CA    HA     sing N N 81  
ASN C     O      doub N N 82  
ASN C     OXT    sing N N 83  
ASN CB    CG     sing N N 84  
ASN CB    HB2    sing N N 85  
ASN CB    HB3    sing N N 86  
ASN CG    OD1    doub N N 87  
ASN CG    ND2    sing N N 88  
ASN ND2   HD21   sing N N 89  
ASN ND2   HD22   sing N N 90  
ASN OXT   HXT    sing N N 91  
ASP N     CA     sing N N 92  
ASP N     H      sing N N 93  
ASP N     H2     sing N N 94  
ASP CA    C      sing N N 95  
ASP CA    CB     sing N N 96  
ASP CA    HA     sing N N 97  
ASP C     O      doub N N 98  
ASP C     OXT    sing N N 99  
ASP CB    CG     sing N N 100 
ASP CB    HB2    sing N N 101 
ASP CB    HB3    sing N N 102 
ASP CG    OD1    doub N N 103 
ASP CG    OD2    sing N N 104 
ASP OD2   HD2    sing N N 105 
ASP OXT   HXT    sing N N 106 
ATP PG    O1G    doub N N 107 
ATP PG    O2G    sing N N 108 
ATP PG    O3G    sing N N 109 
ATP PG    O3B    sing N N 110 
ATP O2G   HOG2   sing N N 111 
ATP O3G   HOG3   sing N N 112 
ATP PB    O1B    doub N N 113 
ATP PB    O2B    sing N N 114 
ATP PB    O3B    sing N N 115 
ATP PB    O3A    sing N N 116 
ATP O2B   HOB2   sing N N 117 
ATP PA    O1A    doub N N 118 
ATP PA    O2A    sing N N 119 
ATP PA    O3A    sing N N 120 
ATP PA    "O5'"  sing N N 121 
ATP O2A   HOA2   sing N N 122 
ATP "O5'" "C5'"  sing N N 123 
ATP "C5'" "C4'"  sing N N 124 
ATP "C5'" "H5'1" sing N N 125 
ATP "C5'" "H5'2" sing N N 126 
ATP "C4'" "O4'"  sing N N 127 
ATP "C4'" "C3'"  sing N N 128 
ATP "C4'" "H4'"  sing N N 129 
ATP "O4'" "C1'"  sing N N 130 
ATP "C3'" "O3'"  sing N N 131 
ATP "C3'" "C2'"  sing N N 132 
ATP "C3'" "H3'"  sing N N 133 
ATP "O3'" "HO3'" sing N N 134 
ATP "C2'" "O2'"  sing N N 135 
ATP "C2'" "C1'"  sing N N 136 
ATP "C2'" "H2'"  sing N N 137 
ATP "O2'" "HO2'" sing N N 138 
ATP "C1'" N9     sing N N 139 
ATP "C1'" "H1'"  sing N N 140 
ATP N9    C8     sing Y N 141 
ATP N9    C4     sing Y N 142 
ATP C8    N7     doub Y N 143 
ATP C8    H8     sing N N 144 
ATP N7    C5     sing Y N 145 
ATP C5    C6     sing Y N 146 
ATP C5    C4     doub Y N 147 
ATP C6    N6     sing N N 148 
ATP C6    N1     doub Y N 149 
ATP N6    HN61   sing N N 150 
ATP N6    HN62   sing N N 151 
ATP N1    C2     sing Y N 152 
ATP C2    N3     doub Y N 153 
ATP C2    H2     sing N N 154 
ATP N3    C4     sing Y N 155 
CYS N     CA     sing N N 156 
CYS N     H      sing N N 157 
CYS N     H2     sing N N 158 
CYS CA    C      sing N N 159 
CYS CA    CB     sing N N 160 
CYS CA    HA     sing N N 161 
CYS C     O      doub N N 162 
CYS C     OXT    sing N N 163 
CYS CB    SG     sing N N 164 
CYS CB    HB2    sing N N 165 
CYS CB    HB3    sing N N 166 
CYS SG    HG     sing N N 167 
CYS OXT   HXT    sing N N 168 
GLU N     CA     sing N N 169 
GLU N     H      sing N N 170 
GLU N     H2     sing N N 171 
GLU CA    C      sing N N 172 
GLU CA    CB     sing N N 173 
GLU CA    HA     sing N N 174 
GLU C     O      doub N N 175 
GLU C     OXT    sing N N 176 
GLU CB    CG     sing N N 177 
GLU CB    HB2    sing N N 178 
GLU CB    HB3    sing N N 179 
GLU CG    CD     sing N N 180 
GLU CG    HG2    sing N N 181 
GLU CG    HG3    sing N N 182 
GLU CD    OE1    doub N N 183 
GLU CD    OE2    sing N N 184 
GLU OE2   HE2    sing N N 185 
GLU OXT   HXT    sing N N 186 
GLY N     CA     sing N N 187 
GLY N     H      sing N N 188 
GLY N     H2     sing N N 189 
GLY CA    C      sing N N 190 
GLY CA    HA2    sing N N 191 
GLY CA    HA3    sing N N 192 
GLY C     O      doub N N 193 
GLY C     OXT    sing N N 194 
GLY OXT   HXT    sing N N 195 
HIS N     CA     sing N N 196 
HIS N     H      sing N N 197 
HIS N     H2     sing N N 198 
HIS CA    C      sing N N 199 
HIS CA    CB     sing N N 200 
HIS CA    HA     sing N N 201 
HIS C     O      doub N N 202 
HIS C     OXT    sing N N 203 
HIS CB    CG     sing N N 204 
HIS CB    HB2    sing N N 205 
HIS CB    HB3    sing N N 206 
HIS CG    ND1    sing Y N 207 
HIS CG    CD2    doub Y N 208 
HIS ND1   CE1    doub Y N 209 
HIS ND1   HD1    sing N N 210 
HIS CD2   NE2    sing Y N 211 
HIS CD2   HD2    sing N N 212 
HIS CE1   NE2    sing Y N 213 
HIS CE1   HE1    sing N N 214 
HIS NE2   HE2    sing N N 215 
HIS OXT   HXT    sing N N 216 
HOH O     H1     sing N N 217 
HOH O     H2     sing N N 218 
ILE N     CA     sing N N 219 
ILE N     H      sing N N 220 
ILE N     H2     sing N N 221 
ILE CA    C      sing N N 222 
ILE CA    CB     sing N N 223 
ILE CA    HA     sing N N 224 
ILE C     O      doub N N 225 
ILE C     OXT    sing N N 226 
ILE CB    CG1    sing N N 227 
ILE CB    CG2    sing N N 228 
ILE CB    HB     sing N N 229 
ILE CG1   CD1    sing N N 230 
ILE CG1   HG12   sing N N 231 
ILE CG1   HG13   sing N N 232 
ILE CG2   HG21   sing N N 233 
ILE CG2   HG22   sing N N 234 
ILE CG2   HG23   sing N N 235 
ILE CD1   HD11   sing N N 236 
ILE CD1   HD12   sing N N 237 
ILE CD1   HD13   sing N N 238 
ILE OXT   HXT    sing N N 239 
LEU N     CA     sing N N 240 
LEU N     H      sing N N 241 
LEU N     H2     sing N N 242 
LEU CA    C      sing N N 243 
LEU CA    CB     sing N N 244 
LEU CA    HA     sing N N 245 
LEU C     O      doub N N 246 
LEU C     OXT    sing N N 247 
LEU CB    CG     sing N N 248 
LEU CB    HB2    sing N N 249 
LEU CB    HB3    sing N N 250 
LEU CG    CD1    sing N N 251 
LEU CG    CD2    sing N N 252 
LEU CG    HG     sing N N 253 
LEU CD1   HD11   sing N N 254 
LEU CD1   HD12   sing N N 255 
LEU CD1   HD13   sing N N 256 
LEU CD2   HD21   sing N N 257 
LEU CD2   HD22   sing N N 258 
LEU CD2   HD23   sing N N 259 
LEU OXT   HXT    sing N N 260 
LYS N     CA     sing N N 261 
LYS N     H      sing N N 262 
LYS N     H2     sing N N 263 
LYS CA    C      sing N N 264 
LYS CA    CB     sing N N 265 
LYS CA    HA     sing N N 266 
LYS C     O      doub N N 267 
LYS C     OXT    sing N N 268 
LYS CB    CG     sing N N 269 
LYS CB    HB2    sing N N 270 
LYS CB    HB3    sing N N 271 
LYS CG    CD     sing N N 272 
LYS CG    HG2    sing N N 273 
LYS CG    HG3    sing N N 274 
LYS CD    CE     sing N N 275 
LYS CD    HD2    sing N N 276 
LYS CD    HD3    sing N N 277 
LYS CE    NZ     sing N N 278 
LYS CE    HE2    sing N N 279 
LYS CE    HE3    sing N N 280 
LYS NZ    HZ1    sing N N 281 
LYS NZ    HZ2    sing N N 282 
LYS NZ    HZ3    sing N N 283 
LYS OXT   HXT    sing N N 284 
MET N     CA     sing N N 285 
MET N     H      sing N N 286 
MET N     H2     sing N N 287 
MET CA    C      sing N N 288 
MET CA    CB     sing N N 289 
MET CA    HA     sing N N 290 
MET C     O      doub N N 291 
MET C     OXT    sing N N 292 
MET CB    CG     sing N N 293 
MET CB    HB2    sing N N 294 
MET CB    HB3    sing N N 295 
MET CG    SD     sing N N 296 
MET CG    HG2    sing N N 297 
MET CG    HG3    sing N N 298 
MET SD    CE     sing N N 299 
MET CE    HE1    sing N N 300 
MET CE    HE2    sing N N 301 
MET CE    HE3    sing N N 302 
MET OXT   HXT    sing N N 303 
PHE N     CA     sing N N 304 
PHE N     H      sing N N 305 
PHE N     H2     sing N N 306 
PHE CA    C      sing N N 307 
PHE CA    CB     sing N N 308 
PHE CA    HA     sing N N 309 
PHE C     O      doub N N 310 
PHE C     OXT    sing N N 311 
PHE CB    CG     sing N N 312 
PHE CB    HB2    sing N N 313 
PHE CB    HB3    sing N N 314 
PHE CG    CD1    doub Y N 315 
PHE CG    CD2    sing Y N 316 
PHE CD1   CE1    sing Y N 317 
PHE CD1   HD1    sing N N 318 
PHE CD2   CE2    doub Y N 319 
PHE CD2   HD2    sing N N 320 
PHE CE1   CZ     doub Y N 321 
PHE CE1   HE1    sing N N 322 
PHE CE2   CZ     sing Y N 323 
PHE CE2   HE2    sing N N 324 
PHE CZ    HZ     sing N N 325 
PHE OXT   HXT    sing N N 326 
PRO N     CA     sing N N 327 
PRO N     CD     sing N N 328 
PRO N     H      sing N N 329 
PRO CA    C      sing N N 330 
PRO CA    CB     sing N N 331 
PRO CA    HA     sing N N 332 
PRO C     O      doub N N 333 
PRO C     OXT    sing N N 334 
PRO CB    CG     sing N N 335 
PRO CB    HB2    sing N N 336 
PRO CB    HB3    sing N N 337 
PRO CG    CD     sing N N 338 
PRO CG    HG2    sing N N 339 
PRO CG    HG3    sing N N 340 
PRO CD    HD2    sing N N 341 
PRO CD    HD3    sing N N 342 
PRO OXT   HXT    sing N N 343 
SER N     CA     sing N N 344 
SER N     H      sing N N 345 
SER N     H2     sing N N 346 
SER CA    C      sing N N 347 
SER CA    CB     sing N N 348 
SER CA    HA     sing N N 349 
SER C     O      doub N N 350 
SER C     OXT    sing N N 351 
SER CB    OG     sing N N 352 
SER CB    HB2    sing N N 353 
SER CB    HB3    sing N N 354 
SER OG    HG     sing N N 355 
SER OXT   HXT    sing N N 356 
THR N     CA     sing N N 357 
THR N     H      sing N N 358 
THR N     H2     sing N N 359 
THR CA    C      sing N N 360 
THR CA    CB     sing N N 361 
THR CA    HA     sing N N 362 
THR C     O      doub N N 363 
THR C     OXT    sing N N 364 
THR CB    OG1    sing N N 365 
THR CB    CG2    sing N N 366 
THR CB    HB     sing N N 367 
THR OG1   HG1    sing N N 368 
THR CG2   HG21   sing N N 369 
THR CG2   HG22   sing N N 370 
THR CG2   HG23   sing N N 371 
THR OXT   HXT    sing N N 372 
TRP N     CA     sing N N 373 
TRP N     H      sing N N 374 
TRP N     H2     sing N N 375 
TRP CA    C      sing N N 376 
TRP CA    CB     sing N N 377 
TRP CA    HA     sing N N 378 
TRP C     O      doub N N 379 
TRP C     OXT    sing N N 380 
TRP CB    CG     sing N N 381 
TRP CB    HB2    sing N N 382 
TRP CB    HB3    sing N N 383 
TRP CG    CD1    doub Y N 384 
TRP CG    CD2    sing Y N 385 
TRP CD1   NE1    sing Y N 386 
TRP CD1   HD1    sing N N 387 
TRP CD2   CE2    doub Y N 388 
TRP CD2   CE3    sing Y N 389 
TRP NE1   CE2    sing Y N 390 
TRP NE1   HE1    sing N N 391 
TRP CE2   CZ2    sing Y N 392 
TRP CE3   CZ3    doub Y N 393 
TRP CE3   HE3    sing N N 394 
TRP CZ2   CH2    doub Y N 395 
TRP CZ2   HZ2    sing N N 396 
TRP CZ3   CH2    sing Y N 397 
TRP CZ3   HZ3    sing N N 398 
TRP CH2   HH2    sing N N 399 
TRP OXT   HXT    sing N N 400 
TYR N     CA     sing N N 401 
TYR N     H      sing N N 402 
TYR N     H2     sing N N 403 
TYR CA    C      sing N N 404 
TYR CA    CB     sing N N 405 
TYR CA    HA     sing N N 406 
TYR C     O      doub N N 407 
TYR C     OXT    sing N N 408 
TYR CB    CG     sing N N 409 
TYR CB    HB2    sing N N 410 
TYR CB    HB3    sing N N 411 
TYR CG    CD1    doub Y N 412 
TYR CG    CD2    sing Y N 413 
TYR CD1   CE1    sing Y N 414 
TYR CD1   HD1    sing N N 415 
TYR CD2   CE2    doub Y N 416 
TYR CD2   HD2    sing N N 417 
TYR CE1   CZ     doub Y N 418 
TYR CE1   HE1    sing N N 419 
TYR CE2   CZ     sing Y N 420 
TYR CE2   HE2    sing N N 421 
TYR CZ    OH     sing N N 422 
TYR OH    HH     sing N N 423 
TYR OXT   HXT    sing N N 424 
VAL N     CA     sing N N 425 
VAL N     H      sing N N 426 
VAL N     H2     sing N N 427 
VAL CA    C      sing N N 428 
VAL CA    CB     sing N N 429 
VAL CA    HA     sing N N 430 
VAL C     O      doub N N 431 
VAL C     OXT    sing N N 432 
VAL CB    CG1    sing N N 433 
VAL CB    CG2    sing N N 434 
VAL CB    HB     sing N N 435 
VAL CG1   HG11   sing N N 436 
VAL CG1   HG12   sing N N 437 
VAL CG1   HG13   sing N N 438 
VAL CG2   HG21   sing N N 439 
VAL CG2   HG22   sing N N 440 
VAL CG2   HG23   sing N N 441 
VAL OXT   HXT    sing N N 442 
# 
_atom_sites.entry_id                    2P09 
_atom_sites.fract_transf_matrix[1][1]   -0.00098948 
_atom_sites.fract_transf_matrix[1][2]   -0.01082455 
_atom_sites.fract_transf_matrix[1][3]   -0.01155419 
_atom_sites.fract_transf_matrix[2][1]   -0.01148706 
_atom_sites.fract_transf_matrix[2][2]   -0.01093472 
_atom_sites.fract_transf_matrix[2][3]   0.00033790 
_atom_sites.fract_transf_matrix[3][1]   -0.01089504 
_atom_sites.fract_transf_matrix[3][2]   0.01115137 
_atom_sites.fract_transf_matrix[3][3]   -0.00951414 
_atom_sites.fract_transf_vector[1]      0.393891 
_atom_sites.fract_transf_vector[2]      0.561022 
_atom_sites.fract_transf_vector[3]      0.431741 
# 
loop_
_atom_type.symbol 
C  
CL 
N  
O  
P  
S  
ZN 
# 
loop_
_atom_site.group_PDB 
_atom_site.id 
_atom_site.type_symbol 
_atom_site.label_atom_id 
_atom_site.label_alt_id 
_atom_site.label_comp_id 
_atom_site.label_asym_id 
_atom_site.label_entity_id 
_atom_site.label_seq_id 
_atom_site.pdbx_PDB_ins_code 
_atom_site.Cartn_x 
_atom_site.Cartn_y 
_atom_site.Cartn_z 
_atom_site.occupancy 
_atom_site.B_iso_or_equiv 
_atom_site.pdbx_formal_charge 
_atom_site.auth_seq_id 
_atom_site.auth_comp_id 
_atom_site.auth_asym_id 
_atom_site.auth_atom_id 
_atom_site.pdbx_PDB_model_num 
ATOM   1   N  N     . ASP A 1 7  ? -2.652  11.988  -21.007 1.00 35.92 ? 5   ASP A N     1 
ATOM   2   C  CA    . ASP A 1 7  ? -2.032  12.966  -20.060 1.00 34.32 ? 5   ASP A CA    1 
ATOM   3   C  C     . ASP A 1 7  ? -1.143  12.092  -19.132 1.00 32.04 ? 5   ASP A C     1 
ATOM   4   O  O     . ASP A 1 7  ? -1.561  10.990  -18.701 1.00 30.69 ? 5   ASP A O     1 
ATOM   5   C  CB    . ASP A 1 7  ? -3.134  13.782  -19.351 1.00 36.69 ? 5   ASP A CB    1 
ATOM   6   C  CG    . ASP A 1 7  ? -2.746  14.258  -17.985 1.00 39.25 ? 5   ASP A CG    1 
ATOM   7   O  OD1   . ASP A 1 7  ? -2.707  13.399  -17.083 1.00 40.70 ? 5   ASP A OD1   1 
ATOM   8   O  OD2   . ASP A 1 7  ? -2.575  15.492  -17.772 1.00 46.35 ? 5   ASP A OD2   1 
ATOM   9   N  N     . ASP A 1 8  ? 0.110   12.525  -18.923 1.00 28.89 ? 6   ASP A N     1 
ATOM   10  C  CA    . ASP A 1 8  ? 1.066   11.644  -18.224 1.00 26.30 ? 6   ASP A CA    1 
ATOM   11  C  C     . ASP A 1 8  ? 0.677   11.449  -16.756 1.00 24.65 ? 6   ASP A C     1 
ATOM   12  O  O     . ASP A 1 8  ? 0.923   10.360  -16.202 1.00 23.83 ? 6   ASP A O     1 
ATOM   13  C  CB    . ASP A 1 8  ? 2.527   12.126  -18.357 1.00 24.80 ? 6   ASP A CB    1 
ATOM   14  C  CG    . ASP A 1 8  ? 2.984   12.230  -19.825 1.00 26.22 ? 6   ASP A CG    1 
ATOM   15  O  OD1   . ASP A 1 8  ? 2.507   11.453  -20.679 1.00 24.90 ? 6   ASP A OD1   1 
ATOM   16  O  OD2   . ASP A 1 8  ? 3.817   13.110  -20.120 1.00 26.76 ? 6   ASP A OD2   1 
ATOM   17  N  N     . ASP A 1 9  ? 0.125   12.483  -16.102 1.00 25.60 ? 7   ASP A N     1 
ATOM   18  C  CA    . ASP A 1 9  ? -0.338  12.299  -14.702 1.00 26.57 ? 7   ASP A CA    1 
ATOM   19  C  C     . ASP A 1 9  ? -1.381  11.191  -14.620 1.00 26.55 ? 7   ASP A C     1 
ATOM   20  O  O     . ASP A 1 9  ? -1.402  10.417  -13.636 1.00 25.33 ? 7   ASP A O     1 
ATOM   21  C  CB    . ASP A 1 9  ? -0.938  13.596  -14.118 1.00 26.55 ? 7   ASP A CB    1 
ATOM   22  C  CG    . ASP A 1 9  ? 0.114   14.565  -13.617 1.00 29.74 ? 7   ASP A CG    1 
ATOM   23  O  OD1   . ASP A 1 9  ? -0.227  15.769  -13.525 1.00 32.34 ? 7   ASP A OD1   1 
ATOM   24  O  OD2   . ASP A 1 9  ? 1.276   14.185  -13.303 1.00 27.12 ? 7   ASP A OD2   1 
ATOM   25  N  N     . ASP A 1 10 ? -2.237  11.072  -15.645 1.00 26.22 ? 8   ASP A N     1 
ATOM   26  C  CA    . ASP A 1 10 ? -3.220  9.982   -15.672 1.00 26.99 ? 8   ASP A CA    1 
ATOM   27  C  C     . ASP A 1 10 ? -2.582  8.604   -15.814 1.00 25.14 ? 8   ASP A C     1 
ATOM   28  O  O     . ASP A 1 10 ? -3.111  7.622   -15.301 1.00 26.12 ? 8   ASP A O     1 
ATOM   29  C  CB    . ASP A 1 10 ? -4.268  10.179  -16.785 1.00 27.71 ? 8   ASP A CB    1 
ATOM   30  C  CG    . ASP A 1 10 ? -5.286  11.287  -16.468 1.00 33.13 ? 8   ASP A CG    1 
ATOM   31  O  OD1   . ASP A 1 10 ? -6.068  11.623  -17.397 1.00 37.66 ? 8   ASP A OD1   1 
ATOM   32  O  OD2   . ASP A 1 10 ? -5.311  11.824  -15.324 1.00 34.57 ? 8   ASP A OD2   1 
ATOM   33  N  N     . LYS A 1 11 ? -1.466  8.509   -16.544 1.00 23.90 ? 9   LYS A N     1 
ATOM   34  C  CA    . LYS A 1 11 ? -0.760  7.230   -16.658 1.00 23.06 ? 9   LYS A CA    1 
ATOM   35  C  C     . LYS A 1 11 ? -0.298  6.802   -15.251 1.00 22.75 ? 9   LYS A C     1 
ATOM   36  O  O     . LYS A 1 11 ? -0.403  5.611   -14.911 1.00 22.44 ? 9   LYS A O     1 
ATOM   37  C  CB    . LYS A 1 11 ? 0.470   7.338   -17.564 1.00 23.85 ? 9   LYS A CB    1 
ATOM   38  C  CG    . LYS A 1 11 ? 0.189   7.685   -19.071 1.00 23.40 ? 9   LYS A CG    1 
ATOM   39  C  CD    . LYS A 1 11 ? 1.547   7.757   -19.843 1.00 24.61 ? 9   LYS A CD    1 
ATOM   40  C  CE    . LYS A 1 11 ? 1.400   7.912   -21.384 1.00 25.44 ? 9   LYS A CE    1 
ATOM   41  N  NZ    . LYS A 1 11 ? 0.818   9.247   -21.713 1.00 25.39 ? 9   LYS A NZ    1 
ATOM   42  N  N     . LYS A 1 12 ? 0.235   7.771   -14.497 1.00 21.17 ? 10  LYS A N     1 
ATOM   43  C  CA    . LYS A 1 12 ? 0.717   7.464   -13.121 1.00 20.94 ? 10  LYS A CA    1 
ATOM   44  C  C     . LYS A 1 12 ? -0.474  7.057   -12.243 1.00 20.84 ? 10  LYS A C     1 
ATOM   45  O  O     . LYS A 1 12 ? -0.460  6.015   -11.627 1.00 19.83 ? 10  LYS A O     1 
ATOM   46  C  CB    . LYS A 1 12 ? 1.453   8.640   -12.494 1.00 20.40 ? 10  LYS A CB    1 
ATOM   47  C  CG    . LYS A 1 12 ? 1.864   8.409   -10.999 1.00 20.14 ? 10  LYS A CG    1 
ATOM   48  C  CD    . LYS A 1 12 ? 2.793   7.195   -10.726 1.00 19.03 ? 10  LYS A CD    1 
ATOM   49  C  CE    . LYS A 1 12 ? 4.266   7.441   -11.224 1.00 21.97 ? 10  LYS A CE    1 
ATOM   50  N  NZ    . LYS A 1 12 ? 5.022   8.328   -10.322 1.00 24.24 ? 10  LYS A NZ    1 
ATOM   51  N  N     . THR A 1 13 ? -1.523  7.878   -12.224 1.00 21.03 ? 11  THR A N     1 
ATOM   52  C  CA    . THR A 1 13 ? -2.706  7.560   -11.391 1.00 21.49 ? 11  THR A CA    1 
ATOM   53  C  C     . THR A 1 13 ? -3.303  6.178   -11.744 1.00 21.70 ? 11  THR A C     1 
ATOM   54  O  O     . THR A 1 13 ? -3.597  5.337   -10.863 1.00 21.26 ? 11  THR A O     1 
ATOM   55  C  CB    . THR A 1 13 ? -3.777  8.680   -11.545 1.00 21.67 ? 11  THR A CB    1 
ATOM   56  O  OG1   . THR A 1 13 ? -3.218  9.933   -11.147 1.00 22.29 ? 11  THR A OG1   1 
ATOM   57  C  CG2   . THR A 1 13 ? -5.018  8.357   -10.654 1.00 24.25 ? 11  THR A CG2   1 
ATOM   58  N  N     . ASN A 1 14 ? -3.460  5.881   -13.033 1.00 21.34 ? 12  ASN A N     1 
ATOM   59  C  CA    . ASN A 1 14 ? -3.988  4.580   -13.438 1.00 22.26 ? 12  ASN A CA    1 
ATOM   60  C  C     . ASN A 1 14 ? -3.115  3.417   -12.997 1.00 21.49 ? 12  ASN A C     1 
ATOM   61  O  O     . ASN A 1 14 ? -3.607  2.341   -12.627 1.00 21.05 ? 12  ASN A O     1 
ATOM   62  C  CB    . ASN A 1 14 ? -4.216  4.554   -14.950 1.00 24.81 ? 12  ASN A CB    1 
ATOM   63  C  CG    . ASN A 1 14 ? -5.433  5.363   -15.334 1.00 28.87 ? 12  ASN A CG    1 
ATOM   64  O  OD1   . ASN A 1 14 ? -6.249  5.726   -14.461 1.00 36.07 ? 12  ASN A OD1   1 
ATOM   65  N  ND2   . ASN A 1 14 ? -5.565  5.683   -16.635 1.00 35.03 ? 12  ASN A ND2   1 
ATOM   66  N  N     . TRP A 1 15 ? -1.797  3.643   -13.078 1.00 19.79 ? 13  TRP A N     1 
ATOM   67  C  CA    . TRP A 1 15 ? -0.887  2.624   -12.597 1.00 19.07 ? 13  TRP A CA    1 
ATOM   68  C  C     . TRP A 1 15 ? -1.036  2.411   -11.084 1.00 18.10 ? 13  TRP A C     1 
ATOM   69  O  O     . TRP A 1 15 ? -1.045  1.270   -10.626 1.00 18.24 ? 13  TRP A O     1 
ATOM   70  C  CB    . TRP A 1 15 ? 0.574   2.950   -12.927 1.00 19.11 ? 13  TRP A CB    1 
ATOM   71  C  CG    . TRP A 1 15 ? 1.118   2.243   -14.140 1.00 20.16 ? 13  TRP A CG    1 
ATOM   72  C  CD1   . TRP A 1 15 ? 1.647   2.826   -15.283 1.00 19.74 ? 13  TRP A CD1   1 
ATOM   73  C  CD2   . TRP A 1 15 ? 1.240   0.828   -14.312 1.00 19.69 ? 13  TRP A CD2   1 
ATOM   74  N  NE1   . TRP A 1 15 ? 2.099   1.827   -16.169 1.00 20.90 ? 13  TRP A NE1   1 
ATOM   75  C  CE2   . TRP A 1 15 ? 1.842   0.597   -15.600 1.00 21.58 ? 13  TRP A CE2   1 
ATOM   76  C  CE3   . TRP A 1 15 ? 0.901   -0.289  -13.497 1.00 20.86 ? 13  TRP A CE3   1 
ATOM   77  C  CZ2   . TRP A 1 15 ? 2.100   -0.695  -16.080 1.00 23.15 ? 13  TRP A CZ2   1 
ATOM   78  C  CZ3   . TRP A 1 15 ? 1.145   -1.567  -13.980 1.00 20.63 ? 13  TRP A CZ3   1 
ATOM   79  C  CH2   . TRP A 1 15 ? 1.748   -1.767  -15.258 1.00 22.67 ? 13  TRP A CH2   1 
ATOM   80  N  N     . LEU A 1 16 ? -1.110  3.515   -10.325 1.00 18.13 ? 14  LEU A N     1 
ATOM   81  C  CA    . LEU A 1 16 ? -1.243  3.347   -8.844  1.00 17.68 ? 14  LEU A CA    1 
ATOM   82  C  C     . LEU A 1 16 ? -2.551  2.624   -8.481  1.00 18.61 ? 14  LEU A C     1 
ATOM   83  O  O     . LEU A 1 16 ? -2.587  1.783   -7.561  1.00 18.64 ? 14  LEU A O     1 
ATOM   84  C  CB    . LEU A 1 16 ? -1.112  4.686   -8.154  1.00 17.89 ? 14  LEU A CB    1 
ATOM   85  C  CG    . LEU A 1 16 ? 0.238   5.399   -8.321  1.00 18.63 ? 14  LEU A CG    1 
ATOM   86  C  CD1   . LEU A 1 16 ? 0.334   6.692   -7.468  1.00 19.88 ? 14  LEU A CD1   1 
ATOM   87  C  CD2   . LEU A 1 16 ? 1.409   4.422   -7.999  1.00 19.57 ? 14  LEU A CD2   1 
ATOM   88  N  N     . LYS A 1 17 ? -3.635  2.932   -9.212  1.00 18.62 ? 15  LYS A N     1 
ATOM   89  C  CA    . LYS A 1 17 ? -4.898  2.180   -8.981  1.00 19.47 ? 15  LYS A CA    1 
ATOM   90  C  C     . LYS A 1 17 ? -4.732  0.692   -9.235  1.00 19.68 ? 15  LYS A C     1 
ATOM   91  O  O     . LYS A 1 17 ? -5.179  -0.160  -8.440  1.00 20.43 ? 15  LYS A O     1 
ATOM   92  C  CB    . LYS A 1 17 ? -5.989  2.756   -9.890  1.00 20.19 ? 15  LYS A CB    1 
ATOM   93  C  CG    . LYS A 1 17 ? -6.404  4.124   -9.446  1.00 23.68 ? 15  LYS A CG    1 
ATOM   94  C  CD    . LYS A 1 17 ? -7.611  4.603   -10.275 1.00 31.68 ? 15  LYS A CD    1 
ATOM   95  C  CE    . LYS A 1 17 ? -7.944  6.009   -9.835  1.00 36.23 ? 15  LYS A CE    1 
ATOM   96  N  NZ    . LYS A 1 17 ? -8.882  6.738   -10.754 1.00 41.90 ? 15  LYS A NZ    1 
ATOM   97  N  N     . ARG A 1 18 ? -4.044  0.358   -10.328 1.00 19.24 ? 16  ARG A N     1 
ATOM   98  C  CA    . ARG A 1 18 ? -3.786  -1.023  -10.660 1.00 19.80 ? 16  ARG A CA    1 
ATOM   99  C  C     . ARG A 1 18 ? -2.889  -1.697  -9.617  1.00 20.10 ? 16  ARG A C     1 
ATOM   100 O  O     . ARG A 1 18 ? -3.218  -2.781  -9.106  1.00 20.00 ? 16  ARG A O     1 
ATOM   101 C  CB    . ARG A 1 18 ? -3.127  -1.100  -12.038 1.00 20.75 ? 16  ARG A CB    1 
ATOM   102 C  CG    . ARG A 1 18 ? -2.795  -2.504  -12.420 1.00 24.52 ? 16  ARG A CG    1 
ATOM   103 C  CD    . ARG A 1 18 ? -2.524  -2.656  -13.912 1.00 33.86 ? 16  ARG A CD    1 
ATOM   104 N  NE    . ARG A 1 18 ? -2.229  -4.062  -14.184 1.00 41.71 ? 16  ARG A NE    1 
ATOM   105 C  CZ    . ARG A 1 18 ? -3.161  -5.002  -14.423 1.00 46.50 ? 16  ARG A CZ    1 
ATOM   106 N  NH1   . ARG A 1 18 ? -4.458  -4.690  -14.471 1.00 48.47 ? 16  ARG A NH1   1 
ATOM   107 N  NH2   . ARG A 1 18 ? -2.792  -6.260  -14.637 1.00 47.83 ? 16  ARG A NH2   1 
ATOM   108 N  N     . ILE A 1 19 ? -1.774  -1.049  -9.296  1.00 17.81 ? 17  ILE A N     1 
ATOM   109 C  CA    . ILE A 1 19 ? -0.842  -1.617  -8.293  1.00 17.81 ? 17  ILE A CA    1 
ATOM   110 C  C     . ILE A 1 19 ? -1.582  -1.897  -6.956  1.00 17.75 ? 17  ILE A C     1 
ATOM   111 O  O     . ILE A 1 19 ? -1.434  -2.980  -6.348  1.00 18.56 ? 17  ILE A O     1 
ATOM   112 C  CB    . ILE A 1 19 ? 0.310   -0.624  -8.067  1.00 17.89 ? 17  ILE A CB    1 
ATOM   113 C  CG1   . ILE A 1 19 ? 1.226   -0.643  -9.320  1.00 17.53 ? 17  ILE A CG1   1 
ATOM   114 C  CG2   . ILE A 1 19 ? 1.119   -0.972  -6.785  1.00 18.33 ? 17  ILE A CG2   1 
ATOM   115 C  CD1   . ILE A 1 19 ? 2.105   0.589   -9.428  1.00 20.42 ? 17  ILE A CD1   1 
ATOM   116 N  N     . TYR A 1 20 ? -2.414  -0.951  -6.528  1.00 17.32 ? 18  TYR A N     1 
ATOM   117 C  CA    . TYR A 1 20 ? -3.145  -1.120  -5.271  1.00 17.21 ? 18  TYR A CA    1 
ATOM   118 C  C     . TYR A 1 20 ? -4.137  -2.279  -5.356  1.00 19.18 ? 18  TYR A C     1 
ATOM   119 O  O     . TYR A 1 20 ? -4.322  -3.071  -4.403  1.00 19.66 ? 18  TYR A O     1 
ATOM   120 C  CB    . TYR A 1 20 ? -3.847  0.179   -4.928  1.00 17.67 ? 18  TYR A CB    1 
ATOM   121 C  CG    . TYR A 1 20 ? -4.545  0.072   -3.587  1.00 16.35 ? 18  TYR A CG    1 
ATOM   122 C  CD1   . TYR A 1 20 ? -3.797  0.117   -2.382  1.00 15.93 ? 18  TYR A CD1   1 
ATOM   123 C  CD2   . TYR A 1 20 ? -5.945  -0.085  -3.526  1.00 16.13 ? 18  TYR A CD2   1 
ATOM   124 C  CE1   . TYR A 1 20 ? -4.421  0.023   -1.134  1.00 15.49 ? 18  TYR A CE1   1 
ATOM   125 C  CE2   . TYR A 1 20 ? -6.591  -0.185  -2.310  1.00 16.98 ? 18  TYR A CE2   1 
ATOM   126 C  CZ    . TYR A 1 20 ? -5.822  -0.143  -1.099  1.00 16.54 ? 18  TYR A CZ    1 
ATOM   127 O  OH    . TYR A 1 20 ? -6.407  -0.266  0.113   1.00 16.51 ? 18  TYR A OH    1 
ATOM   128 N  N     . ARG A 1 21 ? -4.796  -2.391  -6.516  1.00 19.99 ? 19  ARG A N     1 
ATOM   129 C  CA    . ARG A 1 21 ? -5.852  -3.374  -6.698  1.00 23.76 ? 19  ARG A CA    1 
ATOM   130 C  C     . ARG A 1 21 ? -5.320  -4.787  -6.751  1.00 22.60 ? 19  ARG A C     1 
ATOM   131 O  O     . ARG A 1 21 ? -5.908  -5.698  -6.128  1.00 23.85 ? 19  ARG A O     1 
ATOM   132 C  CB    . ARG A 1 21 ? -6.600  -3.094  -8.009  1.00 23.47 ? 19  ARG A CB    1 
ATOM   133 C  CG    . ARG A 1 21 ? -7.873  -3.909  -8.182  1.00 28.26 ? 19  ARG A CG    1 
ATOM   134 C  CD    . ARG A 1 21 ? -8.507  -3.575  -9.564  1.00 30.26 ? 19  ARG A CD    1 
ATOM   135 N  NE    . ARG A 1 21 ? -8.101  -4.585  -10.560 1.00 42.78 ? 19  ARG A NE    1 
ATOM   136 C  CZ    . ARG A 1 21 ? -7.379  -4.359  -11.656 1.00 46.09 ? 19  ARG A CZ    1 
ATOM   137 N  NH1   . ARG A 1 21 ? -6.960  -3.136  -11.977 1.00 48.63 ? 19  ARG A NH1   1 
ATOM   138 N  NH2   . ARG A 1 21 ? -7.082  -5.380  -12.446 1.00 49.15 ? 19  ARG A NH2   1 
ATOM   139 N  N     . VAL A 1 22 ? -4.224  -4.991  -7.500  1.00 21.66 ? 20  VAL A N     1 
ATOM   140 C  CA    . VAL A 1 22 ? -3.819  -6.335  -7.869  1.00 21.98 ? 20  VAL A CA    1 
ATOM   141 C  C     . VAL A 1 22 ? -2.945  -7.088  -6.830  1.00 22.56 ? 20  VAL A C     1 
ATOM   142 O  O     . VAL A 1 22 ? -2.749  -8.299  -6.949  1.00 23.47 ? 20  VAL A O     1 
ATOM   143 C  CB    . VAL A 1 22 ? -3.181  -6.414  -9.312  1.00 23.25 ? 20  VAL A CB    1 
ATOM   144 C  CG1   . VAL A 1 22 ? -4.108  -5.758  -10.345 1.00 25.22 ? 20  VAL A CG1   1 
ATOM   145 C  CG2   . VAL A 1 22 ? -1.816  -5.784  -9.339  1.00 24.40 ? 20  VAL A CG2   1 
ATOM   146 N  N     . ARG A 1 23 ? -2.445  -6.371  -5.809  1.00 21.29 ? 21  ARG A N     1 
ATOM   147 C  CA    . ARG A 1 23 ? -1.619  -7.014  -4.755  1.00 21.39 ? 21  ARG A CA    1 
ATOM   148 C  C     . ARG A 1 23 ? -2.253  -6.699  -3.390  1.00 20.36 ? 21  ARG A C     1 
ATOM   149 O  O     . ARG A 1 23 ? -2.048  -5.621  -2.840  1.00 19.80 ? 21  ARG A O     1 
ATOM   150 C  CB    . ARG A 1 23 ? -0.138  -6.564  -4.818  1.00 21.91 ? 21  ARG A CB    1 
ATOM   151 C  CG    . ARG A 1 23 ? 0.531   -7.123  -6.079  1.00 25.19 ? 21  ARG A CG    1 
ATOM   152 C  CD    . ARG A 1 23 ? 2.009   -6.997  -6.063  1.00 35.37 ? 21  ARG A CD    1 
ATOM   153 N  NE    . ARG A 1 23 ? 2.619   -7.997  -5.195  1.00 39.30 ? 21  ARG A NE    1 
ATOM   154 C  CZ    . ARG A 1 23 ? 2.958   -9.229  -5.587  1.00 42.38 ? 21  ARG A CZ    1 
ATOM   155 N  NH1   . ARG A 1 23 ? 2.721   -9.640  -6.834  1.00 42.97 ? 21  ARG A NH1   1 
ATOM   156 N  NH2   . ARG A 1 23 ? 3.521   -10.061 -4.719  1.00 41.61 ? 21  ARG A NH2   1 
ATOM   157 N  N     . PRO A 1 24 ? -3.017  -7.664  -2.875  1.00 20.58 ? 22  PRO A N     1 
ATOM   158 C  CA    . PRO A 1 24 ? -3.694  -7.543  -1.584  1.00 19.37 ? 22  PRO A CA    1 
ATOM   159 C  C     . PRO A 1 24 ? -2.677  -7.676  -0.454  1.00 18.79 ? 22  PRO A C     1 
ATOM   160 O  O     . PRO A 1 24 ? -1.472  -7.893  -0.690  1.00 17.62 ? 22  PRO A O     1 
ATOM   161 C  CB    . PRO A 1 24 ? -4.642  -8.730  -1.546  1.00 20.36 ? 22  PRO A CB    1 
ATOM   162 C  CG    . PRO A 1 24 ? -4.069  -9.718  -2.514  1.00 25.07 ? 22  PRO A CG    1 
ATOM   163 C  CD    . PRO A 1 24 ? -3.319  -8.950  -3.541  1.00 22.11 ? 22  PRO A CD    1 
ATOM   164 N  N     . CYS A 1 25 ? -3.208  -7.478  0.750   1.00 16.71 ? 23  CYS A N     1 
ATOM   165 C  CA    . CYS A 1 25 ? -2.452  -7.623  2.025   1.00 15.78 ? 23  CYS A CA    1 
ATOM   166 C  C     . CYS A 1 25 ? -1.516  -8.844  1.933   1.00 15.93 ? 23  CYS A C     1 
ATOM   167 O  O     . CYS A 1 25 ? -1.982  -9.959  1.585   1.00 17.51 ? 23  CYS A O     1 
ATOM   168 C  CB    . CYS A 1 25 ? -3.497  -7.891  3.119   1.00 15.22 ? 23  CYS A CB    1 
ATOM   169 S  SG    . CYS A 1 25 ? -2.665  -8.222  4.730   1.00 17.41 ? 23  CYS A SG    1 
ATOM   170 N  N     . VAL A 1 26 ? -0.235  -8.649  2.277   1.00 17.19 ? 24  VAL A N     1 
ATOM   171 C  CA    . VAL A 1 26 ? 0.762   -9.748  2.203   1.00 17.92 ? 24  VAL A CA    1 
ATOM   172 C  C     . VAL A 1 26 ? 0.490   -10.862 3.238   1.00 18.11 ? 24  VAL A C     1 
ATOM   173 O  O     . VAL A 1 26 ? 1.036   -11.989 3.116   1.00 20.33 ? 24  VAL A O     1 
ATOM   174 C  CB    . VAL A 1 26 ? 2.212   -9.265  2.388   1.00 17.71 ? 24  VAL A CB    1 
ATOM   175 C  CG1   . VAL A 1 26 ? 2.648   -8.238  1.302   1.00 19.99 ? 24  VAL A CG1   1 
ATOM   176 C  CG2   . VAL A 1 26 ? 2.431   -8.655  3.811   1.00 17.55 ? 24  VAL A CG2   1 
ATOM   177 N  N     . LYS A 1 27 ? -0.316  -10.549 4.259   1.00 16.83 ? 25  LYS A N     1 
ATOM   178 C  CA    . LYS A 1 27 ? -0.582  -11.494 5.358   1.00 17.89 ? 25  LYS A CA    1 
ATOM   179 C  C     . LYS A 1 27 ? -1.847  -12.316 5.105   1.00 18.40 ? 25  LYS A C     1 
ATOM   180 O  O     . LYS A 1 27 ? -1.779  -13.547 5.058   1.00 19.80 ? 25  LYS A O     1 
ATOM   181 C  CB    . LYS A 1 27 ? -0.538  -10.771 6.732   1.00 17.08 ? 25  LYS A CB    1 
ATOM   182 C  CG    . LYS A 1 27 ? -0.794  -11.711 7.911   1.00 19.18 ? 25  LYS A CG    1 
ATOM   183 C  CD    . LYS A 1 27 ? 0.425   -12.643 8.090   1.00 18.00 ? 25  LYS A CD    1 
ATOM   184 C  CE    . LYS A 1 27 ? 0.078   -13.645 9.182   1.00 17.03 ? 25  LYS A CE    1 
ATOM   185 N  NZ    . LYS A 1 27 ? 1.243   -14.549 9.368   1.00 18.28 ? 25  LYS A NZ    1 
ATOM   186 N  N     . CYS A 1 28 ? -3.010  -11.679 4.918   1.00 18.67 ? 26  CYS A N     1 
ATOM   187 C  CA    . CYS A 1 28 ? -4.241  -12.456 4.727   1.00 18.22 ? 26  CYS A CA    1 
ATOM   188 C  C     . CYS A 1 28 ? -4.500  -12.760 3.259   1.00 18.21 ? 26  CYS A C     1 
ATOM   189 O  O     . CYS A 1 28 ? -5.374  -13.614 2.988   1.00 20.88 ? 26  CYS A O     1 
ATOM   190 C  CB    . CYS A 1 28 ? -5.455  -11.758 5.363   1.00 17.67 ? 26  CYS A CB    1 
ATOM   191 S  SG    . CYS A 1 28 ? -5.905  -10.169 4.498   1.00 18.63 ? 26  CYS A SG    1 
ATOM   192 N  N     . LYS A 1 29 ? -3.799  -12.056 2.358   1.00 18.89 ? 27  LYS A N     1 
ATOM   193 C  CA    . LYS A 1 29 ? -3.828  -12.380 0.896   1.00 21.09 ? 27  LYS A CA    1 
ATOM   194 C  C     . LYS A 1 29 ? -5.177  -12.042 0.274   1.00 21.37 ? 27  LYS A C     1 
ATOM   195 O  O     . LYS A 1 29 ? -5.411  -12.405 -0.915  1.00 23.24 ? 27  LYS A O     1 
ATOM   196 C  CB    . LYS A 1 29 ? -3.559  -13.900 0.639   1.00 21.68 ? 27  LYS A CB    1 
ATOM   197 C  CG    . LYS A 1 29 ? -2.395  -14.438 1.391   1.00 27.39 ? 27  LYS A CG    1 
ATOM   198 C  CD    . LYS A 1 29 ? -1.137  -13.855 0.840   1.00 33.06 ? 27  LYS A CD    1 
ATOM   199 C  CE    . LYS A 1 29 ? 0.048   -14.698 1.300   1.00 38.17 ? 27  LYS A CE    1 
ATOM   200 N  NZ    . LYS A 1 29 ? 1.291   -13.880 1.118   1.00 40.55 ? 27  LYS A NZ    1 
ATOM   201 N  N     . VAL A 1 30 ? -6.061  -11.373 1.004   1.00 21.13 ? 28  VAL A N     1 
ATOM   202 C  CA    A VAL A 1 30 ? -7.426  -11.077 0.524   0.50 20.56 ? 28  VAL A CA    1 
ATOM   203 C  CA    B VAL A 1 30 ? -7.373  -11.037 0.438   0.50 20.72 ? 28  VAL A CA    1 
ATOM   204 C  C     . VAL A 1 30 ? -7.761  -9.570  0.565   1.00 21.14 ? 28  VAL A C     1 
ATOM   205 O  O     . VAL A 1 30 ? -8.177  -8.955  -0.453  1.00 21.72 ? 28  VAL A O     1 
ATOM   206 C  CB    A VAL A 1 30 ? -8.513  -11.818 1.346   0.50 20.46 ? 28  VAL A CB    1 
ATOM   207 C  CB    B VAL A 1 30 ? -8.531  -11.932 0.946   0.50 21.13 ? 28  VAL A CB    1 
ATOM   208 C  CG1   A VAL A 1 30 ? -9.896  -11.480 0.795   0.50 20.18 ? 28  VAL A CG1   1 
ATOM   209 C  CG1   B VAL A 1 30 ? -8.410  -13.339 0.362   0.50 20.96 ? 28  VAL A CG1   1 
ATOM   210 C  CG2   A VAL A 1 30 ? -8.286  -13.363 1.344   0.50 21.78 ? 28  VAL A CG2   1 
ATOM   211 C  CG2   B VAL A 1 30 ? -8.581  -11.971 2.443   0.50 21.01 ? 28  VAL A CG2   1 
ATOM   212 N  N     . ALA A 1 31 ? -7.608  -8.993  1.757   1.00 19.34 ? 29  ALA A N     1 
ATOM   213 C  CA    . ALA A 1 31 ? -8.027  -7.610  1.930   1.00 19.04 ? 29  ALA A CA    1 
ATOM   214 C  C     . ALA A 1 31 ? -7.039  -6.678  1.231   1.00 18.17 ? 29  ALA A C     1 
ATOM   215 O  O     . ALA A 1 31 ? -5.842  -6.982  1.141   1.00 18.90 ? 29  ALA A O     1 
ATOM   216 C  CB    . ALA A 1 31 ? -8.120  -7.245  3.427   1.00 19.24 ? 29  ALA A CB    1 
ATOM   217 N  N     . PRO A 1 32 ? -7.532  -5.497  0.790   1.00 17.12 ? 30  PRO A N     1 
ATOM   218 C  CA    . PRO A 1 32 ? -6.586  -4.477  0.292   1.00 17.43 ? 30  PRO A CA    1 
ATOM   219 C  C     . PRO A 1 32 ? -5.728  -3.901  1.428   1.00 16.51 ? 30  PRO A C     1 
ATOM   220 O  O     . PRO A 1 32 ? -6.061  -3.995  2.633   1.00 16.76 ? 30  PRO A O     1 
ATOM   221 C  CB    . PRO A 1 32 ? -7.493  -3.342  -0.272  1.00 17.42 ? 30  PRO A CB    1 
ATOM   222 C  CG    . PRO A 1 32 ? -8.876  -3.711  0.080   1.00 20.74 ? 30  PRO A CG    1 
ATOM   223 C  CD    . PRO A 1 32 ? -8.950  -5.032  0.800   1.00 18.06 ? 30  PRO A CD    1 
ATOM   224 N  N     . ARG A 1 33 ? -4.574  -3.366  1.037   1.00 16.00 ? 31  ARG A N     1 
ATOM   225 C  CA    . ARG A 1 33 ? -3.616  -2.834  1.973   1.00 16.55 ? 31  ARG A CA    1 
ATOM   226 C  C     . ARG A 1 33 ? -4.021  -1.506  2.601   1.00 15.22 ? 31  ARG A C     1 
ATOM   227 O  O     . ARG A 1 33 ? -4.693  -0.641  1.969   1.00 15.21 ? 31  ARG A O     1 
ATOM   228 C  CB    . ARG A 1 33 ? -2.249  -2.652  1.257   1.00 16.50 ? 31  ARG A CB    1 
ATOM   229 C  CG    . ARG A 1 33 ? -1.676  -4.011  0.876   1.00 16.83 ? 31  ARG A CG    1 
ATOM   230 C  CD    . ARG A 1 33 ? -0.450  -3.849  -0.039  1.00 18.27 ? 31  ARG A CD    1 
ATOM   231 N  NE    . ARG A 1 33 ? -0.117  -5.167  -0.582  1.00 19.34 ? 31  ARG A NE    1 
ATOM   232 C  CZ    . ARG A 1 33 ? 1.102   -5.580  -0.946  1.00 20.58 ? 31  ARG A CZ    1 
ATOM   233 N  NH1   . ARG A 1 33 ? 2.188   -4.803  -0.771  1.00 22.72 ? 31  ARG A NH1   1 
ATOM   234 N  NH2   . ARG A 1 33 ? 1.244   -6.803  -1.464  1.00 21.23 ? 31  ARG A NH2   1 
ATOM   235 N  N     . ASP A 1 34 ? -3.531  -1.261  3.811   1.00 14.49 ? 32  ASP A N     1 
ATOM   236 C  CA    . ASP A 1 34 ? -3.656  0.075   4.328   1.00 14.68 ? 32  ASP A CA    1 
ATOM   237 C  C     . ASP A 1 34 ? -2.706  0.998   3.527   1.00 14.75 ? 32  ASP A C     1 
ATOM   238 O  O     . ASP A 1 34 ? -1.787  0.508   2.840   1.00 16.07 ? 32  ASP A O     1 
ATOM   239 C  CB    . ASP A 1 34 ? -3.266  0.127   5.809   1.00 15.55 ? 32  ASP A CB    1 
ATOM   240 C  CG    . ASP A 1 34 ? -3.757  1.437   6.477   1.00 16.07 ? 32  ASP A CG    1 
ATOM   241 O  OD1   . ASP A 1 34 ? -4.679  2.098   5.939   1.00 18.91 ? 32  ASP A OD1   1 
ATOM   242 O  OD2   . ASP A 1 34 ? -3.157  1.838   7.497   1.00 20.99 ? 32  ASP A OD2   1 
ATOM   243 N  N     . TRP A 1 35 ? -2.956  2.296   3.625   1.00 15.68 ? 33  TRP A N     1 
ATOM   244 C  CA    . TRP A 1 35 ? -2.166  3.299   2.880   1.00 15.08 ? 33  TRP A CA    1 
ATOM   245 C  C     . TRP A 1 35 ? -2.363  4.655   3.532   1.00 16.58 ? 33  TRP A C     1 
ATOM   246 O  O     . TRP A 1 35 ? -3.276  4.861   4.356   1.00 15.93 ? 33  TRP A O     1 
ATOM   247 C  CB    . TRP A 1 35 ? -2.676  3.335   1.398   1.00 15.25 ? 33  TRP A CB    1 
ATOM   248 C  CG    . TRP A 1 35 ? -4.151  3.667   1.327   1.00 15.51 ? 33  TRP A CG    1 
ATOM   249 C  CD1   . TRP A 1 35 ? -5.206  2.771   1.461   1.00 15.71 ? 33  TRP A CD1   1 
ATOM   250 C  CD2   . TRP A 1 35 ? -4.749  4.974   1.192   1.00 16.55 ? 33  TRP A CD2   1 
ATOM   251 N  NE1   . TRP A 1 35 ? -6.410  3.455   1.389   1.00 16.03 ? 33  TRP A NE1   1 
ATOM   252 C  CE2   . TRP A 1 35 ? -6.154  4.793   1.231   1.00 15.94 ? 33  TRP A CE2   1 
ATOM   253 C  CE3   . TRP A 1 35 ? -4.231  6.278   1.054   1.00 16.26 ? 33  TRP A CE3   1 
ATOM   254 C  CZ2   . TRP A 1 35 ? -7.059  5.877   1.138   1.00 16.13 ? 33  TRP A CZ2   1 
ATOM   255 C  CZ3   . TRP A 1 35 ? -5.131  7.357   0.932   1.00 16.35 ? 33  TRP A CZ3   1 
ATOM   256 C  CH2   . TRP A 1 35 ? -6.540  7.133   0.976   1.00 16.74 ? 33  TRP A CH2   1 
ATOM   257 N  N     . LYS A 1 36 ? -1.523  5.610   3.159   1.00 15.91 ? 34  LYS A N     1 
ATOM   258 C  CA    . LYS A 1 36 ? -1.763  6.993   3.545   1.00 17.04 ? 34  LYS A CA    1 
ATOM   259 C  C     . LYS A 1 36 ? -1.132  7.892   2.509   1.00 18.03 ? 34  LYS A C     1 
ATOM   260 O  O     . LYS A 1 36 ? -0.280  7.434   1.722   1.00 17.01 ? 34  LYS A O     1 
ATOM   261 C  CB    . LYS A 1 36 ? -1.203  7.315   4.931   1.00 18.18 ? 34  LYS A CB    1 
ATOM   262 C  CG    . LYS A 1 36 ? 0.306   7.340   5.033   1.00 18.40 ? 34  LYS A CG    1 
ATOM   263 C  CD    . LYS A 1 36 ? 0.718   7.925   6.410   1.00 20.50 ? 34  LYS A CD    1 
ATOM   264 C  CE    . LYS A 1 36 ? 2.238   8.129   6.437   1.00 25.10 ? 34  LYS A CE    1 
ATOM   265 N  NZ    . LYS A 1 36 ? 2.745   8.695   7.752   1.00 29.22 ? 34  LYS A NZ    1 
ATOM   266 N  N     . VAL A 1 37 ? -1.537  9.156   2.520   1.00 18.80 ? 35  VAL A N     1 
ATOM   267 C  CA    . VAL A 1 37 ? -0.873  10.146  1.686   1.00 22.22 ? 35  VAL A CA    1 
ATOM   268 C  C     . VAL A 1 37 ? 0.231   10.801  2.523   1.00 25.44 ? 35  VAL A C     1 
ATOM   269 O  O     . VAL A 1 37 ? 0.023   11.136  3.681   1.00 25.45 ? 35  VAL A O     1 
ATOM   270 C  CB    . VAL A 1 37 ? -1.885  11.142  1.107   1.00 24.51 ? 35  VAL A CB    1 
ATOM   271 C  CG1   . VAL A 1 37 ? -1.153  12.419  0.577   1.00 28.50 ? 35  VAL A CG1   1 
ATOM   272 C  CG2   . VAL A 1 37 ? -2.642  10.463  0.012   1.00 27.41 ? 35  VAL A CG2   1 
ATOM   273 N  N     . LYS A 1 38 ? 1.419   10.900  1.936   1.00 27.43 ? 36  LYS A N     1 
ATOM   274 C  CA    . LYS A 1 38 ? 2.660   11.337  2.619   1.00 31.54 ? 36  LYS A CA    1 
ATOM   275 C  C     . LYS A 1 38 ? 3.216   12.394  1.647   1.00 32.44 ? 36  LYS A C     1 
ATOM   276 O  O     . LYS A 1 38 ? 3.957   12.056  0.736   1.00 32.68 ? 36  LYS A O     1 
ATOM   277 C  CB    . LYS A 1 38 ? 3.565   10.098  2.777   1.00 32.65 ? 36  LYS A CB    1 
ATOM   278 C  CG    . LYS A 1 38 ? 5.038   10.283  3.199   1.00 38.48 ? 36  LYS A CG    1 
ATOM   279 C  CD    . LYS A 1 38 ? 5.251   9.950   4.687   1.00 39.16 ? 36  LYS A CD    1 
ATOM   280 C  CE    . LYS A 1 38 ? 6.588   10.534  5.141   1.00 43.30 ? 36  LYS A CE    1 
ATOM   281 N  NZ    . LYS A 1 38 ? 6.570   10.873  6.601   1.00 44.10 ? 36  LYS A NZ    1 
ATOM   282 N  N     . ASN A 1 39 ? 2.757   13.633  1.803   1.00 33.42 ? 37  ASN A N     1 
ATOM   283 C  CA    . ASN A 1 39 ? 3.126   14.783  0.943   1.00 34.44 ? 37  ASN A CA    1 
ATOM   284 C  C     . ASN A 1 39 ? 2.729   14.560  -0.530  1.00 33.84 ? 37  ASN A C     1 
ATOM   285 O  O     . ASN A 1 39 ? 1.527   14.472  -0.842  1.00 35.34 ? 37  ASN A O     1 
ATOM   286 C  CB    . ASN A 1 39 ? 4.608   15.287  1.150   1.00 35.38 ? 37  ASN A CB    1 
ATOM   287 C  CG    . ASN A 1 39 ? 5.715   14.189  0.896   1.00 39.82 ? 37  ASN A CG    1 
ATOM   288 O  OD1   . ASN A 1 39 ? 6.034   13.821  -0.279  1.00 43.07 ? 37  ASN A OD1   1 
ATOM   289 N  ND2   . ASN A 1 39 ? 6.337   13.707  1.997   1.00 42.14 ? 37  ASN A ND2   1 
ATOM   290 N  N     . LYS A 1 40 ? 3.701   14.425  -1.414  1.00 31.38 ? 38  LYS A N     1 
ATOM   291 C  CA    . LYS A 1 40 ? 3.374   14.141  -2.818  1.00 30.01 ? 38  LYS A CA    1 
ATOM   292 C  C     . LYS A 1 40 ? 3.439   12.633  -3.120  1.00 26.10 ? 38  LYS A C     1 
ATOM   293 O  O     . LYS A 1 40 ? 3.390   12.226  -4.290  1.00 24.10 ? 38  LYS A O     1 
ATOM   294 C  CB    . LYS A 1 40 ? 4.294   14.924  -3.754  1.00 31.70 ? 38  LYS A CB    1 
ATOM   295 C  CG    . LYS A 1 40 ? 3.968   16.437  -3.813  1.00 38.15 ? 38  LYS A CG    1 
ATOM   296 C  CD    . LYS A 1 40 ? 5.143   17.303  -3.314  1.00 46.90 ? 38  LYS A CD    1 
ATOM   297 C  CE    . LYS A 1 40 ? 5.020   17.700  -1.816  1.00 51.53 ? 38  LYS A CE    1 
ATOM   298 N  NZ    . LYS A 1 40 ? 5.722   19.002  -1.543  1.00 54.30 ? 38  LYS A NZ    1 
ATOM   299 N  N     . HIS A 1 41 ? 3.529   11.815  -2.061  1.00 22.68 ? 39  HIS A N     1 
ATOM   300 C  CA    . HIS A 1 41 ? 3.639   10.357  -2.213  1.00 20.66 ? 39  HIS A CA    1 
ATOM   301 C  C     . HIS A 1 41 ? 2.439   9.588   -1.639  1.00 19.41 ? 39  HIS A C     1 
ATOM   302 O  O     . HIS A 1 41 ? 1.831   10.024  -0.647  1.00 21.14 ? 39  HIS A O     1 
ATOM   303 C  CB    . HIS A 1 41 ? 4.924   9.818   -1.546  1.00 21.48 ? 39  HIS A CB    1 
ATOM   304 C  CG    . HIS A 1 41 ? 6.175   10.278  -2.246  1.00 23.98 ? 39  HIS A CG    1 
ATOM   305 N  ND1   . HIS A 1 41 ? 6.745   11.502  -1.985  1.00 27.78 ? 39  HIS A ND1   1 
ATOM   306 C  CD2   . HIS A 1 41 ? 6.931   9.704   -3.215  1.00 25.20 ? 39  HIS A CD2   1 
ATOM   307 C  CE1   . HIS A 1 41 ? 7.801   11.669  -2.767  1.00 28.96 ? 39  HIS A CE1   1 
ATOM   308 N  NE2   . HIS A 1 41 ? 7.938   10.591  -3.522  1.00 26.46 ? 39  HIS A NE2   1 
ATOM   309 N  N     . LEU A 1 42 ? 2.132   8.465   -2.271  1.00 18.08 ? 40  LEU A N     1 
ATOM   310 C  CA    . LEU A 1 42 ? 1.178   7.506   -1.735  1.00 17.50 ? 40  LEU A CA    1 
ATOM   311 C  C     . LEU A 1 42 ? 2.019   6.408   -1.073  1.00 17.34 ? 40  LEU A C     1 
ATOM   312 O  O     . LEU A 1 42 ? 2.808   5.733   -1.767  1.00 16.70 ? 40  LEU A O     1 
ATOM   313 C  CB    . LEU A 1 42 ? 0.377   6.886   -2.879  1.00 16.78 ? 40  LEU A CB    1 
ATOM   314 C  CG    . LEU A 1 42 ? -0.524  5.705   -2.533  1.00 18.12 ? 40  LEU A CG    1 
ATOM   315 C  CD1   . LEU A 1 42 ? -1.638  6.135   -1.571  1.00 20.67 ? 40  LEU A CD1   1 
ATOM   316 C  CD2   . LEU A 1 42 ? -1.058  5.081   -3.853  1.00 19.32 ? 40  LEU A CD2   1 
ATOM   317 N  N     . ARG A 1 43 ? 1.799   6.208   0.225   1.00 15.52 ? 41  ARG A N     1 
ATOM   318 C  CA    . ARG A 1 43 ? 2.471   5.122   0.939   1.00 14.88 ? 41  ARG A CA    1 
ATOM   319 C  C     . ARG A 1 43 ? 1.484   3.935   0.966   1.00 16.64 ? 41  ARG A C     1 
ATOM   320 O  O     . ARG A 1 43 ? 0.385   4.056   1.541   1.00 16.51 ? 41  ARG A O     1 
ATOM   321 C  CB    . ARG A 1 43 ? 2.763   5.557   2.405   1.00 15.23 ? 41  ARG A CB    1 
ATOM   322 C  CG    . ARG A 1 43 ? 3.420   4.434   3.171   1.00 15.55 ? 41  ARG A CG    1 
ATOM   323 C  CD    . ARG A 1 43 ? 4.126   4.998   4.410   1.00 18.81 ? 41  ARG A CD    1 
ATOM   324 N  NE    . ARG A 1 43 ? 5.350   5.654   3.980   1.00 19.86 ? 41  ARG A NE    1 
ATOM   325 C  CZ    . ARG A 1 43 ? 6.207   6.244   4.796   1.00 23.95 ? 41  ARG A CZ    1 
ATOM   326 N  NH1   . ARG A 1 43 ? 5.964   6.259   6.114   1.00 23.79 ? 41  ARG A NH1   1 
ATOM   327 N  NH2   . ARG A 1 43 ? 7.331   6.787   4.287   1.00 21.37 ? 41  ARG A NH2   1 
ATOM   328 N  N     . ILE A 1 44 ? 1.874   2.834   0.329   1.00 15.58 ? 42  ILE A N     1 
ATOM   329 C  CA    . ILE A 1 44 ? 1.082   1.619   0.410   1.00 15.67 ? 42  ILE A CA    1 
ATOM   330 C  C     . ILE A 1 44 ? 1.751   0.679   1.409   1.00 16.25 ? 42  ILE A C     1 
ATOM   331 O  O     . ILE A 1 44 ? 2.879   0.209   1.179   1.00 15.57 ? 42  ILE A O     1 
ATOM   332 C  CB    . ILE A 1 44 ? 0.921   0.936   -0.972  1.00 16.59 ? 42  ILE A CB    1 
ATOM   333 C  CG1   . ILE A 1 44 ? 0.180   1.886   -1.941  1.00 15.75 ? 42  ILE A CG1   1 
ATOM   334 C  CG2   . ILE A 1 44 ? 0.083   -0.346  -0.806  1.00 16.60 ? 42  ILE A CG2   1 
ATOM   335 C  CD1   . ILE A 1 44 ? 0.112   1.265   -3.368  1.00 16.96 ? 42  ILE A CD1   1 
ATOM   336 N  N     . TYR A 1 45 ? 1.087   0.467   2.533   1.00 16.99 ? 43  TYR A N     1 
ATOM   337 C  CA    . TYR A 1 45 ? 1.684   -0.441  3.556   1.00 16.30 ? 43  TYR A CA    1 
ATOM   338 C  C     . TYR A 1 45 ? 1.548   -1.878  3.123   1.00 16.26 ? 43  TYR A C     1 
ATOM   339 O  O     . TYR A 1 45 ? 0.696   -2.237  2.280   1.00 17.13 ? 43  TYR A O     1 
ATOM   340 C  CB    . TYR A 1 45 ? 0.949   -0.261  4.884   1.00 16.60 ? 43  TYR A CB    1 
ATOM   341 C  CG    . TYR A 1 45 ? 1.160   1.103   5.476   1.00 17.22 ? 43  TYR A CG    1 
ATOM   342 C  CD1   . TYR A 1 45 ? 2.410   1.473   6.061   1.00 16.94 ? 43  TYR A CD1   1 
ATOM   343 C  CD2   . TYR A 1 45 ? 0.110   2.026   5.464   1.00 17.13 ? 43  TYR A CD2   1 
ATOM   344 C  CE1   . TYR A 1 45 ? 2.568   2.737   6.654   1.00 17.79 ? 43  TYR A CE1   1 
ATOM   345 C  CE2   . TYR A 1 45 ? 0.239   3.265   6.061   1.00 17.47 ? 43  TYR A CE2   1 
ATOM   346 C  CZ    . TYR A 1 45 ? 1.508   3.644   6.610   1.00 19.45 ? 43  TYR A CZ    1 
ATOM   347 O  OH    . TYR A 1 45 ? 1.599   4.861   7.182   1.00 20.96 ? 43  TYR A OH    1 
ATOM   348 N  N     . ASN A 1 46 ? 2.339   -2.777  3.717   1.00 16.56 ? 44  ASN A N     1 
ATOM   349 C  CA    . ASN A 1 46 ? 2.297   -4.144  3.222   1.00 16.24 ? 44  ASN A CA    1 
ATOM   350 C  C     . ASN A 1 46 ? 1.028   -4.931  3.613   1.00 15.63 ? 44  ASN A C     1 
ATOM   351 O  O     . ASN A 1 46 ? 0.639   -5.841  2.887   1.00 16.36 ? 44  ASN A O     1 
ATOM   352 C  CB    . ASN A 1 46 ? 3.533   -4.924  3.711   1.00 17.44 ? 44  ASN A CB    1 
ATOM   353 C  CG    . ASN A 1 46 ? 4.818   -4.356  3.165   1.00 21.12 ? 44  ASN A CG    1 
ATOM   354 O  OD1   . ASN A 1 46 ? 4.816   -3.645  2.162   1.00 20.32 ? 44  ASN A OD1   1 
ATOM   355 N  ND2   . ASN A 1 46 ? 5.931   -4.644  3.853   1.00 21.19 ? 44  ASN A ND2   1 
ATOM   356 N  N     . MET A 1 47 ? 0.398   -4.565  4.748   1.00 15.49 ? 45  MET A N     1 
ATOM   357 C  CA    . MET A 1 47 ? -0.786  -5.307  5.253   1.00 14.98 ? 45  MET A CA    1 
ATOM   358 C  C     . MET A 1 47 ? -2.023  -4.399  5.307   1.00 14.37 ? 45  MET A C     1 
ATOM   359 O  O     . MET A 1 47 ? -1.927  -3.158  5.354   1.00 15.69 ? 45  MET A O     1 
ATOM   360 C  CB    . MET A 1 47 ? -0.532  -5.871  6.683   1.00 15.39 ? 45  MET A CB    1 
ATOM   361 C  CG    . MET A 1 47 ? 0.428   -7.033  6.656   1.00 17.53 ? 45  MET A CG    1 
ATOM   362 S  SD    . MET A 1 47 ? 0.717   -7.683  8.343   1.00 17.03 ? 45  MET A SD    1 
ATOM   363 C  CE    . MET A 1 47 ? 1.848   -6.399  8.908   1.00 17.96 ? 45  MET A CE    1 
ATOM   364 N  N     . CYS A 1 48 ? -3.176  -5.056  5.318   1.00 16.32 ? 46  CYS A N     1 
ATOM   365 C  CA    . CYS A 1 48 ? -4.432  -4.343  5.641   1.00 15.60 ? 46  CYS A CA    1 
ATOM   366 C  C     . CYS A 1 48 ? -4.337  -3.918  7.142   1.00 15.78 ? 46  CYS A C     1 
ATOM   367 O  O     . CYS A 1 48 ? -3.397  -4.319  7.869   1.00 14.53 ? 46  CYS A O     1 
ATOM   368 C  CB    . CYS A 1 48 ? -5.663  -5.257  5.404   1.00 15.93 ? 46  CYS A CB    1 
ATOM   369 S  SG    . CYS A 1 48 ? -5.780  -6.642  6.603   1.00 16.49 ? 46  CYS A SG    1 
ATOM   370 N  N     . LYS A 1 49 ? -5.273  -3.062  7.613   1.00 14.29 ? 47  LYS A N     1 
ATOM   371 C  CA    . LYS A 1 49 ? -5.179  -2.583  8.992   1.00 15.36 ? 47  LYS A CA    1 
ATOM   372 C  C     . LYS A 1 49 ? -5.392  -3.721  10.030  1.00 14.51 ? 47  LYS A C     1 
ATOM   373 O  O     . LYS A 1 49 ? -4.694  -3.796  11.049  1.00 16.23 ? 47  LYS A O     1 
ATOM   374 C  CB    . LYS A 1 49 ? -6.176  -1.436  9.232   1.00 14.99 ? 47  LYS A CB    1 
ATOM   375 C  CG    . LYS A 1 49 ? -5.877  -0.720  10.542  1.00 17.76 ? 47  LYS A CG    1 
ATOM   376 C  CD    . LYS A 1 49 ? -4.689  0.260   10.276  1.00 22.66 ? 47  LYS A CD    1 
ATOM   377 C  CE    . LYS A 1 49 ? -4.394  1.080   11.440  1.00 25.02 ? 47  LYS A CE    1 
ATOM   378 N  NZ    . LYS A 1 49 ? -3.140  1.874   11.283  1.00 20.87 ? 47  LYS A NZ    1 
ATOM   379 N  N     . THR A 1 50 ? -6.325  -4.610  9.730   1.00 15.92 ? 48  THR A N     1 
ATOM   380 C  CA    . THR A 1 50 ? -6.674  -5.684  10.656  1.00 16.71 ? 48  THR A CA    1 
ATOM   381 C  C     . THR A 1 50 ? -5.423  -6.545  10.865  1.00 16.30 ? 48  THR A C     1 
ATOM   382 O  O     . THR A 1 50 ? -5.058  -6.863  11.988  1.00 16.28 ? 48  THR A O     1 
ATOM   383 C  CB    . THR A 1 50 ? -7.785  -6.570  10.041  1.00 17.52 ? 48  THR A CB    1 
ATOM   384 O  OG1   . THR A 1 50 ? -8.956  -5.759  9.856   1.00 17.44 ? 48  THR A OG1   1 
ATOM   385 C  CG2   . THR A 1 50 ? -8.155  -7.673  11.074  1.00 18.10 ? 48  THR A CG2   1 
ATOM   386 N  N     . CYS A 1 51 ? -4.744  -6.904  9.758   1.00 15.32 ? 49  CYS A N     1 
ATOM   387 C  CA    . CYS A 1 51 ? -3.540  -7.795  9.920   1.00 16.10 ? 49  CYS A CA    1 
ATOM   388 C  C     . CYS A 1 51 ? -2.421  -7.022  10.600  1.00 15.60 ? 49  CYS A C     1 
ATOM   389 O  O     . CYS A 1 51 ? -1.675  -7.576  11.399  1.00 15.05 ? 49  CYS A O     1 
ATOM   390 C  CB    . CYS A 1 51 ? -3.061  -8.340  8.568   1.00 17.49 ? 49  CYS A CB    1 
ATOM   391 S  SG    . CYS A 1 51 ? -4.216  -9.619  7.963   1.00 17.12 ? 49  CYS A SG    1 
ATOM   392 N  N     . PHE A 1 52 ? -2.254  -5.732  10.266  1.00 14.65 ? 50  PHE A N     1 
ATOM   393 C  CA    . PHE A 1 52 ? -1.197  -4.954  10.921  1.00 15.58 ? 50  PHE A CA    1 
ATOM   394 C  C     . PHE A 1 52 ? -1.441  -4.866  12.444  1.00 14.58 ? 50  PHE A C     1 
ATOM   395 O  O     . PHE A 1 52 ? -0.533  -5.123  13.254  1.00 16.23 ? 50  PHE A O     1 
ATOM   396 C  CB    . PHE A 1 52 ? -1.112  -3.549  10.331  1.00 15.05 ? 50  PHE A CB    1 
ATOM   397 C  CG    . PHE A 1 52 ? -0.136  -2.687  11.063  1.00 15.99 ? 50  PHE A CG    1 
ATOM   398 C  CD1   . PHE A 1 52 ? 1.242   -2.970  11.016  1.00 16.90 ? 50  PHE A CD1   1 
ATOM   399 C  CD2   . PHE A 1 52 ? -0.597  -1.630  11.849  1.00 17.72 ? 50  PHE A CD2   1 
ATOM   400 C  CE1   . PHE A 1 52 ? 2.181   -2.178  11.702  1.00 18.02 ? 50  PHE A CE1   1 
ATOM   401 C  CE2   . PHE A 1 52 ? 0.360   -0.790  12.556  1.00 18.34 ? 50  PHE A CE2   1 
ATOM   402 C  CZ    . PHE A 1 52 ? 1.718   -1.081  12.491  1.00 18.52 ? 50  PHE A CZ    1 
ATOM   403 N  N     . ASN A 1 53 ? -2.656  -4.492  12.826  1.00 14.79 ? 51  ASN A N     1 
ATOM   404 C  CA    . ASN A 1 53 ? -2.958  -4.415  14.271  1.00 16.41 ? 51  ASN A CA    1 
ATOM   405 C  C     . ASN A 1 53 ? -2.722  -5.782  14.959  1.00 16.51 ? 51  ASN A C     1 
ATOM   406 O  O     . ASN A 1 53 ? -2.145  -5.854  16.037  1.00 16.77 ? 51  ASN A O     1 
ATOM   407 C  CB    . ASN A 1 53 ? -4.390  -3.974  14.497  1.00 17.84 ? 51  ASN A CB    1 
ATOM   408 C  CG    . ASN A 1 53 ? -4.580  -2.471  14.188  1.00 18.71 ? 51  ASN A CG    1 
ATOM   409 O  OD1   . ASN A 1 53 ? -3.576  -1.695  14.166  1.00 20.94 ? 51  ASN A OD1   1 
ATOM   410 N  ND2   . ASN A 1 53 ? -5.847  -2.062  13.954  1.00 19.37 ? 51  ASN A ND2   1 
ATOM   411 N  N     . ASN A 1 54 ? -3.143  -6.836  14.287  1.00 14.68 ? 52  ASN A N     1 
ATOM   412 C  CA    . ASN A 1 54 ? -2.942  -8.181  14.831  1.00 15.71 ? 52  ASN A CA    1 
ATOM   413 C  C     . ASN A 1 54 ? -1.426  -8.491  14.939  1.00 15.17 ? 52  ASN A C     1 
ATOM   414 O  O     . ASN A 1 54 ? -0.980  -9.130  15.903  1.00 14.53 ? 52  ASN A O     1 
ATOM   415 C  CB    . ASN A 1 54 ? -3.710  -9.195  13.975  1.00 15.36 ? 52  ASN A CB    1 
ATOM   416 C  CG    . ASN A 1 54 ? -3.389  -10.627 14.353  1.00 16.60 ? 52  ASN A CG    1 
ATOM   417 O  OD1   . ASN A 1 54 ? -3.903  -11.161 15.362  1.00 20.36 ? 52  ASN A OD1   1 
ATOM   418 N  ND2   . ASN A 1 54 ? -2.548  -11.242 13.565  1.00 12.99 ? 52  ASN A ND2   1 
ATOM   419 N  N     . SER A 1 55 ? -0.634  -8.064  13.966  1.00 15.54 ? 53  SER A N     1 
ATOM   420 C  CA    . SER A 1 55 ? 0.826   -8.346  14.009  1.00 15.43 ? 53  SER A CA    1 
ATOM   421 C  C     . SER A 1 55 ? 1.451   -7.728  15.251  1.00 15.67 ? 53  SER A C     1 
ATOM   422 O  O     . SER A 1 55 ? 2.403   -8.281  15.805  1.00 16.30 ? 53  SER A O     1 
ATOM   423 C  CB    . SER A 1 55 ? 1.537   -7.829  12.751  1.00 15.54 ? 53  SER A CB    1 
ATOM   424 O  OG    . SER A 1 55 ? 1.686   -6.421  12.767  1.00 14.88 ? 53  SER A OG    1 
ATOM   425 N  N     . ILE A 1 56 ? 0.931   -6.571  15.678  1.00 15.01 ? 54  ILE A N     1 
ATOM   426 C  CA    . ILE A 1 56 ? 1.432   -5.942  16.908  1.00 16.75 ? 54  ILE A CA    1 
ATOM   427 C  C     . ILE A 1 56 ? 1.037   -6.829  18.119  1.00 16.29 ? 54  ILE A C     1 
ATOM   428 O  O     . ILE A 1 56 ? 1.888   -7.119  18.979  1.00 18.17 ? 54  ILE A O     1 
ATOM   429 C  CB    . ILE A 1 56 ? 0.841   -4.540  17.057  1.00 16.39 ? 54  ILE A CB    1 
ATOM   430 C  CG1   . ILE A 1 56 ? 1.255   -3.684  15.834  1.00 17.72 ? 54  ILE A CG1   1 
ATOM   431 C  CG2   . ILE A 1 56 ? 1.307   -3.915  18.415  1.00 18.32 ? 54  ILE A CG2   1 
ATOM   432 C  CD1   . ILE A 1 56 ? 2.716   -3.565  15.662  1.00 22.57 ? 54  ILE A CD1   1 
ATOM   433 N  N     . ASP A 1 57 ? -0.207  -7.290  18.147  1.00 18.16 ? 55  ASP A N     1 
ATOM   434 C  CA    . ASP A 1 57 ? -0.706  -8.140  19.235  1.00 18.18 ? 55  ASP A CA    1 
ATOM   435 C  C     . ASP A 1 57 ? 0.095   -9.450  19.376  1.00 18.39 ? 55  ASP A C     1 
ATOM   436 O  O     . ASP A 1 57 ? 0.321   -9.916  20.499  1.00 19.12 ? 55  ASP A O     1 
ATOM   437 C  CB    . ASP A 1 57 ? -2.160  -8.521  19.002  1.00 18.30 ? 55  ASP A CB    1 
ATOM   438 C  CG    . ASP A 1 57 ? -3.116  -7.305  19.043  1.00 23.60 ? 55  ASP A CG    1 
ATOM   439 O  OD1   . ASP A 1 57 ? -2.734  -6.279  19.648  1.00 23.46 ? 55  ASP A OD1   1 
ATOM   440 O  OD2   . ASP A 1 57 ? -4.227  -7.438  18.504  1.00 25.08 ? 55  ASP A OD2   1 
ATOM   441 N  N     . ILE A 1 58 ? 0.452   -10.044 18.225  1.00 15.61 ? 56  ILE A N     1 
ATOM   442 C  CA    . ILE A 1 58 ? 1.117   -11.354 18.242  1.00 16.60 ? 56  ILE A CA    1 
ATOM   443 C  C     . ILE A 1 58 ? 2.646   -11.234 18.327  1.00 15.73 ? 56  ILE A C     1 
ATOM   444 O  O     . ILE A 1 58 ? 3.340   -12.252 18.547  1.00 15.99 ? 56  ILE A O     1 
ATOM   445 C  CB    . ILE A 1 58 ? 0.747   -12.244 17.011  1.00 15.34 ? 56  ILE A CB    1 
ATOM   446 C  CG1   . ILE A 1 58 ? 1.400   -11.695 15.745  1.00 17.45 ? 56  ILE A CG1   1 
ATOM   447 C  CG2   . ILE A 1 58 ? -0.774  -12.430 16.888  1.00 16.25 ? 56  ILE A CG2   1 
ATOM   448 C  CD1   . ILE A 1 58 ? 1.008   -12.496 14.390  1.00 17.16 ? 56  ILE A CD1   1 
ATOM   449 N  N     . GLY A 1 59 ? 3.185   -10.020 18.147  1.00 16.66 ? 57  GLY A N     1 
ATOM   450 C  CA    . GLY A 1 59 ? 4.642   -9.773  18.266  1.00 16.90 ? 57  GLY A CA    1 
ATOM   451 C  C     . GLY A 1 59 ? 5.427   -10.140 17.005  1.00 16.64 ? 57  GLY A C     1 
ATOM   452 O  O     . GLY A 1 59 ? 6.636   -10.499 17.094  1.00 18.22 ? 57  GLY A O     1 
ATOM   453 N  N     . ASP A 1 60 ? 4.799   -10.011 15.825  1.00 15.90 ? 58  ASP A N     1 
ATOM   454 C  CA    . ASP A 1 60 ? 5.538   -10.340 14.589  1.00 15.58 ? 58  ASP A CA    1 
ATOM   455 C  C     . ASP A 1 60 ? 5.724   -9.096  13.722  1.00 16.02 ? 58  ASP A C     1 
ATOM   456 O  O     . ASP A 1 60 ? 4.721   -8.484  13.317  1.00 16.51 ? 58  ASP A O     1 
ATOM   457 C  CB    . ASP A 1 60 ? 4.820   -11.410 13.754  1.00 16.66 ? 58  ASP A CB    1 
ATOM   458 C  CG    . ASP A 1 60 ? 5.737   -12.012 12.665  1.00 17.33 ? 58  ASP A CG    1 
ATOM   459 O  OD1   . ASP A 1 60 ? 6.972   -11.711 12.667  1.00 17.89 ? 58  ASP A OD1   1 
ATOM   460 O  OD2   . ASP A 1 60 ? 5.276   -12.791 11.811  1.00 17.73 ? 58  ASP A OD2   1 
ATOM   461 N  N     . ASP A 1 61 ? 6.987   -8.717  13.506  1.00 16.68 ? 59  ASP A N     1 
ATOM   462 C  CA    . ASP A 1 61 ? 7.275   -7.591  12.612  1.00 18.38 ? 59  ASP A CA    1 
ATOM   463 C  C     . ASP A 1 61 ? 7.671   -8.002  11.188  1.00 17.97 ? 59  ASP A C     1 
ATOM   464 O  O     . ASP A 1 61 ? 8.061   -7.139  10.347  1.00 17.51 ? 59  ASP A O     1 
ATOM   465 C  CB    . ASP A 1 61 ? 8.308   -6.629  13.204  1.00 19.31 ? 59  ASP A CB    1 
ATOM   466 C  CG    . ASP A 1 61 ? 9.677   -7.237  13.312  1.00 23.21 ? 59  ASP A CG    1 
ATOM   467 O  OD1   . ASP A 1 61 ? 9.894   -8.363  12.848  1.00 23.95 ? 59  ASP A OD1   1 
ATOM   468 O  OD2   . ASP A 1 61 ? 10.573  -6.496  13.827  1.00 30.04 ? 59  ASP A OD2   1 
ATOM   469 N  N     . THR A 1 62 ? 7.530   -9.289  10.896  1.00 17.87 ? 60  THR A N     1 
ATOM   470 C  CA    . THR A 1 62 ? 8.004   -9.887  9.630   1.00 17.78 ? 60  THR A CA    1 
ATOM   471 C  C     . THR A 1 62 ? 7.427   -9.122  8.431   1.00 18.33 ? 60  THR A C     1 
ATOM   472 O  O     . THR A 1 62 ? 8.173   -8.794  7.479   1.00 18.49 ? 60  THR A O     1 
ATOM   473 C  CB    . THR A 1 62 ? 7.637   -11.364 9.533   1.00 19.39 ? 60  THR A CB    1 
ATOM   474 O  OG1   . THR A 1 62 ? 8.384   -12.091 10.541  1.00 19.60 ? 60  THR A OG1   1 
ATOM   475 C  CG2   . THR A 1 62 ? 8.001   -11.932 8.137   1.00 20.17 ? 60  THR A CG2   1 
ATOM   476 N  N     . TYR A 1 63 ? 6.129   -8.843  8.529   1.00 16.42 ? 61  TYR A N     1 
ATOM   477 C  CA    . TYR A 1 63 ? 5.425   -8.202  7.368   1.00 17.51 ? 61  TYR A CA    1 
ATOM   478 C  C     . TYR A 1 63 ? 5.321   -6.685  7.439   1.00 17.02 ? 61  TYR A C     1 
ATOM   479 O  O     . TYR A 1 63 ? 4.694   -6.052  6.561   1.00 18.30 ? 61  TYR A O     1 
ATOM   480 C  CB    . TYR A 1 63 ? 4.062   -8.889  7.149   1.00 19.16 ? 61  TYR A CB    1 
ATOM   481 C  CG    . TYR A 1 63 ? 4.260   -10.358 6.861   1.00 18.74 ? 61  TYR A CG    1 
ATOM   482 C  CD1   . TYR A 1 63 ? 4.795   -10.788 5.619   1.00 20.42 ? 61  TYR A CD1   1 
ATOM   483 C  CD2   . TYR A 1 63 ? 4.056   -11.298 7.862   1.00 19.57 ? 61  TYR A CD2   1 
ATOM   484 C  CE1   . TYR A 1 63 ? 5.026   -12.137 5.367   1.00 21.90 ? 61  TYR A CE1   1 
ATOM   485 C  CE2   . TYR A 1 63 ? 4.307   -12.681 7.641   1.00 22.05 ? 61  TYR A CE2   1 
ATOM   486 C  CZ    . TYR A 1 63 ? 4.780   -13.084 6.386   1.00 25.04 ? 61  TYR A CZ    1 
ATOM   487 O  OH    . TYR A 1 63 ? 5.041   -14.437 6.196   1.00 25.35 ? 61  TYR A OH    1 
ATOM   488 N  N     . HIS A 1 64 ? 5.912   -6.067  8.457   1.00 17.33 ? 62  HIS A N     1 
ATOM   489 C  CA    . HIS A 1 64 ? 5.903   -4.601  8.536   1.00 16.63 ? 62  HIS A CA    1 
ATOM   490 C  C     . HIS A 1 64 ? 6.649   -4.001  7.350   1.00 17.88 ? 62  HIS A C     1 
ATOM   491 O  O     . HIS A 1 64 ? 7.707   -4.526  6.925   1.00 19.01 ? 62  HIS A O     1 
ATOM   492 C  CB    . HIS A 1 64 ? 6.528   -4.161  9.838   1.00 18.33 ? 62  HIS A CB    1 
ATOM   493 C  CG    . HIS A 1 64 ? 5.698   -4.493  11.034  1.00 17.33 ? 62  HIS A CG    1 
ATOM   494 N  ND1   . HIS A 1 64 ? 5.987   -3.962  12.274  1.00 19.86 ? 62  HIS A ND1   1 
ATOM   495 C  CD2   . HIS A 1 64 ? 4.563   -5.230  11.192  1.00 17.02 ? 62  HIS A CD2   1 
ATOM   496 C  CE1   . HIS A 1 64 ? 5.091   -4.394  13.154  1.00 20.58 ? 62  HIS A CE1   1 
ATOM   497 N  NE2   . HIS A 1 64 ? 4.218   -5.159  12.530  1.00 16.67 ? 62  HIS A NE2   1 
ATOM   498 N  N     . GLY A 1 65 ? 6.117   -2.905  6.819   1.00 17.20 ? 63  GLY A N     1 
ATOM   499 C  CA    . GLY A 1 65 ? 6.872   -2.212  5.768   1.00 17.05 ? 63  GLY A CA    1 
ATOM   500 C  C     . GLY A 1 65 ? 5.871   -1.522  4.840   1.00 17.65 ? 63  GLY A C     1 
ATOM   501 O  O     . GLY A 1 65 ? 4.649   -1.621  5.008   1.00 18.07 ? 63  GLY A O     1 
ATOM   502 N  N     . HIS A 1 66 ? 6.418   -0.869  3.820   1.00 17.09 ? 64  HIS A N     1 
ATOM   503 C  CA    . HIS A 1 66 ? 5.558   -0.100  2.897   1.00 16.81 ? 64  HIS A CA    1 
ATOM   504 C  C     . HIS A 1 66 ? 6.415   0.228   1.688   1.00 16.16 ? 64  HIS A C     1 
ATOM   505 O  O     . HIS A 1 66 ? 7.655   0.082   1.693   1.00 17.72 ? 64  HIS A O     1 
ATOM   506 C  CB    . HIS A 1 66 ? 5.103   1.215   3.514   1.00 17.15 ? 64  HIS A CB    1 
ATOM   507 C  CG    . HIS A 1 66 ? 6.231   2.078   4.018   1.00 18.72 ? 64  HIS A CG    1 
ATOM   508 N  ND1   . HIS A 1 66 ? 6.661   2.034   5.342   1.00 22.59 ? 64  HIS A ND1   1 
ATOM   509 C  CD2   . HIS A 1 66 ? 7.040   2.965   3.388   1.00 20.26 ? 64  HIS A CD2   1 
ATOM   510 C  CE1   . HIS A 1 66 ? 7.670   2.879   5.501   1.00 24.03 ? 64  HIS A CE1   1 
ATOM   511 N  NE2   . HIS A 1 66 ? 7.923   3.457   4.336   1.00 22.95 ? 64  HIS A NE2   1 
ATOM   512 N  N     . VAL A 1 67 ? 5.710   0.713   0.645   1.00 15.87 ? 65  VAL A N     1 
ATOM   513 C  CA    . VAL A 1 67 ? 6.360   1.205   -0.583  1.00 16.63 ? 65  VAL A CA    1 
ATOM   514 C  C     . VAL A 1 67 ? 5.688   2.536   -0.882  1.00 15.92 ? 65  VAL A C     1 
ATOM   515 O  O     . VAL A 1 67 ? 4.428   2.606   -0.922  1.00 16.67 ? 65  VAL A O     1 
ATOM   516 C  CB    . VAL A 1 67 ? 6.151   0.264   -1.751  1.00 16.85 ? 65  VAL A CB    1 
ATOM   517 C  CG1   . VAL A 1 67 ? 6.796   0.822   -3.053  1.00 18.46 ? 65  VAL A CG1   1 
ATOM   518 C  CG2   . VAL A 1 67 ? 6.791   -1.146  -1.455  1.00 18.35 ? 65  VAL A CG2   1 
ATOM   519 N  N     . ASP A 1 68 ? 6.531   3.558   -1.082  1.00 16.21 ? 66  ASP A N     1 
ATOM   520 C  CA    . ASP A 1 68 ? 6.058   4.914   -1.394  1.00 16.01 ? 66  ASP A CA    1 
ATOM   521 C  C     . ASP A 1 68 ? 6.128   5.143   -2.896  1.00 16.85 ? 66  ASP A C     1 
ATOM   522 O  O     . ASP A 1 68 ? 7.108   4.744   -3.553  1.00 17.36 ? 66  ASP A O     1 
ATOM   523 C  CB    . ASP A 1 68 ? 6.963   5.970   -0.753  1.00 16.20 ? 66  ASP A CB    1 
ATOM   524 C  CG    . ASP A 1 68 ? 6.826   6.021   0.777   1.00 19.25 ? 66  ASP A CG    1 
ATOM   525 O  OD1   . ASP A 1 68 ? 5.832   5.456   1.299   1.00 18.40 ? 66  ASP A OD1   1 
ATOM   526 O  OD2   . ASP A 1 68 ? 7.702   6.644   1.426   1.00 19.24 ? 66  ASP A OD2   1 
ATOM   527 N  N     . TRP A 1 69 ? 5.084   5.800   -3.395  1.00 16.68 ? 67  TRP A N     1 
ATOM   528 C  CA    . TRP A 1 69 ? 4.900   6.039   -4.839  1.00 17.40 ? 67  TRP A CA    1 
ATOM   529 C  C     . TRP A 1 69 ? 4.692   7.526   -5.092  1.00 17.99 ? 67  TRP A C     1 
ATOM   530 O  O     . TRP A 1 69 ? 3.849   8.149   -4.446  1.00 18.40 ? 67  TRP A O     1 
ATOM   531 C  CB    . TRP A 1 69 ? 3.688   5.262   -5.364  1.00 17.67 ? 67  TRP A CB    1 
ATOM   532 C  CG    . TRP A 1 69 ? 3.794   3.805   -5.178  1.00 17.26 ? 67  TRP A CG    1 
ATOM   533 C  CD1   . TRP A 1 69 ? 3.404   3.066   -4.052  1.00 17.68 ? 67  TRP A CD1   1 
ATOM   534 C  CD2   . TRP A 1 69 ? 4.342   2.865   -6.109  1.00 17.15 ? 67  TRP A CD2   1 
ATOM   535 N  NE1   . TRP A 1 69 ? 3.678   1.712   -4.269  1.00 18.03 ? 67  TRP A NE1   1 
ATOM   536 C  CE2   . TRP A 1 69 ? 4.251   1.566   -5.507  1.00 16.57 ? 67  TRP A CE2   1 
ATOM   537 C  CE3   . TRP A 1 69 ? 4.901   2.981   -7.400  1.00 20.08 ? 67  TRP A CE3   1 
ATOM   538 C  CZ2   . TRP A 1 69 ? 4.704   0.408   -6.158  1.00 17.29 ? 67  TRP A CZ2   1 
ATOM   539 C  CZ3   . TRP A 1 69 ? 5.353   1.839   -8.060  1.00 18.16 ? 67  TRP A CZ3   1 
ATOM   540 C  CH2   . TRP A 1 69 ? 5.254   0.547   -7.436  1.00 19.10 ? 67  TRP A CH2   1 
ATOM   541 N  N     . LEU A 1 70 ? 5.450   8.104   -6.022  1.00 17.75 ? 68  LEU A N     1 
ATOM   542 C  CA    . LEU A 1 70 ? 5.249   9.510   -6.327  1.00 18.71 ? 68  LEU A CA    1 
ATOM   543 C  C     . LEU A 1 70 ? 3.872   9.603   -7.037  1.00 18.77 ? 68  LEU A C     1 
ATOM   544 O  O     . LEU A 1 70 ? 3.619   8.830   -7.955  1.00 18.53 ? 68  LEU A O     1 
ATOM   545 C  CB    . LEU A 1 70 ? 6.395   9.970   -7.246  1.00 18.38 ? 68  LEU A CB    1 
ATOM   546 C  CG    . LEU A 1 70 ? 6.187   11.376  -7.846  1.00 21.64 ? 68  LEU A CG    1 
ATOM   547 C  CD1   . LEU A 1 70 ? 6.170   12.514  -6.813  1.00 23.46 ? 68  LEU A CD1   1 
ATOM   548 C  CD2   . LEU A 1 70 ? 7.257   11.573  -8.927  1.00 22.96 ? 68  LEU A CD2   1 
ATOM   549 N  N     . MET A 1 71 ? 2.996   10.514  -6.608  1.00 19.26 ? 69  MET A N     1 
ATOM   550 C  CA    . MET A 1 71 ? 1.623   10.516  -7.144  1.00 20.29 ? 69  MET A CA    1 
ATOM   551 C  C     . MET A 1 71 ? 1.449   11.210  -8.504  1.00 21.57 ? 69  MET A C     1 
ATOM   552 O  O     . MET A 1 71 ? 0.392   11.086  -9.146  1.00 22.82 ? 69  MET A O     1 
ATOM   553 C  CB    . MET A 1 71 ? 0.644   11.091  -6.123  1.00 20.35 ? 69  MET A CB    1 
ATOM   554 C  CG    . MET A 1 71 ? 0.542   10.154  -4.893  1.00 20.63 ? 69  MET A CG    1 
ATOM   555 S  SD    . MET A 1 71 ? -0.845  10.683  -3.865  1.00 25.62 ? 69  MET A SD    1 
ATOM   556 C  CE    . MET A 1 71 ? -0.135  12.126  -3.140  1.00 28.16 ? 69  MET A CE    1 
ATOM   557 N  N     . TYR A 1 72 ? 2.521   11.868  -8.931  1.00 22.37 ? 70  TYR A N     1 
ATOM   558 C  CA    . TYR A 1 72 ? 2.546   12.687  -10.171 1.00 24.09 ? 70  TYR A CA    1 
ATOM   559 C  C     . TYR A 1 72 ? 3.481   12.061  -11.189 1.00 23.35 ? 70  TYR A C     1 
ATOM   560 O  O     . TYR A 1 72 ? 4.390   11.311  -10.827 1.00 22.43 ? 70  TYR A O     1 
ATOM   561 C  CB    . TYR A 1 72 ? 3.070   14.087  -9.824  1.00 27.61 ? 70  TYR A CB    1 
ATOM   562 C  CG    . TYR A 1 72 ? 2.200   14.746  -8.771  1.00 33.24 ? 70  TYR A CG    1 
ATOM   563 C  CD1   . TYR A 1 72 ? 2.432   14.511  -7.418  1.00 36.42 ? 70  TYR A CD1   1 
ATOM   564 C  CD2   . TYR A 1 72 ? 1.134   15.563  -9.133  1.00 38.44 ? 70  TYR A CD2   1 
ATOM   565 C  CE1   . TYR A 1 72 ? 1.635   15.064  -6.425  1.00 38.90 ? 70  TYR A CE1   1 
ATOM   566 C  CE2   . TYR A 1 72 ? 0.319   16.148  -8.138  1.00 42.37 ? 70  TYR A CE2   1 
ATOM   567 C  CZ    . TYR A 1 72 ? 0.578   15.871  -6.785  1.00 40.46 ? 70  TYR A CZ    1 
ATOM   568 O  OH    . TYR A 1 72 ? -0.197  16.437  -5.774  1.00 41.80 ? 70  TYR A OH    1 
ATOM   569 N  N     . ALA A 1 73 ? 3.301   12.412  -12.467 1.00 21.45 ? 71  ALA A N     1 
ATOM   570 C  CA    . ALA A 1 73 ? 4.180   11.898  -13.503 1.00 21.18 ? 71  ALA A CA    1 
ATOM   571 C  C     . ALA A 1 73 ? 5.543   12.603  -13.537 1.00 21.09 ? 71  ALA A C     1 
ATOM   572 O  O     . ALA A 1 73 ? 6.526   12.027  -14.011 1.00 21.08 ? 71  ALA A O     1 
ATOM   573 C  CB    . ALA A 1 73 ? 3.512   12.014  -14.904 1.00 20.74 ? 71  ALA A CB    1 
ATOM   574 N  N     . ASP A 1 74 ? 5.618   13.856  -13.078 1.00 21.64 ? 72  ASP A N     1 
ATOM   575 C  CA    . ASP A 1 74 ? 6.892   14.545  -13.175 1.00 23.66 ? 72  ASP A CA    1 
ATOM   576 C  C     . ASP A 1 74 ? 7.477   14.842  -11.824 1.00 24.71 ? 72  ASP A C     1 
ATOM   577 O  O     . ASP A 1 74 ? 6.815   15.471  -10.984 1.00 25.16 ? 72  ASP A O     1 
ATOM   578 C  CB    . ASP A 1 74 ? 6.802   15.800  -14.087 1.00 24.70 ? 72  ASP A CB    1 
ATOM   579 C  CG    . ASP A 1 74 ? 8.191   16.271  -14.529 1.00 28.84 ? 72  ASP A CG    1 
ATOM   580 O  OD1   . ASP A 1 74 ? 9.001   16.660  -13.644 1.00 33.44 ? 72  ASP A OD1   1 
ATOM   581 O  OD2   . ASP A 1 74 ? 8.482   16.228  -15.734 1.00 32.82 ? 72  ASP A OD2   1 
ATOM   582 N  N     . SER A 1 75 ? 8.695   14.351  -11.596 1.00 24.98 ? 73  SER A N     1 
ATOM   583 C  CA    . SER A 1 75 ? 9.374   14.527  -10.317 1.00 26.49 ? 73  SER A CA    1 
ATOM   584 C  C     . SER A 1 75 ? 9.857   15.979  -10.106 1.00 28.60 ? 73  SER A C     1 
ATOM   585 O  O     . SER A 1 75 ? 10.175  16.317  -8.951  1.00 31.76 ? 73  SER A O     1 
ATOM   586 C  CB    . SER A 1 75 ? 10.519  13.509  -10.141 1.00 26.72 ? 73  SER A CB    1 
ATOM   587 O  OG    . SER A 1 75 ? 11.517  13.659  -11.133 1.00 28.16 ? 73  SER A OG    1 
HETATM 588 ZN ZN    . ZN  B 2 .  ? -4.722  -8.652  5.906   1.00 18.49 ? 200 ZN  A ZN    1 
HETATM 589 CL CL    . CL  C 3 .  ? 6.749   6.223   -8.030  0.50 22.39 ? 300 CL  A CL    1 
HETATM 590 P  PG    . ATP D 4 .  ? 4.591   9.072   11.183  1.00 70.52 ? 500 ATP A PG    1 
HETATM 591 O  O1G   . ATP D 4 .  ? 4.041   10.420  10.723  1.00 68.65 ? 500 ATP A O1G   1 
HETATM 592 O  O2G   . ATP D 4 .  ? 5.697   9.237   12.219  1.00 70.87 ? 500 ATP A O2G   1 
HETATM 593 O  O3G   . ATP D 4 .  ? 3.525   8.060   11.617  1.00 70.74 ? 500 ATP A O3G   1 
HETATM 594 P  PB    . ATP D 4 .  ? 6.538   7.383   9.793   1.00 56.36 ? 500 ATP A PB    1 
HETATM 595 O  O1B   . ATP D 4 .  ? 7.177   7.291   11.179  1.00 54.28 ? 500 ATP A O1B   1 
HETATM 596 O  O2B   . ATP D 4 .  ? 7.397   7.766   8.563   1.00 54.51 ? 500 ATP A O2B   1 
HETATM 597 O  O3B   . ATP D 4 .  ? 5.254   8.391   9.830   1.00 61.27 ? 500 ATP A O3B   1 
HETATM 598 P  PA    . ATP D 4 .  ? 4.546   5.215   9.455   1.00 28.10 ? 500 ATP A PA    1 
HETATM 599 O  O1A   . ATP D 4 .  ? 3.601   5.639   10.596  1.00 28.31 ? 500 ATP A O1A   1 
HETATM 600 O  O2A   . ATP D 4 .  ? 4.028   5.378   8.035   1.00 23.90 ? 500 ATP A O2A   1 
HETATM 601 O  O3A   . ATP D 4 .  ? 6.022   5.845   9.548   1.00 37.93 ? 500 ATP A O3A   1 
HETATM 602 O  "O5'" . ATP D 4 .  ? 4.896   3.698   9.664   1.00 24.62 ? 500 ATP A "O5'" 1 
HETATM 603 C  "C5'" . ATP D 4 .  ? 5.568   3.246   10.869  1.00 25.27 ? 500 ATP A "C5'" 1 
HETATM 604 C  "C4'" . ATP D 4 .  ? 6.041   1.797   10.679  1.00 22.71 ? 500 ATP A "C4'" 1 
HETATM 605 O  "O4'" . ATP D 4 .  ? 4.926   0.897   10.720  1.00 22.06 ? 500 ATP A "O4'" 1 
HETATM 606 C  "C3'" . ATP D 4 .  ? 6.743   1.512   9.363   1.00 23.17 ? 500 ATP A "C3'" 1 
HETATM 607 O  "O3'" . ATP D 4 .  ? 7.670   0.416   9.554   1.00 24.62 ? 500 ATP A "O3'" 1 
HETATM 608 C  "C2'" . ATP D 4 .  ? 5.580   0.984   8.504   1.00 19.29 ? 500 ATP A "C2'" 1 
HETATM 609 O  "O2'" . ATP D 4 .  ? 5.956   0.188   7.402   1.00 21.55 ? 500 ATP A "O2'" 1 
HETATM 610 C  "C1'" . ATP D 4 .  ? 4.848   0.101   9.549   1.00 19.29 ? 500 ATP A "C1'" 1 
HETATM 611 N  N9    . ATP D 4 .  ? 3.403   -0.038  9.217   1.00 19.58 ? 500 ATP A N9    1 
HETATM 612 C  C8    . ATP D 4 .  ? 2.411   0.834   9.546   1.00 18.04 ? 500 ATP A C8    1 
HETATM 613 N  N7    . ATP D 4 .  ? 1.217   0.369   9.087   1.00 19.07 ? 500 ATP A N7    1 
HETATM 614 C  C5    . ATP D 4 .  ? 1.439   -0.805  8.472   1.00 18.83 ? 500 ATP A C5    1 
HETATM 615 C  C6    . ATP D 4 .  ? 0.612   -1.793  7.772   1.00 17.08 ? 500 ATP A C6    1 
HETATM 616 N  N6    . ATP D 4 .  ? -0.730  -1.588  7.638   1.00 16.88 ? 500 ATP A N6    1 
HETATM 617 N  N1    . ATP D 4 .  ? 1.232   -2.903  7.242   1.00 16.43 ? 500 ATP A N1    1 
HETATM 618 C  C2    . ATP D 4 .  ? 2.586   -3.081  7.383   1.00 15.84 ? 500 ATP A C2    1 
HETATM 619 N  N3    . ATP D 4 .  ? 3.400   -2.202  8.013   1.00 14.77 ? 500 ATP A N3    1 
HETATM 620 C  C4    . ATP D 4 .  ? 2.897   -1.070  8.564   1.00 17.30 ? 500 ATP A C4    1 
HETATM 621 O  OH2   . 1PE E 5 .  ? -3.927  6.662   -6.021  1.00 41.72 ? 400 1PE A OH2   1 
HETATM 622 C  C12   . 1PE E 5 .  ? -4.797  5.631   -6.504  1.00 35.53 ? 400 1PE A C12   1 
HETATM 623 C  C22   . 1PE E 5 .  ? -4.425  4.375   -5.714  1.00 28.86 ? 400 1PE A C22   1 
HETATM 624 O  OH3   . 1PE E 5 .  ? -4.882  4.607   -4.370  1.00 28.61 ? 400 1PE A OH3   1 
HETATM 625 C  C13   . 1PE E 5 .  ? -5.768  3.707   -2.290  1.00 27.77 ? 400 1PE A C13   1 
HETATM 626 C  C23   . 1PE E 5 .  ? -4.832  3.487   -3.493  1.00 28.00 ? 400 1PE A C23   1 
HETATM 627 O  OH4   . 1PE E 5 .  ? -7.109  3.687   -2.778  1.00 27.16 ? 400 1PE A OH4   1 
HETATM 628 C  C14   . 1PE E 5 .  ? -9.226  4.797   -2.687  1.00 40.04 ? 400 1PE A C14   1 
HETATM 629 C  C24   . 1PE E 5 .  ? -8.167  3.994   -1.879  1.00 34.91 ? 400 1PE A C24   1 
HETATM 630 O  OH5   . 1PE E 5 .  ? -9.404  6.161   -2.226  1.00 44.56 ? 400 1PE A OH5   1 
HETATM 631 C  C15   . 1PE E 5 .  ? -8.012  8.030   -2.861  1.00 41.33 ? 400 1PE A C15   1 
HETATM 632 C  C25   . 1PE E 5 .  ? -9.283  7.243   -3.181  1.00 41.75 ? 400 1PE A C25   1 
HETATM 633 O  OH6   . 1PE E 5 .  ? -6.863  7.298   -3.310  1.00 39.03 ? 400 1PE A OH6   1 
HETATM 634 C  C16   . 1PE E 5 .  ? -5.427  9.059   -2.400  1.00 39.42 ? 400 1PE A C16   1 
HETATM 635 C  C26   . 1PE E 5 .  ? -5.559  7.611   -2.801  1.00 37.59 ? 400 1PE A C26   1 
HETATM 636 O  OH7   . 1PE E 5 .  ? -5.187  9.830   -3.558  1.00 44.17 ? 400 1PE A OH7   1 
HETATM 637 O  O     . HOH F 6 .  ? 4.107   -8.994  10.588  1.00 16.13 ? 501 HOH A O     1 
HETATM 638 O  O     . HOH F 6 .  ? -3.932  -3.773  -1.841  1.00 18.96 ? 502 HOH A O     1 
HETATM 639 O  O     . HOH F 6 .  ? 3.445   -2.318  0.017   1.00 20.03 ? 503 HOH A O     1 
HETATM 640 O  O     . HOH F 6 .  ? -6.454  3.794   7.071   1.00 18.41 ? 504 HOH A O     1 
HETATM 641 O  O     . HOH F 6 .  ? 1.957   -10.702 11.096  1.00 17.86 ? 505 HOH A O     1 
HETATM 642 O  O     . HOH F 6 .  ? 3.235   -1.150  -3.027  1.00 20.32 ? 506 HOH A O     1 
HETATM 643 O  O     . HOH F 6 .  ? -0.555  -15.934 5.680   1.00 19.64 ? 507 HOH A O     1 
HETATM 644 O  O     . HOH F 6 .  ? -0.842  -10.279 11.409  1.00 17.13 ? 508 HOH A O     1 
HETATM 645 O  O     . HOH F 6 .  ? -3.253  4.558   7.809   1.00 22.54 ? 509 HOH A O     1 
HETATM 646 O  O     . HOH F 6 .  ? -1.542  0.815   9.211   1.00 23.25 ? 510 HOH A O     1 
HETATM 647 O  O     . HOH F 6 .  ? 3.956   2.712   -18.286 1.00 23.96 ? 511 HOH A O     1 
HETATM 648 O  O     . HOH F 6 .  ? 2.082   -15.494 6.782   1.00 20.96 ? 512 HOH A O     1 
HETATM 649 O  O     . HOH F 6 .  ? 6.017   -15.060 10.649  1.00 22.78 ? 513 HOH A O     1 
HETATM 650 O  O     . HOH F 6 .  ? 4.078   -5.896  -3.347  1.00 23.57 ? 514 HOH A O     1 
HETATM 651 O  O     . HOH F 6 .  ? -5.577  -9.574  17.122  1.00 24.86 ? 515 HOH A O     1 
HETATM 652 O  O     . HOH F 6 .  ? 8.218   -10.431 19.223  1.00 22.50 ? 516 HOH A O     1 
HETATM 653 O  O     . HOH F 6 .  ? -0.525  -3.313  -3.779  1.00 21.74 ? 517 HOH A O     1 
HETATM 654 O  O     . HOH F 6 .  ? -7.939  -4.176  14.162  1.00 21.39 ? 518 HOH A O     1 
HETATM 655 O  O     . HOH F 6 .  ? -7.401  0.627   -6.879  1.00 24.76 ? 519 HOH A O     1 
HETATM 656 O  O     . HOH F 6 .  ? -6.695  -6.698  14.296  1.00 22.03 ? 520 HOH A O     1 
HETATM 657 O  O     . HOH F 6 .  ? -1.946  9.732   -8.773  1.00 28.10 ? 521 HOH A O     1 
HETATM 658 O  O     . HOH F 6 .  ? 8.845   -9.992  15.381  1.00 29.99 ? 522 HOH A O     1 
HETATM 659 O  O     . HOH F 6 .  ? 9.459   -12.678 14.014  1.00 26.25 ? 523 HOH A O     1 
HETATM 660 O  O     . HOH F 6 .  ? -0.685  -9.140  22.804  1.00 26.83 ? 524 HOH A O     1 
HETATM 661 O  O     . HOH F 6 .  ? -8.160  -6.914  -2.288  1.00 27.94 ? 525 HOH A O     1 
HETATM 662 O  O     . HOH F 6 .  ? 1.011   9.187   -24.627 1.00 27.66 ? 526 HOH A O     1 
HETATM 663 O  O     . HOH F 6 .  ? 4.452   -6.178  18.910  1.00 28.77 ? 527 HOH A O     1 
HETATM 664 O  O     . HOH F 6 .  ? -6.054  -5.376  -3.223  1.00 24.16 ? 528 HOH A O     1 
HETATM 665 O  O     . HOH F 6 .  ? -0.117  -5.618  -13.239 0.50 19.67 ? 529 HOH A O     1 
HETATM 666 O  O     . HOH F 6 .  ? -4.553  11.764  -12.694 1.00 33.31 ? 530 HOH A O     1 
HETATM 667 O  O     . HOH F 6 .  ? -5.817  -6.082  16.896  1.00 33.06 ? 531 HOH A O     1 
HETATM 668 O  O     . HOH F 6 .  ? -0.871  12.066  -11.328 1.00 31.47 ? 532 HOH A O     1 
HETATM 669 O  O     . HOH F 6 .  ? -10.959 -6.909  8.520   1.00 28.77 ? 533 HOH A O     1 
HETATM 670 O  O     . HOH F 6 .  ? 2.226   -14.121 4.312   1.00 31.09 ? 534 HOH A O     1 
HETATM 671 O  O     . HOH F 6 .  ? 9.366   -0.179  7.509   1.00 29.92 ? 535 HOH A O     1 
HETATM 672 O  O     . HOH F 6 .  ? -0.770  5.411   8.751   1.00 28.27 ? 536 HOH A O     1 
HETATM 673 O  O     . HOH F 6 .  ? -8.910  -7.502  6.836   1.00 26.71 ? 537 HOH A O     1 
HETATM 674 O  O     . HOH F 6 .  ? -2.562  0.898   14.110  1.00 35.72 ? 538 HOH A O     1 
HETATM 675 O  O     . HOH F 6 .  ? 5.030   -6.466  15.865  1.00 30.53 ? 539 HOH A O     1 
HETATM 676 O  O     . HOH F 6 .  ? 9.998   0.792   3.061   1.00 30.70 ? 540 HOH A O     1 
HETATM 677 O  O     . HOH F 6 .  ? -8.944  -10.173 5.581   1.00 25.05 ? 541 HOH A O     1 
HETATM 678 O  O     . HOH F 6 .  ? 1.577   7.372   9.957   1.00 38.17 ? 542 HOH A O     1 
HETATM 679 O  O     . HOH F 6 .  ? 5.980   -10.672 1.898   1.00 36.47 ? 543 HOH A O     1 
HETATM 680 O  O     . HOH F 6 .  ? 3.413   15.509  -16.264 1.00 34.40 ? 544 HOH A O     1 
HETATM 681 O  O     . HOH F 6 .  ? -6.108  1.232   -13.309 1.00 32.46 ? 545 HOH A O     1 
HETATM 682 O  O     . HOH F 6 .  ? -0.727  -10.840 -0.994  1.00 31.84 ? 546 HOH A O     1 
HETATM 683 O  O     . HOH F 6 .  ? -12.035 -6.715  0.148   1.00 37.34 ? 547 HOH A O     1 
HETATM 684 O  O     . HOH F 6 .  ? 8.398   -2.715  12.734  1.00 35.98 ? 548 HOH A O     1 
HETATM 685 O  O     . HOH F 6 .  ? 1.823   3.388   11.728  1.00 35.49 ? 549 HOH A O     1 
HETATM 686 O  O     . HOH F 6 .  ? 9.490   11.466  -5.654  0.50 25.20 ? 550 HOH A O     1 
HETATM 687 O  O     . HOH F 6 .  ? 0.451   -9.487  -2.549  1.00 38.34 ? 551 HOH A O     1 
HETATM 688 O  O     . HOH F 6 .  ? -11.186 -9.440  3.833   1.00 35.07 ? 552 HOH A O     1 
HETATM 689 O  O     . HOH F 6 .  ? 8.220   11.606  2.316   1.00 45.96 ? 553 HOH A O     1 
HETATM 690 O  O     . HOH F 6 .  ? -2.866  -3.675  18.059  1.00 39.35 ? 554 HOH A O     1 
HETATM 691 O  O     . HOH F 6 .  ? -8.326  7.335   -6.342  1.00 38.19 ? 555 HOH A O     1 
HETATM 692 O  O     . HOH F 6 .  ? -1.904  11.577  5.534   1.00 35.23 ? 556 HOH A O     1 
HETATM 693 O  O     . HOH F 6 .  ? 8.046   -7.113  5.368   1.00 32.04 ? 557 HOH A O     1 
HETATM 694 O  O     . HOH F 6 .  ? -0.658  3.888   11.194  1.00 45.12 ? 558 HOH A O     1 
HETATM 695 O  O     . HOH F 6 .  ? 10.883  -9.354  7.077   1.00 38.14 ? 559 HOH A O     1 
HETATM 696 O  O     . HOH F 6 .  ? 6.182   -15.249 3.814   1.00 46.15 ? 560 HOH A O     1 
HETATM 697 O  O     . HOH F 6 .  ? 10.067  -5.875  9.154   1.00 44.33 ? 561 HOH A O     1 
HETATM 698 O  O     . HOH F 6 .  ? 11.507  17.140  -14.459 1.00 39.02 ? 562 HOH A O     1 
HETATM 699 O  O     . HOH F 6 .  ? 4.007   -15.205 2.476   1.00 49.80 ? 563 HOH A O     1 
HETATM 700 O  O     . HOH F 6 .  ? 3.972   -17.505 7.044   1.00 40.28 ? 564 HOH A O     1 
HETATM 701 O  O     . HOH F 6 .  ? 11.687  -8.888  10.653  1.00 43.26 ? 565 HOH A O     1 
HETATM 702 O  O     . HOH F 6 .  ? 3.290   -12.375 1.556   1.00 45.61 ? 566 HOH A O     1 
HETATM 703 O  O     . HOH F 6 .  ? 10.834  -8.196  16.543  1.00 55.57 ? 567 HOH A O     1 
HETATM 704 O  O     . HOH F 6 .  ? 6.125   -6.986  20.820  1.00 40.63 ? 568 HOH A O     1 
HETATM 705 O  O     . HOH F 6 .  ? 11.225  -11.574 10.676  1.00 41.40 ? 569 HOH A O     1 
HETATM 706 O  O     . HOH F 6 .  ? 6.015   16.095  -8.472  1.00 44.04 ? 570 HOH A O     1 
HETATM 707 O  O     . HOH F 6 .  ? 8.801   4.195   8.660   1.00 43.12 ? 571 HOH A O     1 
HETATM 708 O  O     . HOH F 6 .  ? 3.404   15.784  -13.203 1.00 27.39 ? 572 HOH A O     1 
HETATM 709 O  O     . HOH F 6 .  ? 1.005   14.938  -20.101 1.00 41.41 ? 573 HOH A O     1 
HETATM 710 O  O     . HOH F 6 .  ? 5.168   -0.393  13.338  1.00 45.98 ? 574 HOH A O     1 
HETATM 711 O  O     . HOH F 6 .  ? -9.191  0.329   -9.106  1.00 40.22 ? 575 HOH A O     1 
HETATM 712 O  O     . HOH F 6 .  ? 10.001  18.000  -16.992 1.00 46.74 ? 576 HOH A O     1 
HETATM 713 O  O     . HOH F 6 .  ? 1.899   -11.459 -1.078  1.00 49.88 ? 577 HOH A O     1 
HETATM 714 O  O     . HOH F 6 .  ? -1.902  9.321   -21.410 1.00 41.97 ? 578 HOH A O     1 
HETATM 715 O  O     . HOH F 6 .  ? 6.630   -15.680 8.007   1.00 42.41 ? 579 HOH A O     1 
HETATM 716 O  O     . HOH F 6 .  ? 9.382   -14.687 10.373  1.00 44.09 ? 580 HOH A O     1 
HETATM 717 O  O     . HOH F 6 .  ? 10.181  -3.389  10.478  1.00 45.64 ? 581 HOH A O     1 
HETATM 718 O  O     . HOH F 6 .  ? 7.593   -8.232  -5.313  1.00 47.16 ? 582 HOH A O     1 
HETATM 719 O  O     . HOH F 6 .  ? 4.920   -7.334  -9.092  1.00 45.20 ? 583 HOH A O     1 
HETATM 720 O  O     . HOH F 6 .  ? 6.101   -6.903  -6.947  1.00 45.70 ? 584 HOH A O     1 
HETATM 721 O  O     . HOH F 6 .  ? 1.634   -6.204  21.979  1.00 47.41 ? 585 HOH A O     1 
HETATM 722 O  O     . HOH F 6 .  ? 1.705   11.394  6.867   1.00 52.56 ? 586 HOH A O     1 
HETATM 723 O  O     . HOH F 6 .  ? 1.869   -8.283  -9.910  1.00 59.53 ? 587 HOH A O     1 
HETATM 724 O  O     . HOH F 6 .  ? -5.640  11.901  -20.337 1.00 55.55 ? 588 HOH A O     1 
HETATM 725 O  O     . HOH F 6 .  ? -8.443  -10.367 -2.967  1.00 46.95 ? 589 HOH A O     1 
HETATM 726 O  O     . HOH F 6 .  ? -10.927 -8.631  -1.103  1.00 54.98 ? 590 HOH A O     1 
HETATM 727 O  O     . HOH F 6 .  ? -1.156  10.902  8.035   1.00 48.23 ? 591 HOH A O     1 
HETATM 728 O  O     . HOH F 6 .  ? 9.685   14.129  -5.845  1.00 43.79 ? 592 HOH A O     1 
HETATM 729 O  O     . HOH F 6 .  ? 4.230   -7.586  -2.063  1.00 44.39 ? 593 HOH A O     1 
HETATM 730 O  O     . HOH F 6 .  ? 3.458   15.167  -21.843 1.00 44.92 ? 594 HOH A O     1 
HETATM 731 O  O     . HOH F 6 .  ? -2.927  -12.661 -2.615  1.00 52.46 ? 595 HOH A O     1 
HETATM 732 O  O     . HOH F 6 .  ? 6.483   16.769  -17.544 1.00 42.72 ? 596 HOH A O     1 
HETATM 733 O  O     . HOH F 6 .  ? -7.707  11.298  -11.578 1.00 50.49 ? 597 HOH A O     1 
HETATM 734 O  O     . HOH F 6 .  ? 4.912   -3.436  19.142  1.00 47.40 ? 598 HOH A O     1 
HETATM 735 O  O     . HOH F 6 .  ? 3.111   -8.888  22.159  1.00 47.61 ? 599 HOH A O     1 
HETATM 736 O  O     . HOH F 6 .  ? -5.172  1.886   15.111  1.00 51.23 ? 600 HOH A O     1 
HETATM 737 O  O     . HOH F 6 .  ? -4.387  14.464  -15.255 1.00 53.66 ? 601 HOH A O     1 
HETATM 738 O  O     . HOH F 6 .  ? 0.494   12.994  -22.698 1.00 50.88 ? 602 HOH A O     1 
HETATM 739 O  O     . HOH F 6 .  ? -7.322  -0.811  -11.455 1.00 33.83 ? 603 HOH A O     1 
HETATM 740 O  O     . HOH F 6 .  ? -7.662  3.253   -5.697  1.00 31.43 ? 604 HOH A O     1 
HETATM 741 O  O     . HOH F 6 .  ? -7.839  -10.274 14.509  1.00 50.99 ? 605 HOH A O     1 
HETATM 742 O  O     . HOH F 6 .  ? -8.070  -10.481 16.788  1.00 44.25 ? 606 HOH A O     1 
HETATM 743 O  O     . HOH F 6 .  ? -7.494  -11.315 18.961  1.00 42.58 ? 607 HOH A O     1 
HETATM 744 O  O     . HOH F 6 .  ? -3.089  8.868   -6.107  1.00 47.75 ? 608 HOH A O     1 
HETATM 745 O  O     . HOH F 6 .  ? -7.324  5.440   -4.799  1.00 29.74 ? 609 HOH A O     1 
HETATM 746 O  O     . HOH F 6 .  ? -7.178  11.139  -4.742  1.00 50.32 ? 610 HOH A O     1 
# 
